data_1HGI
#
_entry.id   1HGI
#
_cell.length_a   162.700
_cell.length_b   162.700
_cell.length_c   178.200
_cell.angle_alpha   90.00
_cell.angle_beta   90.00
_cell.angle_gamma   90.00
#
_symmetry.space_group_name_H-M   'P 41'
#
loop_
_entity.id
_entity.type
_entity.pdbx_description
1 polymer 'HEMAGGLUTININ, CHAIN HA1'
2 polymer 'HEMAGGLUTININ, CHAIN HA1'
3 branched beta-D-mannopyranose-(1-4)-2-acetamido-2-deoxy-beta-D-glucopyranose-(1-4)-2-acetamido-2-deoxy-beta-D-glucopyranose
4 non-polymer 2-acetamido-2-deoxy-beta-D-glucopyranose
5 non-polymer 'methyl 4-O-acetyl-5-acetamido-3,5-dideoxy-D-glycero-alpha-D-galacto-non-2-ulopyranosidonic acid'
6 water water
#
loop_
_entity_poly.entity_id
_entity_poly.type
_entity_poly.pdbx_seq_one_letter_code
_entity_poly.pdbx_strand_id
1 'polypeptide(L)'
;QDLPGNDNSTATLCLGHHAVPNGTLVKTITDDQIEVTNATELVQSSSTGKICNNPHRILDGIDCTLIDALLGDPHCDVFQ
NETWDLFVERSKAFSNCYPYDVPDYASLRSLVASSGTLEFITEGFTWTGVTQNGGSNACKRGPGSGFFSRLNWLTKSGST
YPVLNVTMPNNDNFDKLYIWGIHHPSTNQEQTSLYVQASGRVTVSTRRSQQTIIPNIGSRPWVRGLSSRISIYWTIVKPG
DVLVINSNGNLIAPRGYFKMRTGKSSIMRSDAPIDTCISECITPNGSIPNDKPFQNVNKITYGACPKYVKQNTLKLATGM
RNVPEKQT
;
A,C,E
2 'polypeptide(L)'
;GLFGAIAGFIENGWEGMIDGWYGFRHQNSEGTGQAADLKSTQAAIDQINGKLNRVIEKTNEKFHQIEKEFSEVEGRIQDL
EKYVEDTKIDLWSYNAELLVALENQHTIDLTDSEMNKLFEKTRRQLRENAEEMGNGCFKIYHKCDNACIESIRNGTYDHD
VYRDEALNNRFQIKG
;
B,D,F
#
loop_
_chem_comp.id
_chem_comp.type
_chem_comp.name
_chem_comp.formula
ANA D-saccharide 'methyl 4-O-acetyl-5-acetamido-3,5-dideoxy-D-glycero-alpha-D-galacto-non-2-ulopyranosidonic acid' 'C14 H23 N O10'
BMA D-saccharide, beta linking beta-D-mannopyranose 'C6 H12 O6'
NAG D-saccharide, beta linking 2-acetamido-2-deoxy-beta-D-glucopyranose 'C8 H15 N O6'
#
# COMPACT_ATOMS: atom_id res chain seq x y z
N GLN A 1 -74.03 5.27 -3.54
CA GLN A 1 -72.86 4.45 -3.27
C GLN A 1 -73.72 3.20 -3.06
N ASP A 2 -73.64 2.52 -1.91
CA ASP A 2 -74.60 1.50 -1.51
C ASP A 2 -75.84 2.29 -1.00
N LEU A 3 -76.42 1.96 0.15
CA LEU A 3 -77.45 2.74 0.79
C LEU A 3 -76.84 2.91 2.20
N PRO A 4 -77.50 2.85 3.37
CA PRO A 4 -76.76 2.96 4.64
C PRO A 4 -75.80 1.79 4.89
N GLY A 5 -74.58 1.91 4.36
CA GLY A 5 -73.50 0.96 4.62
C GLY A 5 -73.21 1.08 6.10
N ASN A 6 -73.87 0.20 6.84
CA ASN A 6 -73.87 0.23 8.29
C ASN A 6 -72.86 -0.68 9.01
N ASP A 7 -72.24 -1.66 8.32
CA ASP A 7 -71.43 -2.62 9.03
C ASP A 7 -70.16 -2.02 9.59
N ASN A 8 -70.30 -1.66 10.84
CA ASN A 8 -69.25 -0.97 11.55
C ASN A 8 -68.19 -1.90 12.14
N SER A 9 -67.44 -2.73 11.37
CA SER A 9 -66.35 -3.41 12.06
C SER A 9 -65.04 -2.83 11.59
N THR A 10 -63.92 -3.27 12.19
CA THR A 10 -62.61 -2.78 11.85
C THR A 10 -61.70 -3.98 11.55
N ALA A 11 -60.49 -3.77 11.05
CA ALA A 11 -59.57 -4.88 10.79
C ALA A 11 -58.21 -4.44 11.29
N THR A 12 -57.25 -5.35 11.44
CA THR A 12 -55.90 -5.00 11.82
C THR A 12 -54.95 -5.58 10.81
N LEU A 13 -53.98 -4.81 10.33
CA LEU A 13 -52.99 -5.32 9.39
C LEU A 13 -51.63 -5.01 10.00
N CYS A 14 -50.68 -5.93 10.06
CA CYS A 14 -49.40 -5.63 10.68
C CYS A 14 -48.30 -6.00 9.75
N LEU A 15 -47.35 -5.10 9.58
CA LEU A 15 -46.25 -5.36 8.71
C LEU A 15 -45.13 -5.88 9.57
N GLY A 16 -44.25 -6.70 9.03
CA GLY A 16 -43.17 -7.25 9.80
C GLY A 16 -42.14 -7.84 8.86
N HIS A 17 -41.16 -8.51 9.41
CA HIS A 17 -40.05 -9.08 8.66
C HIS A 17 -39.65 -10.42 9.27
N HIS A 18 -38.93 -11.30 8.58
CA HIS A 18 -38.55 -12.57 9.15
C HIS A 18 -37.51 -12.48 10.26
N ALA A 19 -37.14 -13.59 10.83
CA ALA A 19 -36.13 -13.70 11.86
C ALA A 19 -35.76 -15.17 11.86
N VAL A 20 -34.58 -15.58 12.25
CA VAL A 20 -34.23 -16.98 12.22
C VAL A 20 -33.83 -17.34 13.63
N PRO A 21 -33.92 -18.60 14.06
CA PRO A 21 -33.55 -18.99 15.41
C PRO A 21 -32.05 -18.93 15.60
N ASN A 22 -31.33 -19.29 14.54
CA ASN A 22 -29.87 -19.35 14.52
C ASN A 22 -29.31 -17.96 14.21
N GLY A 23 -28.74 -17.57 13.07
CA GLY A 23 -28.30 -16.17 12.98
C GLY A 23 -26.81 -16.03 13.25
N THR A 24 -26.11 -15.09 12.62
CA THR A 24 -24.65 -15.03 12.65
C THR A 24 -24.16 -13.68 13.10
N LEU A 25 -23.05 -13.64 13.82
CA LEU A 25 -22.55 -12.36 14.30
C LEU A 25 -21.62 -11.74 13.27
N VAL A 26 -21.82 -10.47 12.89
CA VAL A 26 -20.94 -9.79 11.96
C VAL A 26 -20.44 -8.46 12.55
N LYS A 27 -19.32 -7.93 12.04
CA LYS A 27 -18.76 -6.66 12.49
C LYS A 27 -19.39 -5.51 11.70
N THR A 28 -19.37 -4.31 12.19
CA THR A 28 -20.04 -3.16 11.63
C THR A 28 -19.14 -1.96 11.85
N ILE A 29 -19.57 -0.76 11.43
CA ILE A 29 -18.83 0.46 11.69
C ILE A 29 -19.06 0.71 13.17
N THR A 30 -20.30 0.65 13.68
CA THR A 30 -20.56 0.95 15.08
C THR A 30 -20.50 -0.19 16.05
N ASP A 31 -20.63 -1.45 15.65
CA ASP A 31 -20.61 -2.60 16.57
C ASP A 31 -19.62 -3.58 16.03
N ASP A 32 -19.15 -4.53 16.81
CA ASP A 32 -18.26 -5.56 16.28
C ASP A 32 -18.84 -6.96 16.50
N GLN A 33 -19.97 -7.05 17.16
CA GLN A 33 -20.74 -8.25 17.08
C GLN A 33 -22.17 -7.80 16.96
N ILE A 34 -22.81 -7.98 15.82
CA ILE A 34 -24.21 -7.70 15.74
C ILE A 34 -24.76 -8.91 15.00
N GLU A 35 -25.94 -9.44 15.39
CA GLU A 35 -26.42 -10.67 14.81
C GLU A 35 -27.29 -10.38 13.61
N VAL A 36 -26.97 -10.99 12.47
CA VAL A 36 -27.75 -10.88 11.28
C VAL A 36 -28.37 -12.23 10.96
N THR A 37 -29.40 -12.24 10.14
CA THR A 37 -30.05 -13.42 9.61
C THR A 37 -29.10 -14.32 8.90
N ASN A 38 -28.13 -13.82 8.16
CA ASN A 38 -27.29 -14.68 7.35
C ASN A 38 -25.98 -13.97 6.94
N ALA A 39 -24.90 -14.67 6.72
CA ALA A 39 -23.67 -14.03 6.34
C ALA A 39 -22.91 -14.98 5.42
N THR A 40 -21.83 -14.55 4.78
CA THR A 40 -21.03 -15.41 3.92
C THR A 40 -19.57 -15.12 4.19
N GLU A 41 -18.71 -16.10 4.14
CA GLU A 41 -17.32 -15.95 4.55
C GLU A 41 -16.47 -15.45 3.42
N LEU A 42 -15.61 -14.48 3.66
CA LEU A 42 -14.81 -13.97 2.57
C LEU A 42 -13.34 -14.37 2.68
N VAL A 43 -12.89 -15.01 3.77
CA VAL A 43 -11.50 -15.43 3.85
C VAL A 43 -11.40 -16.93 3.59
N GLN A 44 -10.77 -17.37 2.50
CA GLN A 44 -10.51 -18.76 2.24
C GLN A 44 -9.43 -19.23 3.19
N SER A 45 -9.64 -20.21 4.04
CA SER A 45 -8.60 -20.58 4.97
C SER A 45 -8.15 -22.04 4.96
N SER A 46 -8.44 -22.83 3.94
CA SER A 46 -8.01 -24.19 3.95
C SER A 46 -7.57 -24.63 2.59
N SER A 47 -6.54 -25.44 2.53
CA SER A 47 -6.07 -25.93 1.27
C SER A 47 -6.57 -27.34 1.14
N THR A 48 -6.55 -27.84 -0.09
CA THR A 48 -6.86 -29.23 -0.35
C THR A 48 -5.65 -30.05 0.13
N GLY A 49 -4.46 -29.45 0.21
CA GLY A 49 -3.27 -30.16 0.60
C GLY A 49 -2.57 -30.73 -0.60
N LYS A 50 -3.06 -30.54 -1.80
CA LYS A 50 -2.45 -31.10 -2.98
C LYS A 50 -2.32 -30.07 -4.08
N ILE A 51 -1.25 -30.06 -4.84
CA ILE A 51 -1.08 -29.09 -5.92
C ILE A 51 -1.77 -29.68 -7.13
N CYS A 52 -2.89 -29.15 -7.58
CA CYS A 52 -3.52 -29.65 -8.77
C CYS A 52 -2.64 -29.42 -9.98
N ASN A 53 -2.50 -30.42 -10.83
CA ASN A 53 -1.62 -30.36 -11.97
C ASN A 53 -2.26 -29.75 -13.19
N ASN A 54 -3.29 -28.94 -12.98
CA ASN A 54 -4.02 -28.37 -14.09
C ASN A 54 -4.71 -27.13 -13.59
N PRO A 55 -4.85 -25.99 -14.26
CA PRO A 55 -4.38 -25.65 -15.59
C PRO A 55 -2.94 -25.33 -15.85
N HIS A 56 -2.09 -25.19 -14.85
CA HIS A 56 -0.73 -24.75 -15.17
C HIS A 56 0.17 -25.95 -15.32
N ARG A 57 1.34 -25.84 -15.95
CA ARG A 57 2.20 -26.96 -16.11
C ARG A 57 3.10 -27.12 -14.91
N ILE A 58 2.80 -27.96 -13.96
CA ILE A 58 3.64 -28.13 -12.79
C ILE A 58 4.80 -29.08 -13.12
N LEU A 59 6.08 -28.73 -12.92
CA LEU A 59 7.17 -29.68 -13.12
C LEU A 59 7.63 -30.13 -11.74
N ASP A 60 7.58 -31.41 -11.32
CA ASP A 60 7.99 -31.74 -9.97
C ASP A 60 9.48 -31.95 -10.01
N GLY A 61 10.23 -31.26 -9.18
CA GLY A 61 11.65 -31.36 -9.23
C GLY A 61 12.16 -32.66 -8.66
N ILE A 62 11.34 -33.43 -7.99
CA ILE A 62 11.70 -34.66 -7.29
C ILE A 62 12.94 -34.36 -6.44
N ASP A 63 14.11 -34.96 -6.64
CA ASP A 63 15.23 -34.65 -5.77
C ASP A 63 16.28 -33.77 -6.44
N CYS A 64 15.80 -32.92 -7.35
CA CYS A 64 16.61 -31.92 -8.01
C CYS A 64 16.14 -30.51 -7.72
N THR A 65 17.06 -29.61 -7.40
CA THR A 65 16.74 -28.22 -7.31
C THR A 65 16.83 -27.75 -8.74
N LEU A 66 16.20 -26.64 -9.09
CA LEU A 66 16.32 -26.11 -10.45
C LEU A 66 17.76 -25.87 -10.84
N ILE A 67 18.62 -25.28 -9.97
CA ILE A 67 20.00 -25.02 -10.40
C ILE A 67 20.76 -26.31 -10.76
N ASP A 68 20.60 -27.45 -10.03
CA ASP A 68 21.27 -28.67 -10.41
C ASP A 68 20.71 -29.19 -11.71
N ALA A 69 19.37 -29.10 -11.88
CA ALA A 69 18.76 -29.47 -13.14
C ALA A 69 19.31 -28.66 -14.30
N LEU A 70 19.59 -27.38 -14.08
CA LEU A 70 20.17 -26.51 -15.09
C LEU A 70 21.60 -26.93 -15.40
N LEU A 71 22.46 -27.01 -14.36
CA LEU A 71 23.87 -27.33 -14.55
C LEU A 71 24.06 -28.73 -15.16
N GLY A 72 23.26 -29.67 -14.74
CA GLY A 72 23.31 -31.00 -15.29
C GLY A 72 23.96 -31.98 -14.38
N ASP A 73 23.56 -31.94 -13.11
CA ASP A 73 23.99 -32.94 -12.14
C ASP A 73 23.55 -34.29 -12.74
N PRO A 74 24.35 -35.37 -12.83
CA PRO A 74 23.98 -36.63 -13.40
C PRO A 74 22.59 -37.07 -12.95
N HIS A 75 22.32 -37.00 -11.66
CA HIS A 75 21.04 -37.51 -11.18
C HIS A 75 19.88 -36.66 -11.63
N CYS A 76 20.11 -35.48 -12.18
CA CYS A 76 19.02 -34.64 -12.64
C CYS A 76 18.94 -34.65 -14.15
N ASP A 77 19.59 -35.59 -14.82
CA ASP A 77 19.56 -35.60 -16.29
C ASP A 77 18.17 -35.77 -16.87
N VAL A 78 17.24 -36.19 -16.03
CA VAL A 78 15.83 -36.31 -16.39
C VAL A 78 15.28 -35.00 -16.90
N PHE A 79 15.76 -33.87 -16.37
CA PHE A 79 15.15 -32.58 -16.66
C PHE A 79 15.67 -31.88 -17.89
N GLN A 80 16.50 -32.49 -18.74
CA GLN A 80 17.08 -31.74 -19.86
C GLN A 80 16.02 -31.24 -20.80
N ASN A 81 16.13 -30.00 -21.26
CA ASN A 81 15.18 -29.42 -22.20
C ASN A 81 13.76 -29.39 -21.69
N GLU A 82 13.56 -29.51 -20.38
CA GLU A 82 12.22 -29.52 -19.83
C GLU A 82 11.62 -28.13 -19.68
N THR A 83 10.35 -27.96 -19.38
CA THR A 83 9.69 -26.66 -19.32
C THR A 83 8.65 -26.64 -18.23
N TRP A 84 8.17 -25.52 -17.76
CA TRP A 84 7.25 -25.50 -16.65
C TRP A 84 6.51 -24.20 -16.56
N ASP A 85 5.32 -24.21 -15.99
CA ASP A 85 4.70 -22.97 -15.59
C ASP A 85 5.15 -22.75 -14.16
N LEU A 86 5.34 -23.82 -13.40
CA LEU A 86 5.74 -23.73 -12.02
C LEU A 86 6.67 -24.87 -11.78
N PHE A 87 7.87 -24.60 -11.32
CA PHE A 87 8.79 -25.67 -10.97
C PHE A 87 8.66 -25.84 -9.47
N VAL A 88 8.28 -27.01 -8.96
CA VAL A 88 8.17 -27.21 -7.53
C VAL A 88 9.47 -27.77 -7.04
N GLU A 89 10.16 -27.15 -6.09
CA GLU A 89 11.40 -27.65 -5.52
C GLU A 89 11.07 -28.31 -4.22
N ARG A 90 11.64 -29.50 -4.00
CA ARG A 90 11.28 -30.28 -2.81
C ARG A 90 12.31 -30.18 -1.71
N SER A 91 11.90 -30.27 -0.45
CA SER A 91 12.83 -30.10 0.64
C SER A 91 13.93 -31.16 0.67
N LYS A 92 13.66 -32.27 0.01
CA LYS A 92 14.51 -33.43 -0.03
C LYS A 92 15.54 -33.40 -1.12
N ALA A 93 15.53 -32.39 -1.99
CA ALA A 93 16.42 -32.38 -3.12
C ALA A 93 17.86 -32.36 -2.67
N PHE A 94 18.76 -32.88 -3.47
CA PHE A 94 20.12 -32.93 -3.04
C PHE A 94 21.02 -32.80 -4.22
N SER A 95 22.20 -32.24 -4.02
CA SER A 95 23.18 -32.18 -5.08
C SER A 95 24.08 -33.38 -4.88
N ASN A 96 24.60 -33.90 -5.95
CA ASN A 96 25.44 -35.04 -5.87
C ASN A 96 26.44 -35.06 -7.02
N CYS A 97 27.20 -33.99 -7.21
CA CYS A 97 28.21 -33.92 -8.24
C CYS A 97 29.32 -33.04 -7.67
N TYR A 98 30.23 -32.49 -8.47
CA TYR A 98 31.32 -31.64 -8.00
C TYR A 98 30.82 -30.51 -7.11
N PRO A 99 31.42 -30.19 -5.95
CA PRO A 99 30.97 -29.09 -5.10
C PRO A 99 31.12 -27.74 -5.78
N TYR A 100 30.07 -26.95 -5.79
CA TYR A 100 30.07 -25.67 -6.46
C TYR A 100 29.40 -24.64 -5.58
N ASP A 101 29.54 -23.37 -5.90
CA ASP A 101 28.76 -22.34 -5.25
C ASP A 101 28.42 -21.37 -6.36
N VAL A 102 27.31 -20.65 -6.22
CA VAL A 102 26.92 -19.71 -7.25
C VAL A 102 26.88 -18.35 -6.57
N PRO A 103 27.81 -17.43 -6.83
CA PRO A 103 27.86 -16.11 -6.26
C PRO A 103 26.52 -15.43 -6.15
N ASP A 104 25.65 -15.35 -7.14
CA ASP A 104 24.36 -14.77 -6.83
C ASP A 104 23.30 -15.78 -7.12
N TYR A 105 23.37 -16.89 -6.37
CA TYR A 105 22.47 -18.01 -6.55
C TYR A 105 21.03 -17.56 -6.71
N ALA A 106 20.61 -16.61 -5.87
CA ALA A 106 19.26 -16.12 -5.92
C ALA A 106 18.89 -15.49 -7.24
N SER A 107 19.75 -14.70 -7.86
CA SER A 107 19.38 -14.18 -9.14
C SER A 107 19.35 -15.25 -10.18
N LEU A 108 20.31 -16.18 -10.24
CA LEU A 108 20.33 -17.19 -11.29
C LEU A 108 19.09 -18.06 -11.17
N ARG A 109 18.74 -18.48 -9.95
CA ARG A 109 17.53 -19.24 -9.75
C ARG A 109 16.30 -18.45 -10.22
N SER A 110 16.23 -17.13 -10.04
CA SER A 110 15.05 -16.35 -10.41
C SER A 110 14.90 -16.25 -11.91
N LEU A 111 16.04 -15.87 -12.46
CA LEU A 111 16.27 -15.63 -13.86
C LEU A 111 15.88 -16.86 -14.67
N VAL A 112 16.36 -18.07 -14.32
CA VAL A 112 15.94 -19.29 -14.99
C VAL A 112 14.45 -19.58 -14.66
N ALA A 113 14.06 -19.49 -13.39
CA ALA A 113 12.72 -19.83 -12.99
C ALA A 113 11.63 -19.13 -13.78
N SER A 114 11.80 -17.88 -14.15
CA SER A 114 10.70 -17.26 -14.85
C SER A 114 10.83 -17.37 -16.35
N SER A 115 12.01 -17.78 -16.82
CA SER A 115 12.24 -18.04 -18.22
C SER A 115 11.44 -19.27 -18.52
N GLY A 116 11.50 -20.27 -17.64
CA GLY A 116 10.63 -21.42 -17.77
C GLY A 116 11.05 -22.49 -18.77
N THR A 117 12.29 -22.51 -19.23
CA THR A 117 12.69 -23.54 -20.13
C THR A 117 14.13 -23.88 -19.84
N LEU A 118 14.48 -25.16 -20.01
CA LEU A 118 15.83 -25.61 -19.87
C LEU A 118 16.41 -26.05 -21.22
N GLU A 119 15.77 -25.58 -22.30
CA GLU A 119 16.17 -25.85 -23.66
C GLU A 119 17.60 -25.52 -23.90
N PHE A 120 18.41 -26.50 -24.27
CA PHE A 120 19.82 -26.25 -24.43
C PHE A 120 20.26 -26.54 -25.83
N ILE A 121 21.01 -25.63 -26.41
CA ILE A 121 21.53 -25.79 -27.75
C ILE A 121 23.02 -25.96 -27.62
N THR A 122 23.64 -27.00 -28.21
CA THR A 122 25.07 -27.18 -28.05
C THR A 122 25.75 -26.43 -29.16
N GLU A 123 26.82 -25.68 -28.86
CA GLU A 123 27.47 -24.93 -29.90
C GLU A 123 28.86 -25.46 -30.11
N GLY A 124 29.41 -25.17 -31.28
CA GLY A 124 30.69 -25.73 -31.64
C GLY A 124 31.87 -24.94 -31.12
N PHE A 125 32.10 -24.92 -29.81
CA PHE A 125 33.25 -24.17 -29.32
C PHE A 125 34.49 -24.97 -29.67
N THR A 126 35.53 -24.35 -30.22
CA THR A 126 36.71 -25.14 -30.45
C THR A 126 37.80 -24.77 -29.46
N TRP A 127 38.09 -25.69 -28.55
CA TRP A 127 39.09 -25.43 -27.56
C TRP A 127 40.41 -25.99 -28.07
N THR A 128 41.36 -25.21 -28.56
CA THR A 128 42.60 -25.85 -29.03
C THR A 128 43.72 -25.83 -28.02
N GLY A 129 44.26 -27.00 -27.77
CA GLY A 129 45.44 -27.05 -26.94
C GLY A 129 45.17 -27.37 -25.50
N VAL A 130 43.92 -27.72 -25.19
CA VAL A 130 43.56 -28.13 -23.84
C VAL A 130 42.88 -29.47 -23.93
N THR A 131 42.90 -30.22 -22.85
CA THR A 131 42.20 -31.49 -22.77
C THR A 131 40.75 -31.17 -22.36
N GLN A 132 39.78 -31.67 -23.12
CA GLN A 132 38.37 -31.43 -22.83
C GLN A 132 37.73 -32.50 -21.98
N ASN A 133 36.48 -32.28 -21.61
CA ASN A 133 35.63 -33.26 -20.95
C ASN A 133 36.13 -33.81 -19.65
N GLY A 134 36.89 -33.02 -18.88
CA GLY A 134 37.37 -33.46 -17.57
C GLY A 134 36.18 -33.85 -16.67
N GLY A 135 36.40 -34.80 -15.76
CA GLY A 135 35.36 -35.24 -14.88
C GLY A 135 35.96 -35.51 -13.53
N SER A 136 35.14 -35.99 -12.63
CA SER A 136 35.53 -36.22 -11.27
C SER A 136 34.73 -37.37 -10.77
N ASN A 137 35.29 -38.01 -9.78
CA ASN A 137 34.60 -39.09 -9.16
C ASN A 137 33.52 -38.63 -8.22
N ALA A 138 33.49 -37.36 -7.80
CA ALA A 138 32.39 -36.87 -6.97
C ALA A 138 31.15 -36.69 -7.80
N CYS A 139 31.27 -36.75 -9.13
CA CYS A 139 30.15 -36.58 -10.04
C CYS A 139 30.14 -37.79 -10.93
N LYS A 140 29.84 -38.95 -10.34
CA LYS A 140 29.87 -40.23 -11.05
C LYS A 140 28.81 -40.25 -12.13
N ARG A 141 29.13 -40.56 -13.37
CA ARG A 141 28.06 -40.70 -14.33
C ARG A 141 28.23 -42.12 -14.77
N GLY A 142 27.29 -42.90 -14.31
CA GLY A 142 27.34 -44.34 -14.47
C GLY A 142 28.40 -44.90 -13.51
N PRO A 143 29.21 -45.85 -13.91
CA PRO A 143 30.25 -46.41 -13.07
C PRO A 143 31.46 -45.46 -12.97
N GLY A 144 31.61 -44.59 -14.00
CA GLY A 144 32.77 -43.74 -14.13
C GLY A 144 32.65 -42.36 -13.51
N SER A 145 33.70 -41.61 -13.74
CA SER A 145 33.77 -40.23 -13.33
C SER A 145 32.86 -39.43 -14.26
N GLY A 146 32.44 -38.23 -13.88
CA GLY A 146 31.62 -37.41 -14.76
C GLY A 146 31.69 -35.98 -14.28
N PHE A 147 30.78 -35.16 -14.78
CA PHE A 147 30.72 -33.76 -14.46
C PHE A 147 29.36 -33.28 -14.92
N PHE A 148 29.05 -32.02 -14.73
CA PHE A 148 27.79 -31.43 -15.16
C PHE A 148 27.63 -31.58 -16.67
N SER A 149 26.51 -32.12 -17.12
CA SER A 149 26.28 -32.33 -18.51
C SER A 149 26.39 -31.09 -19.37
N ARG A 150 26.04 -29.92 -18.82
CA ARG A 150 26.09 -28.72 -19.61
C ARG A 150 27.38 -27.90 -19.50
N LEU A 151 28.42 -28.38 -18.81
CA LEU A 151 29.67 -27.64 -18.59
C LEU A 151 30.87 -28.44 -19.12
N ASN A 152 32.00 -27.86 -19.54
CA ASN A 152 33.10 -28.63 -20.11
C ASN A 152 34.37 -28.24 -19.39
N TRP A 153 34.95 -29.15 -18.59
CA TRP A 153 36.12 -28.83 -17.76
C TRP A 153 37.35 -28.98 -18.60
N LEU A 154 38.14 -27.92 -18.73
CA LEU A 154 39.30 -27.96 -19.57
C LEU A 154 40.52 -27.99 -18.66
N THR A 155 41.44 -28.87 -19.04
CA THR A 155 42.72 -28.99 -18.36
C THR A 155 43.85 -28.91 -19.38
N LYS A 156 45.12 -28.88 -18.96
CA LYS A 156 46.25 -28.75 -19.88
C LYS A 156 46.32 -29.86 -20.90
N SER A 157 46.99 -29.62 -22.00
CA SER A 157 47.36 -30.72 -22.82
C SER A 157 48.88 -30.81 -22.83
N GLY A 158 49.36 -32.00 -22.42
CA GLY A 158 50.78 -32.27 -22.30
C GLY A 158 51.43 -31.39 -21.23
N SER A 159 52.05 -30.32 -21.67
CA SER A 159 52.79 -29.49 -20.76
C SER A 159 52.34 -28.04 -20.83
N THR A 160 51.17 -27.81 -21.40
CA THR A 160 50.77 -26.44 -21.63
C THR A 160 49.28 -26.25 -21.64
N TYR A 161 48.91 -25.09 -21.13
CA TYR A 161 47.53 -24.62 -21.23
C TYR A 161 47.76 -23.30 -21.93
N PRO A 162 47.26 -23.13 -23.16
CA PRO A 162 47.40 -21.92 -23.94
C PRO A 162 46.45 -20.84 -23.50
N VAL A 163 46.56 -19.63 -24.04
CA VAL A 163 45.57 -18.66 -23.70
C VAL A 163 44.43 -18.91 -24.65
N LEU A 164 43.33 -19.40 -24.12
CA LEU A 164 42.15 -19.62 -24.91
C LEU A 164 41.51 -18.27 -25.17
N ASN A 165 41.10 -18.03 -26.40
CA ASN A 165 40.45 -16.80 -26.76
C ASN A 165 39.42 -17.20 -27.80
N VAL A 166 38.18 -17.53 -27.46
CA VAL A 166 37.20 -17.96 -28.47
C VAL A 166 36.05 -16.99 -28.59
N THR A 167 35.20 -17.14 -29.61
CA THR A 167 34.10 -16.23 -29.78
C THR A 167 32.91 -16.95 -30.36
N MET A 168 31.71 -16.52 -29.99
CA MET A 168 30.49 -17.14 -30.44
C MET A 168 29.47 -16.02 -30.61
N PRO A 169 29.11 -15.68 -31.84
CA PRO A 169 28.17 -14.61 -32.17
C PRO A 169 26.73 -14.96 -31.92
N ASN A 170 25.97 -13.98 -31.45
CA ASN A 170 24.57 -14.24 -31.32
C ASN A 170 24.00 -13.75 -32.62
N ASN A 171 23.69 -14.67 -33.50
CA ASN A 171 23.16 -14.30 -34.78
C ASN A 171 21.68 -14.52 -34.92
N ASP A 172 21.08 -15.12 -33.89
CA ASP A 172 19.67 -15.41 -33.87
C ASP A 172 18.99 -14.18 -33.35
N ASN A 173 17.69 -14.24 -33.26
CA ASN A 173 16.89 -13.09 -32.88
C ASN A 173 16.41 -13.25 -31.45
N PHE A 174 17.11 -13.98 -30.59
CA PHE A 174 16.68 -14.13 -29.21
C PHE A 174 17.89 -14.01 -28.30
N ASP A 175 17.68 -13.85 -26.99
CA ASP A 175 18.77 -13.76 -26.06
C ASP A 175 19.28 -15.14 -25.71
N LYS A 176 20.58 -15.26 -25.49
CA LYS A 176 21.21 -16.52 -25.20
C LYS A 176 21.74 -16.45 -23.79
N LEU A 177 21.47 -17.42 -22.94
CA LEU A 177 21.99 -17.45 -21.57
C LEU A 177 23.15 -18.43 -21.56
N TYR A 178 24.37 -18.01 -21.25
CA TYR A 178 25.50 -18.90 -21.15
C TYR A 178 25.86 -19.11 -19.70
N ILE A 179 25.90 -20.32 -19.17
CA ILE A 179 26.32 -20.61 -17.80
C ILE A 179 27.78 -21.08 -17.90
N TRP A 180 28.74 -20.46 -17.26
CA TRP A 180 30.12 -20.94 -17.32
C TRP A 180 30.67 -20.96 -15.90
N GLY A 181 31.95 -21.23 -15.64
CA GLY A 181 32.39 -21.29 -14.26
C GLY A 181 33.89 -21.26 -14.15
N ILE A 182 34.42 -21.40 -12.94
CA ILE A 182 35.86 -21.34 -12.73
C ILE A 182 36.18 -22.36 -11.65
N HIS A 183 37.34 -23.03 -11.71
CA HIS A 183 37.70 -24.05 -10.73
C HIS A 183 38.66 -23.47 -9.73
N HIS A 184 38.41 -23.69 -8.44
CA HIS A 184 39.27 -23.17 -7.40
C HIS A 184 40.03 -24.33 -6.83
N PRO A 185 41.30 -24.52 -7.17
CA PRO A 185 42.12 -25.62 -6.68
C PRO A 185 42.35 -25.60 -5.17
N SER A 186 42.63 -26.76 -4.58
CA SER A 186 42.94 -26.75 -3.16
C SER A 186 44.37 -26.34 -2.90
N THR A 187 45.32 -26.74 -3.77
CA THR A 187 46.73 -26.50 -3.52
C THR A 187 47.39 -25.94 -4.75
N ASN A 188 48.49 -25.20 -4.60
CA ASN A 188 49.20 -24.64 -5.75
C ASN A 188 49.69 -25.75 -6.65
N GLN A 189 50.00 -26.88 -6.03
CA GLN A 189 50.41 -28.06 -6.77
C GLN A 189 49.26 -28.43 -7.67
N GLU A 190 48.04 -28.59 -7.12
CA GLU A 190 46.88 -28.93 -7.92
C GLU A 190 46.70 -27.96 -9.10
N GLN A 191 46.88 -26.66 -8.84
CA GLN A 191 46.77 -25.64 -9.86
C GLN A 191 47.72 -25.93 -11.00
N THR A 192 49.01 -26.07 -10.71
CA THR A 192 50.00 -26.26 -11.76
C THR A 192 49.84 -27.59 -12.46
N SER A 193 49.44 -28.61 -11.71
CA SER A 193 49.21 -29.91 -12.29
C SER A 193 48.13 -29.88 -13.35
N LEU A 194 47.06 -29.14 -13.10
CA LEU A 194 45.96 -29.08 -14.04
C LEU A 194 46.09 -27.97 -15.08
N TYR A 195 46.45 -26.76 -14.67
CA TYR A 195 46.41 -25.63 -15.58
C TYR A 195 47.75 -25.00 -15.88
N VAL A 196 48.84 -25.60 -15.42
CA VAL A 196 50.23 -25.18 -15.62
C VAL A 196 50.52 -23.82 -15.03
N GLN A 197 49.90 -22.73 -15.49
CA GLN A 197 50.04 -21.40 -14.89
C GLN A 197 49.77 -21.47 -13.40
N ALA A 198 50.55 -20.80 -12.57
CA ALA A 198 50.27 -20.81 -11.14
C ALA A 198 49.10 -19.90 -10.76
N SER A 199 48.59 -19.11 -11.70
CA SER A 199 47.45 -18.27 -11.43
C SER A 199 46.60 -18.28 -12.69
N GLY A 200 45.38 -18.83 -12.62
CA GLY A 200 44.48 -18.83 -13.76
C GLY A 200 43.75 -17.49 -13.87
N ARG A 201 42.87 -17.35 -14.85
CA ARG A 201 42.12 -16.12 -15.08
C ARG A 201 41.02 -16.41 -16.09
N VAL A 202 39.77 -16.03 -15.87
CA VAL A 202 38.74 -16.20 -16.86
C VAL A 202 38.14 -14.83 -17.13
N THR A 203 38.09 -14.37 -18.37
CA THR A 203 37.44 -13.13 -18.73
C THR A 203 36.34 -13.49 -19.73
N VAL A 204 35.07 -13.25 -19.46
CA VAL A 204 34.01 -13.54 -20.41
C VAL A 204 33.38 -12.20 -20.70
N SER A 205 33.20 -11.84 -21.96
CA SER A 205 32.73 -10.51 -22.26
C SER A 205 31.84 -10.48 -23.46
N THR A 206 31.13 -9.37 -23.64
CA THR A 206 30.34 -9.10 -24.80
C THR A 206 30.66 -7.68 -25.24
N ARG A 207 29.94 -7.05 -26.16
CA ARG A 207 30.15 -5.64 -26.43
C ARG A 207 29.69 -4.81 -25.28
N ARG A 208 28.77 -5.33 -24.49
CA ARG A 208 28.19 -4.62 -23.38
C ARG A 208 28.85 -4.83 -22.02
N SER A 209 29.45 -5.97 -21.76
CA SER A 209 29.90 -6.22 -20.40
C SER A 209 31.15 -7.05 -20.41
N GLN A 210 31.72 -7.25 -19.21
CA GLN A 210 32.86 -8.14 -19.04
C GLN A 210 32.88 -8.60 -17.61
N GLN A 211 33.30 -9.84 -17.37
CA GLN A 211 33.49 -10.37 -16.05
C GLN A 211 34.85 -10.98 -16.11
N THR A 212 35.76 -10.62 -15.23
CA THR A 212 37.01 -11.34 -15.16
C THR A 212 37.04 -11.85 -13.75
N ILE A 213 37.11 -13.17 -13.61
CA ILE A 213 37.13 -13.83 -12.31
C ILE A 213 38.50 -14.48 -12.22
N ILE A 214 39.17 -14.44 -11.07
CA ILE A 214 40.41 -15.18 -10.94
C ILE A 214 40.15 -16.19 -9.84
N PRO A 215 40.63 -17.45 -9.94
CA PRO A 215 40.42 -18.52 -8.96
C PRO A 215 41.05 -18.24 -7.62
N ASN A 216 40.76 -19.05 -6.60
CA ASN A 216 41.31 -18.80 -5.26
C ASN A 216 41.75 -20.14 -4.69
N ILE A 217 43.04 -20.32 -4.46
CA ILE A 217 43.53 -21.59 -4.01
C ILE A 217 43.47 -21.67 -2.50
N GLY A 218 43.10 -22.83 -1.97
CA GLY A 218 43.00 -23.01 -0.54
C GLY A 218 42.09 -24.18 -0.21
N SER A 219 42.18 -24.72 0.98
CA SER A 219 41.34 -25.84 1.36
C SER A 219 40.01 -25.35 1.90
N ARG A 220 38.97 -25.93 1.36
CA ARG A 220 37.63 -25.76 1.87
C ARG A 220 37.25 -27.07 2.57
N PRO A 221 36.09 -27.21 3.22
CA PRO A 221 35.71 -28.46 3.85
C PRO A 221 35.54 -29.55 2.84
N TRP A 222 35.92 -30.76 3.23
CA TRP A 222 35.72 -31.97 2.45
C TRP A 222 34.23 -32.11 2.15
N VAL A 223 33.89 -32.06 0.88
CA VAL A 223 32.52 -32.27 0.41
C VAL A 223 32.69 -33.23 -0.75
N ARG A 224 32.09 -34.41 -0.61
CA ARG A 224 32.18 -35.52 -1.53
C ARG A 224 33.61 -35.87 -1.94
N GLY A 225 34.49 -35.87 -0.94
CA GLY A 225 35.87 -36.23 -1.16
C GLY A 225 36.73 -35.08 -1.63
N LEU A 226 36.16 -33.87 -1.76
CA LEU A 226 36.90 -32.77 -2.31
C LEU A 226 36.93 -31.47 -1.50
N SER A 227 38.09 -30.81 -1.52
CA SER A 227 38.24 -29.48 -0.92
C SER A 227 38.19 -28.39 -1.96
N SER A 228 38.19 -28.75 -3.22
CA SER A 228 38.12 -27.77 -4.26
C SER A 228 36.67 -27.39 -4.45
N ARG A 229 36.39 -26.36 -5.24
CA ARG A 229 35.05 -25.88 -5.45
C ARG A 229 35.03 -25.34 -6.85
N ILE A 230 33.88 -25.22 -7.51
CA ILE A 230 33.86 -24.45 -8.74
C ILE A 230 32.79 -23.40 -8.57
N SER A 231 33.00 -22.14 -8.94
CA SER A 231 31.93 -21.16 -8.75
C SER A 231 31.28 -20.96 -10.11
N ILE A 232 29.95 -20.89 -10.16
CA ILE A 232 29.17 -20.77 -11.40
C ILE A 232 28.84 -19.30 -11.71
N TYR A 233 28.90 -18.86 -12.96
CA TYR A 233 28.57 -17.51 -13.36
C TYR A 233 27.68 -17.58 -14.59
N TRP A 234 27.07 -16.51 -15.07
CA TRP A 234 26.15 -16.56 -16.20
C TRP A 234 26.32 -15.34 -17.07
N THR A 235 26.09 -15.38 -18.37
CA THR A 235 26.24 -14.20 -19.19
C THR A 235 25.11 -14.22 -20.16
N ILE A 236 24.35 -13.17 -20.37
CA ILE A 236 23.30 -13.24 -21.35
C ILE A 236 23.84 -12.51 -22.55
N VAL A 237 23.70 -13.02 -23.75
CA VAL A 237 24.19 -12.37 -24.95
C VAL A 237 22.98 -12.00 -25.78
N LYS A 238 22.85 -10.72 -26.10
CA LYS A 238 21.68 -10.22 -26.77
C LYS A 238 21.80 -10.49 -28.26
N PRO A 239 20.76 -10.43 -29.10
CA PRO A 239 20.85 -10.68 -30.52
C PRO A 239 21.76 -9.66 -31.11
N GLY A 240 22.62 -10.11 -32.01
CA GLY A 240 23.56 -9.23 -32.66
C GLY A 240 24.86 -9.06 -31.88
N ASP A 241 24.92 -9.45 -30.61
CA ASP A 241 26.13 -9.24 -29.84
C ASP A 241 27.08 -10.39 -30.03
N VAL A 242 28.09 -10.56 -29.21
CA VAL A 242 29.05 -11.62 -29.41
C VAL A 242 29.67 -11.98 -28.09
N LEU A 243 29.90 -13.25 -27.84
CA LEU A 243 30.54 -13.69 -26.62
C LEU A 243 32.01 -13.87 -26.94
N VAL A 244 32.95 -13.42 -26.09
CA VAL A 244 34.36 -13.75 -26.24
C VAL A 244 34.78 -14.32 -24.89
N ILE A 245 35.37 -15.51 -24.86
CA ILE A 245 35.76 -16.20 -23.63
C ILE A 245 37.23 -16.24 -23.72
N ASN A 246 37.92 -15.77 -22.70
CA ASN A 246 39.37 -15.70 -22.76
C ASN A 246 39.94 -16.20 -21.46
N SER A 247 40.75 -17.24 -21.49
CA SER A 247 41.25 -17.78 -20.26
C SER A 247 42.63 -18.32 -20.44
N ASN A 248 43.31 -18.33 -19.32
CA ASN A 248 44.68 -18.74 -19.27
C ASN A 248 44.84 -19.81 -18.19
N GLY A 249 43.72 -20.44 -17.80
CA GLY A 249 43.69 -21.48 -16.79
C GLY A 249 42.42 -21.41 -15.96
N ASN A 250 41.95 -22.56 -15.48
CA ASN A 250 40.81 -22.72 -14.56
C ASN A 250 39.41 -22.53 -15.13
N LEU A 251 39.28 -22.36 -16.44
CA LEU A 251 37.98 -22.16 -17.05
C LEU A 251 37.17 -23.43 -17.04
N ILE A 252 35.92 -23.40 -16.53
CA ILE A 252 34.95 -24.47 -16.74
C ILE A 252 34.08 -23.92 -17.87
N ALA A 253 34.22 -24.38 -19.13
CA ALA A 253 33.60 -23.76 -20.29
C ALA A 253 32.16 -24.12 -20.61
N PRO A 254 31.34 -23.26 -21.21
CA PRO A 254 29.96 -23.59 -21.57
C PRO A 254 29.94 -24.55 -22.75
N ARG A 255 28.93 -25.43 -22.87
CA ARG A 255 28.83 -26.28 -24.08
C ARG A 255 27.83 -25.71 -25.09
N GLY A 256 27.17 -24.60 -24.78
CA GLY A 256 26.20 -23.99 -25.66
C GLY A 256 25.39 -23.03 -24.82
N TYR A 257 24.16 -22.76 -25.19
CA TYR A 257 23.38 -21.81 -24.47
C TYR A 257 22.01 -22.34 -24.14
N PHE A 258 21.44 -21.80 -23.07
CA PHE A 258 20.05 -22.07 -22.72
C PHE A 258 19.30 -20.98 -23.40
N LYS A 259 18.15 -21.24 -23.98
CA LYS A 259 17.50 -20.09 -24.56
C LYS A 259 16.52 -19.53 -23.57
N MET A 260 16.44 -18.22 -23.58
CA MET A 260 15.58 -17.56 -22.62
C MET A 260 14.25 -17.22 -23.22
N ARG A 261 13.22 -17.26 -22.41
CA ARG A 261 11.96 -16.72 -22.85
C ARG A 261 11.28 -15.90 -21.78
N THR A 262 10.14 -15.33 -22.12
CA THR A 262 9.44 -14.38 -21.31
C THR A 262 8.05 -14.91 -21.12
N GLY A 263 7.65 -15.24 -19.91
CA GLY A 263 6.33 -15.78 -19.74
C GLY A 263 5.93 -15.71 -18.29
N LYS A 264 5.01 -16.58 -17.88
CA LYS A 264 4.47 -16.56 -16.55
C LYS A 264 5.09 -17.58 -15.62
N SER A 265 6.24 -18.13 -15.96
CA SER A 265 6.77 -19.21 -15.17
C SER A 265 7.36 -18.70 -13.89
N SER A 266 7.44 -19.56 -12.90
CA SER A 266 7.97 -19.21 -11.61
C SER A 266 8.44 -20.49 -10.92
N ILE A 267 8.88 -20.42 -9.68
CA ILE A 267 9.36 -21.57 -8.98
C ILE A 267 8.66 -21.57 -7.63
N MET A 268 8.51 -22.68 -6.89
CA MET A 268 7.83 -22.68 -5.61
C MET A 268 8.47 -23.75 -4.79
N ARG A 269 8.69 -23.54 -3.49
CA ARG A 269 9.27 -24.58 -2.68
C ARG A 269 8.07 -25.14 -1.99
N SER A 270 7.84 -26.44 -2.08
CA SER A 270 6.62 -27.05 -1.55
C SER A 270 6.84 -28.54 -1.50
N ASP A 271 6.40 -29.15 -0.41
CA ASP A 271 6.41 -30.58 -0.35
C ASP A 271 5.01 -31.14 -0.54
N ALA A 272 4.06 -30.34 -0.98
CA ALA A 272 2.74 -30.87 -1.25
C ALA A 272 2.77 -31.85 -2.45
N PRO A 273 1.91 -32.86 -2.47
CA PRO A 273 1.79 -33.85 -3.52
C PRO A 273 1.12 -33.23 -4.71
N ILE A 274 1.50 -33.59 -5.92
CA ILE A 274 0.75 -33.07 -7.05
C ILE A 274 -0.35 -34.09 -7.34
N ASP A 275 -1.48 -33.62 -7.81
CA ASP A 275 -2.60 -34.51 -7.98
C ASP A 275 -3.33 -34.09 -9.23
N THR A 276 -4.30 -34.85 -9.68
CA THR A 276 -4.92 -34.50 -10.92
C THR A 276 -6.23 -33.87 -10.60
N CYS A 277 -6.35 -32.58 -10.84
CA CYS A 277 -7.55 -31.80 -10.56
C CYS A 277 -7.34 -30.46 -11.17
N ILE A 278 -8.34 -29.61 -11.35
CA ILE A 278 -7.99 -28.33 -11.93
C ILE A 278 -8.15 -27.32 -10.83
N SER A 279 -7.21 -26.41 -10.70
CA SER A 279 -7.24 -25.35 -9.72
C SER A 279 -6.37 -24.24 -10.22
N GLU A 280 -6.87 -23.01 -10.21
CA GLU A 280 -6.06 -21.89 -10.67
C GLU A 280 -5.02 -21.39 -9.70
N CYS A 281 -5.33 -21.41 -8.42
CA CYS A 281 -4.49 -20.85 -7.40
C CYS A 281 -3.61 -21.87 -6.72
N ILE A 282 -2.30 -21.69 -6.72
CA ILE A 282 -1.42 -22.63 -6.03
C ILE A 282 -0.77 -21.90 -4.88
N THR A 283 -0.56 -22.62 -3.80
CA THR A 283 -0.02 -22.16 -2.56
C THR A 283 0.95 -23.24 -2.19
N PRO A 284 2.06 -23.04 -1.50
CA PRO A 284 2.95 -24.12 -1.15
C PRO A 284 2.27 -25.14 -0.27
N ASN A 285 1.16 -24.77 0.37
CA ASN A 285 0.34 -25.70 1.13
C ASN A 285 -0.63 -26.48 0.24
N GLY A 286 -0.60 -26.38 -1.07
CA GLY A 286 -1.55 -27.07 -1.92
C GLY A 286 -2.50 -26.06 -2.51
N SER A 287 -3.28 -26.42 -3.52
CA SER A 287 -4.17 -25.51 -4.17
C SER A 287 -5.29 -25.08 -3.27
N ILE A 288 -5.84 -23.92 -3.57
CA ILE A 288 -6.96 -23.41 -2.80
C ILE A 288 -7.99 -22.84 -3.77
N PRO A 289 -9.27 -22.83 -3.47
CA PRO A 289 -10.27 -22.29 -4.35
C PRO A 289 -10.26 -20.78 -4.34
N ASN A 290 -10.39 -20.17 -5.51
CA ASN A 290 -10.35 -18.72 -5.54
C ASN A 290 -11.71 -18.08 -5.71
N ASP A 291 -12.70 -18.69 -5.12
CA ASP A 291 -14.04 -18.14 -5.12
C ASP A 291 -14.10 -16.96 -4.13
N LYS A 292 -13.43 -17.04 -2.98
CA LYS A 292 -13.45 -15.97 -1.98
C LYS A 292 -12.45 -14.86 -2.29
N PRO A 293 -12.70 -13.57 -2.00
CA PRO A 293 -11.75 -12.49 -2.28
C PRO A 293 -10.47 -12.50 -1.46
N PHE A 294 -10.44 -13.06 -0.26
CA PHE A 294 -9.25 -12.97 0.55
C PHE A 294 -8.84 -14.36 0.96
N GLN A 295 -7.60 -14.65 1.29
CA GLN A 295 -7.26 -15.96 1.77
C GLN A 295 -6.26 -15.82 2.88
N ASN A 296 -6.17 -16.82 3.69
CA ASN A 296 -5.28 -16.79 4.82
C ASN A 296 -4.44 -18.05 4.85
N VAL A 297 -4.35 -18.79 3.72
CA VAL A 297 -3.59 -20.01 3.74
C VAL A 297 -2.10 -19.69 3.70
N ASN A 298 -1.60 -18.98 2.70
CA ASN A 298 -0.17 -18.65 2.60
C ASN A 298 0.03 -17.40 1.76
N LYS A 299 1.01 -16.57 2.11
CA LYS A 299 1.33 -15.33 1.39
C LYS A 299 2.10 -15.65 0.11
N ILE A 300 2.52 -16.88 -0.08
CA ILE A 300 3.15 -17.30 -1.32
C ILE A 300 2.06 -17.89 -2.24
N THR A 301 1.84 -17.28 -3.38
CA THR A 301 0.87 -17.83 -4.29
C THR A 301 1.37 -17.78 -5.74
N TYR A 302 0.77 -18.59 -6.62
CA TYR A 302 1.04 -18.58 -8.05
C TYR A 302 -0.33 -18.71 -8.69
N GLY A 303 -0.69 -17.91 -9.67
CA GLY A 303 -1.95 -18.13 -10.37
C GLY A 303 -3.03 -17.14 -9.98
N ALA A 304 -4.32 -17.37 -10.31
CA ALA A 304 -5.37 -16.45 -9.91
C ALA A 304 -5.78 -16.71 -8.48
N CYS A 305 -5.20 -16.01 -7.50
CA CYS A 305 -5.46 -16.34 -6.11
C CYS A 305 -6.12 -15.25 -5.30
N PRO A 306 -6.78 -15.55 -4.20
CA PRO A 306 -7.36 -14.52 -3.36
C PRO A 306 -6.22 -13.72 -2.69
N LYS A 307 -6.49 -12.48 -2.22
CA LYS A 307 -5.49 -11.62 -1.61
C LYS A 307 -5.23 -12.07 -0.21
N TYR A 308 -3.97 -12.31 0.13
CA TYR A 308 -3.61 -12.79 1.47
C TYR A 308 -3.87 -11.73 2.52
N VAL A 309 -4.46 -12.14 3.63
CA VAL A 309 -4.88 -11.23 4.66
C VAL A 309 -4.46 -11.85 5.96
N LYS A 310 -4.32 -11.04 7.01
CA LYS A 310 -3.96 -11.57 8.31
C LYS A 310 -5.18 -12.22 8.94
N GLN A 311 -6.38 -11.69 8.75
CA GLN A 311 -7.59 -12.26 9.32
C GLN A 311 -7.90 -13.70 8.90
N ASN A 312 -8.50 -14.56 9.71
CA ASN A 312 -8.85 -15.88 9.19
C ASN A 312 -10.35 -15.99 9.01
N THR A 313 -11.11 -15.00 9.51
CA THR A 313 -12.49 -15.01 9.13
C THR A 313 -12.95 -13.59 8.92
N LEU A 314 -13.76 -13.34 7.91
CA LEU A 314 -14.41 -12.07 7.68
C LEU A 314 -15.77 -12.33 7.05
N LYS A 315 -16.82 -12.11 7.80
CA LYS A 315 -18.15 -12.43 7.34
C LYS A 315 -18.91 -11.26 6.83
N LEU A 316 -19.33 -11.34 5.59
CA LEU A 316 -20.14 -10.33 4.96
C LEU A 316 -21.61 -10.63 5.21
N ALA A 317 -22.31 -9.78 5.93
CA ALA A 317 -23.74 -9.97 6.19
C ALA A 317 -24.48 -10.01 4.88
N THR A 318 -25.28 -11.04 4.68
CA THR A 318 -26.11 -11.11 3.49
C THR A 318 -27.57 -11.14 3.92
N GLY A 319 -27.94 -10.51 5.04
CA GLY A 319 -29.32 -10.54 5.49
C GLY A 319 -29.50 -9.44 6.51
N MET A 320 -30.74 -9.21 6.93
CA MET A 320 -31.06 -8.15 7.88
C MET A 320 -30.65 -8.48 9.28
N ARG A 321 -30.90 -7.57 10.20
CA ARG A 321 -30.61 -7.85 11.59
C ARG A 321 -31.60 -8.92 12.06
N ASN A 322 -31.13 -9.84 12.89
CA ASN A 322 -31.97 -10.90 13.42
C ASN A 322 -32.55 -10.45 14.74
N VAL A 323 -33.84 -10.24 14.85
CA VAL A 323 -34.49 -9.82 16.08
C VAL A 323 -35.54 -10.91 16.35
N PRO A 324 -35.21 -12.11 16.85
CA PRO A 324 -36.16 -13.22 17.06
C PRO A 324 -37.31 -13.02 18.03
N GLU A 325 -38.35 -13.75 17.57
CA GLU A 325 -39.76 -13.85 18.01
C GLU A 325 -39.80 -14.92 19.09
N LYS A 326 -38.87 -14.88 20.07
CA LYS A 326 -38.48 -15.92 21.07
C LYS A 326 -37.13 -16.36 20.47
N GLN A 327 -36.77 -17.65 20.28
CA GLN A 327 -35.68 -18.07 19.40
C GLN A 327 -35.75 -19.60 19.36
N THR A 328 -36.56 -20.12 18.43
CA THR A 328 -36.80 -21.55 18.24
C THR A 328 -37.33 -21.80 16.81
N GLY B 1 -31.86 0.38 12.52
CA GLY B 1 -30.69 1.12 12.06
C GLY B 1 -31.14 2.55 11.70
N LEU B 2 -30.76 3.10 10.55
CA LEU B 2 -31.06 4.48 10.30
C LEU B 2 -32.53 4.77 10.23
N PHE B 3 -33.36 3.82 9.83
CA PHE B 3 -34.72 4.20 9.65
C PHE B 3 -35.54 3.84 10.85
N GLY B 4 -35.02 2.97 11.71
CA GLY B 4 -35.70 2.60 12.95
C GLY B 4 -36.95 1.76 12.77
N ALA B 5 -37.05 0.89 11.77
CA ALA B 5 -38.20 0.04 11.67
C ALA B 5 -37.78 -1.29 12.25
N ILE B 6 -36.81 -1.97 11.64
CA ILE B 6 -36.32 -3.25 12.16
C ILE B 6 -35.64 -2.94 13.48
N ALA B 7 -35.95 -3.76 14.47
CA ALA B 7 -35.46 -3.61 15.83
C ALA B 7 -35.71 -2.17 16.27
N GLY B 8 -36.86 -1.62 15.84
CA GLY B 8 -37.22 -0.25 16.06
C GLY B 8 -38.68 -0.22 16.31
N PHE B 9 -39.47 0.49 15.49
CA PHE B 9 -40.88 0.57 15.79
C PHE B 9 -41.59 -0.76 15.57
N ILE B 10 -40.94 -1.69 14.86
CA ILE B 10 -41.39 -3.07 14.71
C ILE B 10 -40.59 -3.85 15.74
N GLU B 11 -41.26 -4.33 16.76
CA GLU B 11 -40.61 -4.95 17.89
C GLU B 11 -39.67 -6.09 17.62
N ASN B 12 -40.05 -7.04 16.79
CA ASN B 12 -39.20 -8.20 16.52
C ASN B 12 -39.64 -8.85 15.22
N GLY B 13 -38.80 -9.71 14.70
CA GLY B 13 -39.08 -10.44 13.49
C GLY B 13 -40.02 -11.59 13.75
N TRP B 14 -40.49 -12.23 12.68
CA TRP B 14 -41.39 -13.34 12.79
C TRP B 14 -40.65 -14.55 12.37
N GLU B 15 -40.29 -15.47 13.28
CA GLU B 15 -39.59 -16.69 12.90
C GLU B 15 -40.52 -17.54 12.03
N GLY B 16 -41.81 -17.30 12.17
CA GLY B 16 -42.79 -18.01 11.37
C GLY B 16 -42.79 -17.70 9.88
N MET B 17 -42.34 -16.53 9.47
CA MET B 17 -42.46 -16.19 8.06
C MET B 17 -41.35 -16.89 7.31
N ILE B 18 -41.71 -17.87 6.51
CA ILE B 18 -40.67 -18.64 5.81
C ILE B 18 -40.67 -18.40 4.32
N ASP B 19 -41.73 -17.78 3.82
CA ASP B 19 -41.91 -17.59 2.39
C ASP B 19 -41.41 -16.23 1.90
N GLY B 20 -40.76 -15.41 2.74
CA GLY B 20 -40.20 -14.16 2.26
C GLY B 20 -39.64 -13.37 3.43
N TRP B 21 -38.87 -12.31 3.13
CA TRP B 21 -38.25 -11.52 4.17
C TRP B 21 -39.18 -10.47 4.79
N TYR B 22 -40.13 -9.88 4.08
CA TYR B 22 -41.01 -8.89 4.71
C TYR B 22 -42.44 -9.34 4.44
N GLY B 23 -43.46 -8.96 5.22
CA GLY B 23 -44.78 -9.44 4.93
C GLY B 23 -45.83 -8.88 5.86
N PHE B 24 -47.02 -9.45 5.74
CA PHE B 24 -48.20 -8.99 6.45
C PHE B 24 -48.81 -10.11 7.31
N ARG B 25 -49.32 -9.84 8.48
CA ARG B 25 -50.16 -10.78 9.19
C ARG B 25 -51.44 -9.98 9.43
N HIS B 26 -52.65 -10.49 9.26
CA HIS B 26 -53.86 -9.70 9.49
C HIS B 26 -54.74 -10.45 10.45
N GLN B 27 -55.80 -9.80 10.88
CA GLN B 27 -56.84 -10.44 11.68
C GLN B 27 -58.16 -9.79 11.23
N ASN B 28 -59.07 -10.56 10.66
CA ASN B 28 -60.23 -10.01 9.99
C ASN B 28 -61.46 -10.89 10.13
N SER B 29 -62.53 -10.53 9.38
CA SER B 29 -63.82 -11.21 9.34
C SER B 29 -63.63 -12.72 9.32
N GLU B 30 -62.95 -13.28 8.31
CA GLU B 30 -62.76 -14.70 8.23
C GLU B 30 -61.58 -15.22 9.03
N GLY B 31 -60.84 -14.41 9.79
CA GLY B 31 -59.78 -14.95 10.63
C GLY B 31 -58.41 -14.28 10.58
N THR B 32 -57.37 -15.02 10.92
CA THR B 32 -56.07 -14.42 11.07
C THR B 32 -55.17 -15.11 10.07
N GLY B 33 -54.46 -14.38 9.22
CA GLY B 33 -53.58 -15.01 8.25
C GLY B 33 -52.29 -14.21 8.14
N GLN B 34 -51.31 -14.68 7.41
CA GLN B 34 -50.00 -14.11 7.27
C GLN B 34 -49.63 -14.25 5.79
N ALA B 35 -48.69 -13.49 5.23
CA ALA B 35 -48.35 -13.57 3.81
C ALA B 35 -47.04 -12.82 3.57
N ALA B 36 -46.04 -13.38 2.89
CA ALA B 36 -44.82 -12.63 2.61
C ALA B 36 -45.11 -11.61 1.55
N ASP B 37 -44.36 -10.51 1.46
CA ASP B 37 -44.52 -9.53 0.41
C ASP B 37 -43.32 -9.79 -0.46
N LEU B 38 -43.52 -10.16 -1.73
CA LEU B 38 -42.39 -10.54 -2.56
C LEU B 38 -41.72 -9.40 -3.27
N LYS B 39 -42.34 -8.24 -3.44
CA LYS B 39 -41.66 -7.15 -4.10
C LYS B 39 -40.55 -6.60 -3.21
N SER B 40 -40.80 -6.32 -1.93
CA SER B 40 -39.77 -5.82 -1.06
C SER B 40 -38.78 -6.91 -0.79
N THR B 41 -39.21 -8.16 -0.58
CA THR B 41 -38.25 -9.25 -0.40
C THR B 41 -37.24 -9.31 -1.54
N GLN B 42 -37.70 -9.16 -2.77
CA GLN B 42 -36.81 -9.22 -3.90
C GLN B 42 -35.90 -8.00 -3.94
N ALA B 43 -36.42 -6.80 -3.66
CA ALA B 43 -35.63 -5.58 -3.64
C ALA B 43 -34.48 -5.72 -2.68
N ALA B 44 -34.75 -6.14 -1.46
CA ALA B 44 -33.70 -6.37 -0.49
C ALA B 44 -32.72 -7.41 -1.02
N ILE B 45 -33.21 -8.54 -1.56
CA ILE B 45 -32.33 -9.61 -2.05
C ILE B 45 -31.45 -9.17 -3.22
N ASP B 46 -32.01 -8.47 -4.19
CA ASP B 46 -31.28 -8.05 -5.37
C ASP B 46 -30.15 -7.12 -5.03
N GLN B 47 -30.37 -6.16 -4.11
CA GLN B 47 -29.32 -5.26 -3.67
C GLN B 47 -28.24 -6.04 -2.97
N ILE B 48 -28.59 -6.93 -2.06
CA ILE B 48 -27.57 -7.68 -1.36
C ILE B 48 -26.79 -8.56 -2.33
N ASN B 49 -27.40 -9.07 -3.39
CA ASN B 49 -26.63 -9.92 -4.28
C ASN B 49 -25.72 -9.10 -5.12
N GLY B 50 -26.18 -7.92 -5.54
CA GLY B 50 -25.40 -7.04 -6.36
C GLY B 50 -24.13 -6.69 -5.64
N LYS B 51 -24.30 -6.34 -4.37
CA LYS B 51 -23.23 -5.99 -3.48
C LYS B 51 -22.30 -7.17 -3.38
N LEU B 52 -22.85 -8.34 -3.16
CA LEU B 52 -22.06 -9.54 -3.03
C LEU B 52 -21.23 -9.85 -4.28
N ASN B 53 -21.83 -9.66 -5.44
CA ASN B 53 -21.17 -9.95 -6.70
C ASN B 53 -20.00 -9.04 -6.92
N ARG B 54 -20.15 -7.77 -6.60
CA ARG B 54 -19.12 -6.76 -6.81
C ARG B 54 -17.88 -7.13 -6.01
N VAL B 55 -18.06 -7.72 -4.85
CA VAL B 55 -16.97 -8.12 -3.97
C VAL B 55 -16.28 -9.37 -4.47
N ILE B 56 -16.96 -10.28 -5.17
CA ILE B 56 -16.28 -11.48 -5.67
C ILE B 56 -15.70 -11.27 -7.10
N GLU B 57 -15.92 -10.07 -7.69
CA GLU B 57 -15.39 -9.62 -8.98
C GLU B 57 -13.85 -9.70 -8.97
N LYS B 58 -13.38 -10.48 -9.93
CA LYS B 58 -11.99 -10.87 -10.27
C LYS B 58 -10.89 -10.92 -9.21
N THR B 59 -10.39 -12.14 -8.99
CA THR B 59 -9.12 -12.32 -8.30
C THR B 59 -8.10 -11.99 -9.38
N ASN B 60 -7.19 -11.07 -9.17
CA ASN B 60 -6.21 -10.74 -10.19
C ASN B 60 -5.08 -11.76 -10.07
N GLU B 61 -4.44 -12.17 -11.17
CA GLU B 61 -3.47 -13.24 -11.04
C GLU B 61 -2.05 -12.74 -11.02
N LYS B 62 -1.16 -13.42 -10.32
CA LYS B 62 0.22 -12.99 -10.20
C LYS B 62 1.08 -14.21 -10.36
N PHE B 63 2.22 -14.05 -11.02
CA PHE B 63 3.06 -15.17 -11.36
C PHE B 63 4.36 -15.02 -10.64
N HIS B 64 5.50 -14.78 -11.29
CA HIS B 64 6.78 -14.72 -10.57
C HIS B 64 6.76 -13.51 -9.69
N GLN B 65 7.09 -13.57 -8.39
CA GLN B 65 7.02 -12.39 -7.52
C GLN B 65 8.32 -12.27 -6.72
N ILE B 66 8.38 -11.89 -5.46
CA ILE B 66 9.66 -11.93 -4.73
C ILE B 66 9.62 -13.13 -3.77
N GLU B 67 10.78 -13.59 -3.32
CA GLU B 67 10.83 -14.63 -2.31
C GLU B 67 10.32 -14.10 -0.99
N LYS B 68 9.66 -14.96 -0.21
CA LYS B 68 9.02 -14.50 0.98
C LYS B 68 9.31 -15.31 2.21
N GLU B 69 10.23 -16.25 2.08
CA GLU B 69 10.63 -17.12 3.15
C GLU B 69 12.09 -17.35 2.78
N PHE B 70 13.00 -17.24 3.74
CA PHE B 70 14.45 -17.25 3.49
C PHE B 70 15.11 -18.19 4.47
N SER B 71 16.19 -18.86 4.16
CA SER B 71 16.78 -19.74 5.16
C SER B 71 18.11 -19.28 5.72
N GLU B 72 18.72 -18.27 5.14
CA GLU B 72 19.99 -17.76 5.61
C GLU B 72 19.79 -16.33 6.08
N VAL B 73 20.74 -15.78 6.81
CA VAL B 73 20.64 -14.40 7.29
C VAL B 73 21.46 -13.55 6.35
N GLU B 74 20.85 -12.60 5.65
CA GLU B 74 21.62 -11.86 4.66
C GLU B 74 21.80 -10.38 4.97
N GLY B 75 20.91 -9.74 5.74
CA GLY B 75 21.10 -8.33 6.02
C GLY B 75 20.23 -7.40 5.17
N ARG B 76 20.81 -6.28 4.77
CA ARG B 76 20.10 -5.18 4.14
C ARG B 76 19.05 -5.54 3.11
N ILE B 77 19.41 -6.35 2.09
CA ILE B 77 18.45 -6.63 1.04
C ILE B 77 17.29 -7.50 1.51
N GLN B 78 17.56 -8.53 2.31
CA GLN B 78 16.51 -9.40 2.74
C GLN B 78 15.60 -8.67 3.69
N ASP B 79 16.11 -7.65 4.41
CA ASP B 79 15.26 -6.89 5.31
C ASP B 79 14.23 -6.12 4.51
N LEU B 80 14.62 -5.61 3.37
CA LEU B 80 13.70 -4.88 2.51
C LEU B 80 12.64 -5.82 1.93
N GLU B 81 13.06 -7.01 1.48
CA GLU B 81 12.14 -8.02 0.96
C GLU B 81 11.07 -8.31 1.98
N LYS B 82 11.48 -8.55 3.20
CA LYS B 82 10.53 -8.80 4.23
C LYS B 82 9.65 -7.59 4.51
N TYR B 83 10.21 -6.38 4.51
CA TYR B 83 9.45 -5.17 4.81
C TYR B 83 8.44 -4.81 3.70
N VAL B 84 8.80 -5.04 2.41
CA VAL B 84 7.88 -4.78 1.32
C VAL B 84 6.64 -5.67 1.50
N GLU B 85 6.84 -6.95 1.84
CA GLU B 85 5.73 -7.85 1.98
C GLU B 85 4.95 -7.56 3.23
N ASP B 86 5.61 -7.30 4.35
CA ASP B 86 4.79 -7.11 5.54
C ASP B 86 3.99 -5.84 5.45
N THR B 87 4.51 -4.78 4.80
CA THR B 87 3.66 -3.61 4.75
C THR B 87 2.57 -3.86 3.72
N LYS B 88 2.78 -4.76 2.70
CA LYS B 88 1.72 -5.09 1.75
C LYS B 88 0.61 -5.83 2.46
N ILE B 89 0.96 -6.79 3.30
CA ILE B 89 -0.05 -7.54 4.00
C ILE B 89 -0.84 -6.67 4.95
N ASP B 90 -0.21 -5.81 5.76
CA ASP B 90 -1.02 -4.99 6.66
C ASP B 90 -1.95 -4.05 5.89
N LEU B 91 -1.54 -3.59 4.72
CA LEU B 91 -2.40 -2.72 3.97
C LEU B 91 -3.57 -3.46 3.42
N TRP B 92 -3.37 -4.67 2.83
CA TRP B 92 -4.55 -5.42 2.35
C TRP B 92 -5.47 -5.86 3.50
N SER B 93 -4.89 -6.18 4.68
CA SER B 93 -5.67 -6.59 5.82
C SER B 93 -6.54 -5.47 6.29
N TYR B 94 -6.01 -4.25 6.26
CA TYR B 94 -6.76 -3.06 6.61
C TYR B 94 -7.94 -2.94 5.69
N ASN B 95 -7.67 -3.01 4.38
CA ASN B 95 -8.74 -2.94 3.40
C ASN B 95 -9.83 -3.97 3.62
N ALA B 96 -9.51 -5.26 3.81
CA ALA B 96 -10.53 -6.26 4.03
C ALA B 96 -11.43 -5.93 5.21
N GLU B 97 -10.78 -5.54 6.32
CA GLU B 97 -11.47 -5.23 7.55
C GLU B 97 -12.37 -4.03 7.40
N LEU B 98 -11.92 -2.96 6.74
CA LEU B 98 -12.77 -1.80 6.57
C LEU B 98 -13.90 -2.06 5.57
N LEU B 99 -13.63 -2.90 4.54
CA LEU B 99 -14.61 -3.21 3.51
C LEU B 99 -15.75 -3.94 4.18
N VAL B 100 -15.54 -5.03 4.93
CA VAL B 100 -16.73 -5.70 5.44
C VAL B 100 -17.41 -4.82 6.48
N ALA B 101 -16.68 -3.96 7.18
CA ALA B 101 -17.34 -3.10 8.15
C ALA B 101 -18.32 -2.12 7.48
N LEU B 102 -17.89 -1.36 6.47
CA LEU B 102 -18.76 -0.48 5.74
C LEU B 102 -19.90 -1.29 5.15
N GLU B 103 -19.58 -2.36 4.42
CA GLU B 103 -20.59 -3.19 3.81
C GLU B 103 -21.71 -3.65 4.76
N ASN B 104 -21.36 -4.27 5.89
CA ASN B 104 -22.33 -4.77 6.80
C ASN B 104 -23.17 -3.67 7.34
N GLN B 105 -22.52 -2.56 7.65
CA GLN B 105 -23.18 -1.41 8.19
C GLN B 105 -24.27 -0.98 7.24
N HIS B 106 -23.93 -0.97 5.96
CA HIS B 106 -24.87 -0.57 4.93
C HIS B 106 -25.95 -1.65 4.73
N THR B 107 -25.62 -2.95 4.73
CA THR B 107 -26.62 -4.00 4.54
C THR B 107 -27.67 -3.92 5.63
N ILE B 108 -27.30 -3.62 6.88
CA ILE B 108 -28.31 -3.43 7.90
C ILE B 108 -29.18 -2.18 7.60
N ASP B 109 -28.62 -1.06 7.15
CA ASP B 109 -29.49 0.10 6.91
C ASP B 109 -30.38 -0.09 5.68
N LEU B 110 -29.88 -0.81 4.68
CA LEU B 110 -30.60 -1.09 3.46
C LEU B 110 -31.86 -1.90 3.77
N THR B 111 -31.73 -3.03 4.47
CA THR B 111 -32.87 -3.85 4.83
C THR B 111 -33.80 -3.10 5.80
N ASP B 112 -33.28 -2.26 6.69
CA ASP B 112 -34.11 -1.43 7.56
C ASP B 112 -34.96 -0.49 6.71
N SER B 113 -34.33 0.12 5.71
CA SER B 113 -34.99 0.99 4.76
C SER B 113 -36.12 0.26 4.06
N GLU B 114 -35.87 -0.90 3.41
CA GLU B 114 -36.93 -1.63 2.72
C GLU B 114 -38.08 -1.92 3.64
N MET B 115 -37.80 -2.26 4.91
CA MET B 115 -38.87 -2.49 5.85
C MET B 115 -39.70 -1.24 5.98
N ASN B 116 -39.04 -0.10 6.15
CA ASN B 116 -39.75 1.14 6.33
C ASN B 116 -40.43 1.59 5.05
N LYS B 117 -39.85 1.34 3.89
CA LYS B 117 -40.50 1.70 2.65
C LYS B 117 -41.80 0.95 2.48
N LEU B 118 -41.84 -0.34 2.77
CA LEU B 118 -43.09 -1.10 2.68
C LEU B 118 -44.04 -0.55 3.69
N PHE B 119 -43.59 -0.11 4.85
CA PHE B 119 -44.55 0.40 5.81
C PHE B 119 -45.21 1.66 5.25
N GLU B 120 -44.42 2.59 4.73
CA GLU B 120 -44.89 3.82 4.14
C GLU B 120 -45.81 3.66 2.97
N LYS B 121 -45.47 2.71 2.13
CA LYS B 121 -46.24 2.40 0.96
C LYS B 121 -47.64 1.96 1.36
N THR B 122 -47.74 1.06 2.34
CA THR B 122 -49.03 0.60 2.83
C THR B 122 -49.79 1.78 3.45
N ARG B 123 -49.10 2.64 4.18
CA ARG B 123 -49.69 3.81 4.80
C ARG B 123 -50.39 4.66 3.74
N ARG B 124 -49.61 5.09 2.76
CA ARG B 124 -50.11 5.90 1.69
C ARG B 124 -51.37 5.37 1.01
N GLN B 125 -51.40 4.07 0.80
CA GLN B 125 -52.51 3.37 0.17
C GLN B 125 -53.79 3.40 0.98
N LEU B 126 -53.71 3.22 2.28
CA LEU B 126 -54.92 3.20 3.08
C LEU B 126 -55.55 4.59 3.26
N ARG B 127 -54.88 5.69 2.91
CA ARG B 127 -55.42 7.04 3.06
C ARG B 127 -56.16 7.32 4.38
N GLU B 128 -57.36 7.91 4.40
CA GLU B 128 -58.04 8.23 5.62
C GLU B 128 -58.72 7.05 6.28
N ASN B 129 -58.49 5.83 5.82
CA ASN B 129 -59.28 4.71 6.31
C ASN B 129 -58.61 3.90 7.38
N ALA B 130 -57.39 4.23 7.76
CA ALA B 130 -56.69 3.44 8.73
C ALA B 130 -55.87 4.34 9.62
N GLU B 131 -55.51 3.87 10.80
CA GLU B 131 -54.65 4.63 11.64
C GLU B 131 -53.46 3.79 12.04
N GLU B 132 -52.32 4.42 12.23
CA GLU B 132 -51.15 3.71 12.65
C GLU B 132 -51.14 3.46 14.13
N MET B 133 -51.05 2.21 14.52
CA MET B 133 -50.99 1.89 15.92
C MET B 133 -49.60 2.05 16.50
N GLY B 134 -48.62 2.37 15.64
CA GLY B 134 -47.31 2.74 16.14
C GLY B 134 -46.39 1.58 16.39
N ASN B 135 -46.81 0.37 16.11
CA ASN B 135 -45.93 -0.78 16.26
C ASN B 135 -45.89 -1.48 14.91
N GLY B 136 -46.05 -0.73 13.81
CA GLY B 136 -46.12 -1.38 12.50
C GLY B 136 -47.49 -1.97 12.17
N CYS B 137 -48.53 -1.80 12.97
CA CYS B 137 -49.84 -2.29 12.60
C CYS B 137 -50.80 -1.17 12.31
N PHE B 138 -51.56 -1.24 11.23
CA PHE B 138 -52.61 -0.29 10.99
C PHE B 138 -53.92 -0.84 11.53
N LYS B 139 -54.73 0.03 12.12
CA LYS B 139 -56.07 -0.29 12.53
C LYS B 139 -56.91 0.18 11.36
N ILE B 140 -57.50 -0.72 10.56
CA ILE B 140 -58.32 -0.36 9.41
C ILE B 140 -59.73 -0.09 9.92
N TYR B 141 -60.31 1.09 9.70
CA TYR B 141 -61.60 1.43 10.28
C TYR B 141 -62.81 1.16 9.40
N HIS B 142 -62.84 0.02 8.76
CA HIS B 142 -63.99 -0.34 7.96
C HIS B 142 -63.98 -1.85 7.86
N LYS B 143 -65.08 -2.50 7.45
CA LYS B 143 -65.12 -3.96 7.37
C LYS B 143 -64.23 -4.41 6.23
N CYS B 144 -63.21 -5.18 6.53
CA CYS B 144 -62.27 -5.58 5.48
C CYS B 144 -62.11 -7.09 5.51
N ASP B 145 -62.75 -7.74 4.55
CA ASP B 145 -62.70 -9.20 4.43
C ASP B 145 -61.40 -9.60 3.75
N ASN B 146 -61.22 -10.89 3.51
CA ASN B 146 -59.98 -11.36 2.95
C ASN B 146 -59.66 -10.81 1.57
N ALA B 147 -60.65 -10.48 0.76
CA ALA B 147 -60.37 -9.92 -0.56
C ALA B 147 -59.89 -8.51 -0.39
N CYS B 148 -60.48 -7.81 0.59
CA CYS B 148 -60.05 -6.46 0.92
C CYS B 148 -58.60 -6.55 1.34
N ILE B 149 -58.25 -7.39 2.31
CA ILE B 149 -56.85 -7.57 2.71
C ILE B 149 -55.99 -7.90 1.50
N GLU B 150 -56.41 -8.79 0.60
CA GLU B 150 -55.55 -9.13 -0.52
C GLU B 150 -55.37 -7.95 -1.45
N SER B 151 -56.34 -7.05 -1.63
CA SER B 151 -56.10 -5.89 -2.48
C SER B 151 -55.10 -4.90 -1.85
N ILE B 152 -55.02 -4.80 -0.50
CA ILE B 152 -54.04 -3.92 0.12
C ILE B 152 -52.68 -4.49 -0.14
N ARG B 153 -52.52 -5.79 0.02
CA ARG B 153 -51.25 -6.45 -0.22
C ARG B 153 -50.87 -6.39 -1.69
N ASN B 154 -51.73 -6.72 -2.64
CA ASN B 154 -51.33 -6.65 -4.05
C ASN B 154 -51.44 -5.25 -4.63
N GLY B 155 -51.73 -4.27 -3.78
CA GLY B 155 -51.62 -2.87 -4.15
C GLY B 155 -52.72 -2.31 -5.02
N THR B 156 -53.88 -2.92 -4.99
CA THR B 156 -54.95 -2.40 -5.79
C THR B 156 -56.06 -1.80 -4.92
N TYR B 157 -55.87 -1.67 -3.59
CA TYR B 157 -56.93 -1.22 -2.70
C TYR B 157 -57.49 0.16 -3.08
N ASP B 158 -58.79 0.31 -3.24
CA ASP B 158 -59.34 1.63 -3.55
C ASP B 158 -59.94 2.22 -2.30
N HIS B 159 -59.27 3.23 -1.75
CA HIS B 159 -59.72 3.80 -0.50
C HIS B 159 -61.10 4.41 -0.62
N ASP B 160 -61.45 4.96 -1.80
CA ASP B 160 -62.69 5.67 -1.94
C ASP B 160 -63.87 4.81 -1.65
N VAL B 161 -63.78 3.55 -2.11
CA VAL B 161 -64.80 2.54 -1.87
C VAL B 161 -65.17 2.46 -0.40
N TYR B 162 -64.23 2.65 0.52
CA TYR B 162 -64.55 2.53 1.95
C TYR B 162 -64.49 3.83 2.74
N ARG B 163 -64.11 4.96 2.12
CA ARG B 163 -63.86 6.15 2.87
C ARG B 163 -65.02 6.62 3.76
N ASP B 164 -66.29 6.63 3.34
CA ASP B 164 -67.35 7.14 4.24
C ASP B 164 -67.58 6.21 5.40
N GLU B 165 -67.44 4.92 5.13
CA GLU B 165 -67.57 3.93 6.20
C GLU B 165 -66.48 4.16 7.22
N ALA B 166 -65.24 4.23 6.73
CA ALA B 166 -64.08 4.47 7.55
C ALA B 166 -64.18 5.77 8.32
N LEU B 167 -64.41 6.93 7.69
CA LEU B 167 -64.42 8.20 8.37
C LEU B 167 -65.48 8.27 9.43
N ASN B 168 -66.63 7.67 9.20
CA ASN B 168 -67.68 7.63 10.20
C ASN B 168 -67.25 6.89 11.46
N ASN B 169 -66.72 5.70 11.24
CA ASN B 169 -66.17 4.84 12.27
C ASN B 169 -65.04 5.50 13.03
N ARG B 170 -64.16 6.15 12.29
CA ARG B 170 -62.94 6.66 12.82
C ARG B 170 -63.09 7.94 13.60
N PHE B 171 -63.91 8.86 13.12
CA PHE B 171 -64.06 10.10 13.82
C PHE B 171 -65.35 10.10 14.59
N GLN B 172 -66.47 10.35 13.90
CA GLN B 172 -67.77 10.59 14.50
C GLN B 172 -67.96 10.08 15.92
N ILE B 173 -68.00 8.76 16.12
CA ILE B 173 -68.17 8.12 17.44
C ILE B 173 -68.95 8.91 18.51
N LYS B 174 -68.35 9.86 19.24
CA LYS B 174 -69.09 10.61 20.25
C LYS B 174 -68.32 11.84 20.73
N GLY B 175 -67.35 12.29 19.94
CA GLY B 175 -66.55 13.43 20.31
C GLY B 175 -65.86 13.95 19.07
N GLN C 1 -68.17 8.74 29.26
CA GLN C 1 -66.97 8.20 29.84
C GLN C 1 -66.87 9.30 30.87
N ASP C 2 -65.85 10.15 30.86
CA ASP C 2 -65.83 11.31 31.74
C ASP C 2 -66.96 12.27 31.37
N LEU C 3 -67.17 13.20 32.29
CA LEU C 3 -68.24 14.16 32.22
C LEU C 3 -67.73 15.47 31.60
N PRO C 4 -68.54 16.55 31.44
CA PRO C 4 -68.14 17.82 30.89
C PRO C 4 -66.83 18.44 31.36
N GLY C 5 -65.82 18.32 30.50
CA GLY C 5 -64.57 19.04 30.64
C GLY C 5 -64.89 20.45 30.20
N ASN C 6 -65.40 21.24 31.15
CA ASN C 6 -65.79 22.64 30.96
C ASN C 6 -64.76 23.41 30.17
N ASP C 7 -63.50 23.28 30.57
CA ASP C 7 -62.44 23.86 29.81
C ASP C 7 -61.81 22.79 28.95
N ASN C 8 -61.51 23.23 27.73
CA ASN C 8 -60.91 22.43 26.67
C ASN C 8 -59.91 23.38 26.03
N SER C 9 -58.70 23.16 26.49
CA SER C 9 -57.52 23.91 26.16
C SER C 9 -56.60 23.01 25.34
N THR C 10 -55.44 23.51 24.92
CA THR C 10 -54.50 22.78 24.12
C THR C 10 -53.14 22.85 24.80
N ALA C 11 -52.13 22.11 24.33
CA ALA C 11 -50.80 22.18 24.89
C ALA C 11 -49.80 22.18 23.74
N THR C 12 -48.54 22.54 23.95
CA THR C 12 -47.54 22.50 22.91
C THR C 12 -46.39 21.69 23.39
N LEU C 13 -45.88 20.77 22.61
CA LEU C 13 -44.73 19.99 22.99
C LEU C 13 -43.70 20.15 21.89
N CYS C 14 -42.42 20.41 22.15
CA CYS C 14 -41.48 20.63 21.08
C CYS C 14 -40.29 19.77 21.31
N LEU C 15 -39.87 19.08 20.28
CA LEU C 15 -38.73 18.24 20.39
C LEU C 15 -37.52 19.02 19.90
N GLY C 16 -36.34 18.72 20.41
CA GLY C 16 -35.16 19.43 20.00
C GLY C 16 -33.95 18.66 20.44
N HIS C 17 -32.78 19.28 20.26
CA HIS C 17 -31.50 18.66 20.58
C HIS C 17 -30.56 19.67 21.18
N HIS C 18 -29.48 19.33 21.88
CA HIS C 18 -28.56 20.32 22.42
C HIS C 18 -27.75 21.06 21.38
N ALA C 19 -26.95 21.98 21.82
CA ALA C 19 -26.06 22.78 21.01
C ALA C 19 -25.03 23.34 21.98
N VAL C 20 -23.81 23.64 21.60
CA VAL C 20 -22.84 24.13 22.53
C VAL C 20 -22.37 25.47 22.01
N PRO C 21 -21.86 26.39 22.81
CA PRO C 21 -21.42 27.68 22.33
C PRO C 21 -20.15 27.57 21.54
N ASN C 22 -19.30 26.66 21.99
CA ASN C 22 -18.00 26.39 21.41
C ASN C 22 -18.13 25.45 20.22
N GLY C 23 -17.76 24.16 20.19
CA GLY C 23 -18.01 23.41 18.94
C GLY C 23 -16.78 23.32 18.06
N THR C 24 -16.57 22.22 17.32
CA THR C 24 -15.32 21.99 16.63
C THR C 24 -15.55 21.76 15.18
N LEU C 25 -14.62 22.16 14.31
CA LEU C 25 -14.81 21.94 12.89
C LEU C 25 -14.23 20.61 12.45
N VAL C 26 -14.98 19.78 11.72
CA VAL C 26 -14.49 18.49 11.26
C VAL C 26 -14.69 18.35 9.77
N LYS C 27 -13.94 17.48 9.10
CA LYS C 27 -14.06 17.23 7.65
C LYS C 27 -15.12 16.16 7.42
N THR C 28 -15.68 16.10 6.23
CA THR C 28 -16.79 15.22 5.88
C THR C 28 -16.57 14.76 4.45
N ILE C 29 -17.49 13.98 3.91
CA ILE C 29 -17.44 13.55 2.53
C ILE C 29 -17.83 14.77 1.78
N THR C 30 -18.90 15.46 2.13
CA THR C 30 -19.34 16.63 1.37
C THR C 30 -18.80 17.99 1.76
N ASP C 31 -18.30 18.18 2.99
CA ASP C 31 -17.79 19.47 3.45
C ASP C 31 -16.42 19.23 4.03
N ASP C 32 -15.60 20.25 4.20
CA ASP C 32 -14.32 20.06 4.84
C ASP C 32 -14.18 20.94 6.07
N GLN C 33 -15.18 21.76 6.34
CA GLN C 33 -15.28 22.33 7.65
C GLN C 33 -16.73 22.30 7.99
N ILE C 34 -17.16 21.49 8.93
CA ILE C 34 -18.53 21.56 9.36
C ILE C 34 -18.42 21.52 10.87
N GLU C 35 -19.21 22.30 11.60
CA GLU C 35 -19.04 22.37 13.03
C GLU C 35 -19.88 21.35 13.76
N VAL C 36 -19.26 20.55 14.61
CA VAL C 36 -19.93 19.57 15.41
C VAL C 36 -19.83 19.97 16.88
N THR C 37 -20.70 19.46 17.71
CA THR C 37 -20.70 19.58 19.13
C THR C 37 -19.41 19.15 19.75
N ASN C 38 -18.73 18.12 19.27
CA ASN C 38 -17.54 17.63 19.94
C ASN C 38 -16.71 16.74 19.00
N ALA C 39 -15.41 16.65 19.18
CA ALA C 39 -14.60 15.82 18.33
C ALA C 39 -13.44 15.26 19.15
N THR C 40 -12.66 14.32 18.64
CA THR C 40 -11.53 13.77 19.35
C THR C 40 -10.40 13.62 18.33
N GLU C 41 -9.16 13.82 18.76
CA GLU C 41 -8.03 13.88 17.85
C GLU C 41 -7.45 12.51 17.60
N LEU C 42 -7.16 12.16 16.34
CA LEU C 42 -6.65 10.85 16.12
C LEU C 42 -5.18 10.87 15.74
N VAL C 43 -4.54 12.01 15.55
CA VAL C 43 -3.12 12.01 15.22
C VAL C 43 -2.32 12.39 16.44
N GLN C 44 -1.51 11.51 16.99
CA GLN C 44 -0.61 11.82 18.11
C GLN C 44 0.52 12.66 17.54
N SER C 45 0.76 13.86 18.05
CA SER C 45 1.81 14.68 17.44
C SER C 45 2.88 15.23 18.36
N SER C 46 3.03 14.70 19.55
CA SER C 46 4.07 15.21 20.41
C SER C 46 4.73 14.10 21.17
N SER C 47 6.02 14.21 21.37
CA SER C 47 6.74 13.23 22.13
C SER C 47 6.97 13.79 23.51
N THR C 48 7.27 12.90 24.43
CA THR C 48 7.68 13.31 25.76
C THR C 48 9.10 13.86 25.66
N GLY C 49 9.86 13.48 24.65
CA GLY C 49 11.21 13.93 24.51
C GLY C 49 12.16 12.99 25.19
N LYS C 50 11.69 11.91 25.80
CA LYS C 50 12.57 10.98 26.50
C LYS C 50 12.25 9.55 26.13
N ILE C 51 13.25 8.69 26.01
CA ILE C 51 13.00 7.31 25.70
C ILE C 51 12.70 6.60 27.01
N CYS C 52 11.48 6.18 27.30
CA CYS C 52 11.23 5.44 28.51
C CYS C 52 11.95 4.12 28.49
N ASN C 53 12.58 3.77 29.59
CA ASN C 53 13.38 2.56 29.70
C ASN C 53 12.58 1.31 30.04
N ASN C 54 11.30 1.34 29.76
CA ASN C 54 10.43 0.23 30.14
C ASN C 54 9.21 0.29 29.25
N PRO C 55 8.59 -0.77 28.74
CA PRO C 55 8.92 -2.17 28.90
C PRO C 55 10.05 -2.80 28.13
N HIS C 56 10.68 -2.11 27.18
CA HIS C 56 11.68 -2.82 26.38
C HIS C 56 13.05 -2.60 27.00
N ARG C 57 14.04 -3.41 26.69
CA ARG C 57 15.34 -3.25 27.26
C ARG C 57 16.16 -2.27 26.46
N ILE C 58 16.24 -1.01 26.83
CA ILE C 58 17.01 -0.05 26.05
C ILE C 58 18.50 -0.17 26.40
N LEU C 59 19.45 -0.34 25.48
CA LEU C 59 20.87 -0.33 25.83
C LEU C 59 21.44 1.01 25.34
N ASP C 60 21.94 1.94 26.15
CA ASP C 60 22.40 3.22 25.63
C ASP C 60 23.80 3.02 25.14
N GLY C 61 24.09 3.33 23.90
CA GLY C 61 25.41 3.06 23.37
C GLY C 61 26.48 4.01 23.91
N ILE C 62 26.05 5.10 24.57
CA ILE C 62 26.91 6.18 25.02
C ILE C 62 27.82 6.57 23.85
N ASP C 63 29.14 6.46 23.88
CA ASP C 63 29.94 6.91 22.76
C ASP C 63 30.49 5.73 21.93
N CYS C 64 29.70 4.66 21.90
CA CYS C 64 30.00 3.50 21.08
C CYS C 64 28.90 3.24 20.06
N THR C 65 29.30 2.98 18.82
CA THR C 65 28.35 2.52 17.85
C THR C 65 28.28 1.03 18.09
N LEU C 66 27.20 0.35 17.68
CA LEU C 66 27.12 -1.08 17.84
C LEU C 66 28.30 -1.79 17.17
N ILE C 67 28.73 -1.43 15.96
CA ILE C 67 29.84 -2.17 15.36
C ILE C 67 31.13 -2.07 16.20
N ASP C 68 31.47 -0.91 16.81
CA ASP C 68 32.68 -0.86 17.62
C ASP C 68 32.49 -1.68 18.87
N ALA C 69 31.30 -1.62 19.48
CA ALA C 69 30.98 -2.45 20.61
C ALA C 69 31.14 -3.95 20.27
N LEU C 70 30.79 -4.35 19.04
CA LEU C 70 30.93 -5.73 18.56
C LEU C 70 32.39 -6.08 18.39
N LEU C 71 33.14 -5.27 17.60
CA LEU C 71 34.54 -5.56 17.34
C LEU C 71 35.41 -5.55 18.61
N GLY C 72 35.11 -4.62 19.52
CA GLY C 72 35.80 -4.55 20.78
C GLY C 72 36.83 -3.45 20.83
N ASP C 73 36.42 -2.26 20.38
CA ASP C 73 37.21 -1.06 20.53
C ASP C 73 37.45 -0.94 22.03
N PRO C 74 38.66 -0.68 22.54
CA PRO C 74 38.95 -0.58 23.96
C PRO C 74 37.92 0.23 24.70
N HIS C 75 37.57 1.39 24.17
CA HIS C 75 36.68 2.25 24.92
C HIS C 75 35.28 1.71 24.98
N CYS C 76 34.95 0.68 24.21
CA CYS C 76 33.63 0.09 24.24
C CYS C 76 33.64 -1.20 24.97
N ASP C 77 34.69 -1.51 25.73
CA ASP C 77 34.72 -2.81 26.41
C ASP C 77 33.60 -3.02 27.42
N VAL C 78 32.96 -1.92 27.79
CA VAL C 78 31.79 -1.94 28.66
C VAL C 78 30.71 -2.85 28.10
N PHE C 79 30.57 -2.93 26.78
CA PHE C 79 29.44 -3.64 26.19
C PHE C 79 29.63 -5.13 26.00
N GLN C 80 30.69 -5.78 26.51
CA GLN C 80 30.90 -7.19 26.17
C GLN C 80 29.76 -8.04 26.68
N ASN C 81 29.31 -8.99 25.88
CA ASN C 81 28.24 -9.90 26.28
C ASN C 81 26.95 -9.21 26.65
N GLU C 82 26.78 -7.97 26.21
CA GLU C 82 25.59 -7.23 26.54
C GLU C 82 24.37 -7.61 25.66
N THR C 83 23.16 -7.18 25.99
CA THR C 83 21.96 -7.55 25.24
C THR C 83 20.98 -6.39 25.20
N TRP C 84 19.99 -6.38 24.31
CA TRP C 84 19.12 -5.23 24.18
C TRP C 84 17.86 -5.58 23.44
N ASP C 85 16.79 -4.87 23.73
CA ASP C 85 15.65 -4.92 22.85
C ASP C 85 15.88 -3.81 21.83
N LEU C 86 16.50 -2.71 22.25
CA LEU C 86 16.74 -1.60 21.36
C LEU C 86 18.08 -1.06 21.73
N PHE C 87 19.01 -0.99 20.79
CA PHE C 87 20.29 -0.39 21.04
C PHE C 87 20.19 1.02 20.55
N VAL C 88 20.36 2.03 21.38
CA VAL C 88 20.31 3.42 20.93
C VAL C 88 21.71 3.88 20.56
N GLU C 89 21.96 4.32 19.34
CA GLU C 89 23.27 4.81 18.93
C GLU C 89 23.24 6.32 18.97
N ARG C 90 24.30 6.92 19.53
CA ARG C 90 24.27 8.36 19.76
C ARG C 90 25.07 9.11 18.74
N SER C 91 24.71 10.35 18.43
CA SER C 91 25.39 11.08 17.39
C SER C 91 26.85 11.35 17.71
N LYS C 92 27.16 11.28 18.99
CA LYS C 92 28.45 11.58 19.55
C LYS C 92 29.40 10.43 19.54
N ALA C 93 28.96 9.24 19.17
CA ALA C 93 29.81 8.08 19.28
C ALA C 93 31.03 8.20 18.39
N PHE C 94 32.11 7.55 18.78
CA PHE C 94 33.33 7.72 18.02
C PHE C 94 34.10 6.43 18.08
N SER C 95 34.86 6.20 17.05
CA SER C 95 35.76 5.06 17.05
C SER C 95 37.12 5.56 17.47
N ASN C 96 37.88 4.73 18.14
CA ASN C 96 39.14 5.15 18.64
C ASN C 96 40.09 3.97 18.76
N CYS C 97 40.26 3.22 17.69
CA CYS C 97 41.18 2.10 17.66
C CYS C 97 41.70 2.03 16.22
N TYR C 98 42.30 0.92 15.77
CA TYR C 98 42.84 0.78 14.42
C TYR C 98 41.81 1.19 13.35
N PRO C 99 42.14 1.95 12.30
CA PRO C 99 41.19 2.33 11.26
C PRO C 99 40.72 1.14 10.46
N TYR C 100 39.41 0.98 10.32
CA TYR C 100 38.84 -0.16 9.64
C TYR C 100 37.73 0.30 8.73
N ASP C 101 37.27 -0.55 7.83
CA ASP C 101 36.07 -0.29 7.07
C ASP C 101 35.37 -1.62 6.98
N VAL C 102 34.05 -1.60 6.86
CA VAL C 102 33.30 -2.86 6.76
C VAL C 102 32.61 -2.82 5.42
N PRO C 103 33.00 -3.60 4.41
CA PRO C 103 32.40 -3.66 3.10
C PRO C 103 30.87 -3.62 3.11
N ASP C 104 30.12 -4.38 3.90
CA ASP C 104 28.70 -4.10 3.86
C ASP C 104 28.26 -3.75 5.26
N TYR C 105 28.80 -2.63 5.74
CA TYR C 105 28.55 -2.16 7.08
C TYR C 105 27.07 -2.23 7.45
N ALA C 106 26.22 -1.81 6.53
CA ALA C 106 24.79 -1.81 6.75
C ALA C 106 24.23 -3.19 7.03
N SER C 107 24.64 -4.24 6.31
CA SER C 107 24.13 -5.54 6.66
C SER C 107 24.66 -6.00 7.98
N LEU C 108 25.94 -5.82 8.31
CA LEU C 108 26.49 -6.33 9.56
C LEU C 108 25.83 -5.63 10.73
N ARG C 109 25.64 -4.30 10.66
CA ARG C 109 24.93 -3.58 11.69
C ARG C 109 23.49 -4.11 11.82
N SER C 110 22.78 -4.49 10.74
CA SER C 110 21.40 -4.97 10.82
C SER C 110 21.32 -6.32 11.50
N LEU C 111 22.17 -7.17 10.95
CA LEU C 111 22.33 -8.53 11.32
C LEU C 111 22.60 -8.68 12.80
N VAL C 112 23.56 -7.94 13.37
CA VAL C 112 23.79 -7.94 14.81
C VAL C 112 22.62 -7.27 15.53
N ALA C 113 22.16 -6.12 15.06
CA ALA C 113 21.11 -5.36 15.74
C ALA C 113 19.87 -6.15 16.03
N SER C 114 19.42 -7.03 15.13
CA SER C 114 18.21 -7.75 15.45
C SER C 114 18.45 -9.04 16.20
N SER C 115 19.71 -9.52 16.18
CA SER C 115 20.12 -10.69 16.93
C SER C 115 19.99 -10.29 18.38
N GLY C 116 20.46 -9.09 18.71
CA GLY C 116 20.24 -8.56 20.04
C GLY C 116 21.18 -9.06 21.14
N THR C 117 22.30 -9.69 20.84
CA THR C 117 23.17 -10.12 21.87
C THR C 117 24.60 -9.97 21.37
N LEU C 118 25.51 -9.63 22.29
CA LEU C 118 26.92 -9.57 21.98
C LEU C 118 27.71 -10.67 22.69
N GLU C 119 26.97 -11.71 23.14
CA GLU C 119 27.52 -12.90 23.79
C GLU C 119 28.62 -13.52 22.97
N PHE C 120 29.81 -13.57 23.54
CA PHE C 120 30.96 -14.05 22.80
C PHE C 120 31.55 -15.26 23.49
N ILE C 121 31.81 -16.30 22.73
CA ILE C 121 32.41 -17.50 23.24
C ILE C 121 33.80 -17.58 22.64
N THR C 122 34.83 -17.76 23.45
CA THR C 122 36.18 -17.82 22.89
C THR C 122 36.49 -19.25 22.50
N GLU C 123 37.06 -19.49 21.34
CA GLU C 123 37.33 -20.84 20.94
C GLU C 123 38.82 -21.05 20.82
N GLY C 124 39.24 -22.32 20.89
CA GLY C 124 40.65 -22.63 20.93
C GLY C 124 41.27 -22.70 19.55
N PHE C 125 41.39 -21.60 18.83
CA PHE C 125 42.04 -21.68 17.54
C PHE C 125 43.54 -21.87 17.78
N THR C 126 44.18 -22.80 17.07
CA THR C 126 45.61 -22.88 17.28
C THR C 126 46.34 -22.36 16.07
N TRP C 127 46.99 -21.20 16.23
CA TRP C 127 47.70 -20.61 15.12
C TRP C 127 49.15 -21.05 15.22
N THR C 128 49.64 -21.99 14.42
CA THR C 128 51.04 -22.36 14.61
C THR C 128 51.99 -21.68 13.64
N GLY C 129 53.02 -21.06 14.19
CA GLY C 129 54.03 -20.51 13.32
C GLY C 129 53.86 -19.02 13.04
N VAL C 130 52.92 -18.37 13.73
CA VAL C 130 52.73 -16.95 13.58
C VAL C 130 52.75 -16.34 14.97
N THR C 131 53.07 -15.06 15.05
CA THR C 131 53.04 -14.33 16.29
C THR C 131 51.62 -13.85 16.50
N GLN C 132 51.02 -14.15 17.64
CA GLN C 132 49.66 -13.74 17.94
C GLN C 132 49.54 -12.40 18.65
N ASN C 133 48.32 -11.95 18.86
CA ASN C 133 48.01 -10.80 19.70
C ASN C 133 48.65 -9.49 19.31
N GLY C 134 48.91 -9.28 18.01
CA GLY C 134 49.47 -8.03 17.54
C GLY C 134 48.58 -6.85 17.94
N GLY C 135 49.18 -5.68 18.15
CA GLY C 135 48.42 -4.52 18.56
C GLY C 135 49.00 -3.31 17.89
N SER C 136 48.46 -2.17 18.23
CA SER C 136 48.86 -0.94 17.61
C SER C 136 48.66 0.13 18.63
N ASN C 137 49.41 1.19 18.43
CA ASN C 137 49.27 2.33 19.27
C ASN C 137 48.05 3.17 18.95
N ALA C 138 47.41 3.00 17.79
CA ALA C 138 46.17 3.72 17.51
C ALA C 138 45.03 3.13 18.31
N CYS C 139 45.23 1.93 18.89
CA CYS C 139 44.22 1.25 19.68
C CYS C 139 44.84 1.00 21.03
N LYS C 140 45.08 2.05 21.79
CA LYS C 140 45.73 1.96 23.09
C LYS C 140 44.86 1.20 24.07
N ARG C 141 45.35 0.17 24.73
CA ARG C 141 44.51 -0.43 25.76
C ARG C 141 45.37 -0.24 26.97
N GLY C 142 44.87 0.68 27.77
CA GLY C 142 45.60 1.13 28.94
C GLY C 142 46.74 2.03 28.47
N PRO C 143 47.93 1.92 29.04
CA PRO C 143 49.07 2.73 28.63
C PRO C 143 49.67 2.20 27.33
N GLY C 144 49.44 0.91 27.06
CA GLY C 144 50.07 0.20 25.95
C GLY C 144 49.29 0.19 24.65
N SER C 145 49.88 -0.51 23.72
CA SER C 145 49.28 -0.75 22.43
C SER C 145 48.16 -1.77 22.64
N GLY C 146 47.19 -1.86 21.72
CA GLY C 146 46.14 -2.85 21.84
C GLY C 146 45.50 -3.05 20.47
N PHE C 147 44.34 -3.68 20.47
CA PHE C 147 43.61 -3.98 19.27
C PHE C 147 42.21 -4.36 19.71
N PHE C 148 41.35 -4.68 18.77
CA PHE C 148 39.97 -5.06 19.06
C PHE C 148 39.95 -6.30 19.94
N SER C 149 39.23 -6.26 21.07
CA SER C 149 39.22 -7.38 21.96
C SER C 149 38.76 -8.67 21.34
N ARG C 150 37.89 -8.62 20.34
CA ARG C 150 37.41 -9.86 19.76
C ARG C 150 38.16 -10.33 18.52
N LEU C 151 39.28 -9.72 18.12
CA LEU C 151 40.00 -10.07 16.89
C LEU C 151 41.46 -10.37 17.22
N ASN C 152 42.18 -11.19 16.47
CA ASN C 152 43.55 -11.56 16.83
C ASN C 152 44.46 -11.31 15.65
N TRP C 153 45.36 -10.32 15.73
CA TRP C 153 46.20 -9.94 14.59
C TRP C 153 47.40 -10.84 14.53
N LEU C 154 47.60 -11.54 13.43
CA LEU C 154 48.68 -12.47 13.34
C LEU C 154 49.72 -11.88 12.42
N THR C 155 50.97 -11.99 12.86
CA THR C 155 52.13 -11.56 12.09
C THR C 155 53.13 -12.70 11.99
N LYS C 156 54.22 -12.58 11.24
CA LYS C 156 55.14 -13.70 11.07
C LYS C 156 55.83 -14.09 12.36
N SER C 157 56.37 -15.29 12.38
CA SER C 157 57.23 -15.68 13.45
C SER C 157 58.64 -15.85 12.86
N GLY C 158 59.59 -15.07 13.38
CA GLY C 158 60.95 -15.12 12.92
C GLY C 158 61.05 -14.65 11.47
N SER C 159 61.10 -15.60 10.58
CA SER C 159 61.34 -15.30 9.18
C SER C 159 60.29 -15.90 8.28
N THR C 160 59.17 -16.28 8.88
CA THR C 160 58.18 -17.04 8.15
C THR C 160 56.78 -16.81 8.62
N TYR C 161 55.89 -16.81 7.65
CA TYR C 161 54.46 -16.82 7.90
C TYR C 161 54.08 -18.05 7.12
N PRO C 162 53.60 -19.12 7.78
CA PRO C 162 53.21 -20.36 7.14
C PRO C 162 51.84 -20.24 6.50
N VAL C 163 51.40 -21.26 5.78
CA VAL C 163 50.03 -21.21 5.31
C VAL C 163 49.19 -21.74 6.43
N LEU C 164 48.45 -20.86 7.07
CA LEU C 164 47.55 -21.25 8.12
C LEU C 164 46.36 -21.94 7.46
N ASN C 165 45.95 -23.08 8.01
CA ASN C 165 44.80 -23.81 7.52
C ASN C 165 44.12 -24.39 8.74
N VAL C 166 43.17 -23.71 9.38
CA VAL C 166 42.58 -24.25 10.61
C VAL C 166 41.10 -24.56 10.42
N THR C 167 40.48 -25.25 11.37
CA THR C 167 39.08 -25.60 11.23
C THR C 167 38.39 -25.60 12.58
N MET C 168 37.12 -25.24 12.60
CA MET C 168 36.36 -25.15 13.83
C MET C 168 34.94 -25.59 13.49
N PRO C 169 34.53 -26.78 13.95
CA PRO C 169 33.21 -27.36 13.66
C PRO C 169 32.10 -26.73 14.44
N ASN C 170 30.96 -26.60 13.80
CA ASN C 170 29.81 -26.13 14.55
C ASN C 170 29.14 -27.39 15.03
N ASN C 171 29.34 -27.70 16.29
CA ASN C 171 28.76 -28.92 16.82
C ASN C 171 27.57 -28.67 17.70
N ASP C 172 27.28 -27.42 17.96
CA ASP C 172 26.19 -27.02 18.80
C ASP C 172 24.98 -26.96 17.90
N ASN C 173 23.86 -26.62 18.48
CA ASN C 173 22.60 -26.62 17.77
C ASN C 173 22.15 -25.19 17.44
N PHE C 174 23.09 -24.25 17.30
CA PHE C 174 22.71 -22.88 16.99
C PHE C 174 23.69 -22.34 15.95
N ASP C 175 23.36 -21.21 15.32
CA ASP C 175 24.23 -20.61 14.34
C ASP C 175 25.32 -19.81 15.04
N LYS C 176 26.50 -19.79 14.45
CA LYS C 176 27.63 -19.10 15.03
C LYS C 176 28.00 -17.98 14.10
N LEU C 177 28.19 -16.76 14.59
CA LEU C 177 28.59 -15.65 13.76
C LEU C 177 30.07 -15.43 13.99
N TYR C 178 30.92 -15.55 12.98
CA TYR C 178 32.33 -15.29 13.12
C TYR C 178 32.68 -13.97 12.45
N ILE C 179 33.26 -12.99 13.16
CA ILE C 179 33.72 -11.73 12.56
C ILE C 179 35.22 -11.89 12.33
N TRP C 180 35.75 -11.76 11.13
CA TRP C 180 37.17 -11.85 10.92
C TRP C 180 37.60 -10.69 10.03
N GLY C 181 38.85 -10.56 9.56
CA GLY C 181 39.20 -9.38 8.78
C GLY C 181 40.48 -9.57 8.03
N ILE C 182 40.99 -8.52 7.38
CA ILE C 182 42.21 -8.61 6.62
C ILE C 182 42.91 -7.29 6.78
N HIS C 183 44.26 -7.25 6.81
CA HIS C 183 45.01 -6.02 6.99
C HIS C 183 45.53 -5.53 5.65
N HIS C 184 45.36 -4.24 5.33
CA HIS C 184 45.82 -3.71 4.07
C HIS C 184 47.01 -2.85 4.37
N PRO C 185 48.23 -3.28 4.10
CA PRO C 185 49.44 -2.53 4.38
C PRO C 185 49.58 -1.22 3.60
N SER C 186 50.33 -0.26 4.10
CA SER C 186 50.53 0.93 3.32
C SER C 186 51.59 0.73 2.28
N THR C 187 52.64 -0.04 2.56
CA THR C 187 53.75 -0.16 1.65
C THR C 187 54.12 -1.61 1.48
N ASN C 188 54.72 -1.99 0.35
CA ASN C 188 55.17 -3.38 0.14
C ASN C 188 56.18 -3.79 1.20
N GLN C 189 56.97 -2.82 1.65
CA GLN C 189 57.91 -3.06 2.73
C GLN C 189 57.11 -3.47 3.94
N GLU C 190 56.09 -2.70 4.34
CA GLU C 190 55.24 -3.06 5.48
C GLU C 190 54.69 -4.48 5.33
N GLN C 191 54.24 -4.84 4.13
CA GLN C 191 53.71 -6.17 3.85
C GLN C 191 54.74 -7.23 4.17
N THR C 192 55.92 -7.15 3.57
CA THR C 192 56.93 -8.18 3.78
C THR C 192 57.46 -8.20 5.21
N SER C 193 57.55 -7.03 5.84
CA SER C 193 57.99 -6.95 7.21
C SER C 193 57.07 -7.72 8.13
N LEU C 194 55.75 -7.61 7.92
CA LEU C 194 54.81 -8.27 8.79
C LEU C 194 54.46 -9.67 8.34
N TYR C 195 54.21 -9.91 7.06
CA TYR C 195 53.64 -11.18 6.62
C TYR C 195 54.54 -11.95 5.68
N VAL C 196 55.78 -11.47 5.45
CA VAL C 196 56.81 -12.10 4.62
C VAL C 196 56.40 -12.18 3.16
N GLN C 197 55.37 -12.96 2.80
CA GLN C 197 54.83 -13.02 1.45
C GLN C 197 54.55 -11.63 0.92
N ALA C 198 54.89 -11.31 -0.32
CA ALA C 198 54.58 -9.98 -0.85
C ALA C 198 53.10 -9.81 -1.22
N SER C 199 52.32 -10.89 -1.18
CA SER C 199 50.91 -10.80 -1.44
C SER C 199 50.22 -11.78 -0.50
N GLY C 200 49.43 -11.26 0.46
CA GLY C 200 48.67 -12.12 1.38
C GLY C 200 47.41 -12.65 0.70
N ARG C 201 46.60 -13.41 1.42
CA ARG C 201 45.36 -14.00 0.90
C ARG C 201 44.59 -14.59 2.07
N VAL C 202 43.31 -14.33 2.20
CA VAL C 202 42.53 -14.96 3.26
C VAL C 202 41.37 -15.67 2.59
N THR C 203 41.16 -16.96 2.83
CA THR C 203 40.01 -17.70 2.31
C THR C 203 39.27 -18.25 3.52
N VAL C 204 38.03 -17.87 3.77
CA VAL C 204 37.30 -18.39 4.90
C VAL C 204 36.11 -19.09 4.28
N SER C 205 35.84 -20.34 4.65
CA SER C 205 34.81 -21.11 3.97
C SER C 205 34.08 -22.03 4.88
N THR C 206 32.95 -22.52 4.40
CA THR C 206 32.17 -23.53 5.10
C THR C 206 31.79 -24.57 4.04
N ARG C 207 30.90 -25.52 4.31
CA ARG C 207 30.46 -26.41 3.26
C ARG C 207 29.61 -25.66 2.27
N ARG C 208 29.00 -24.58 2.73
CA ARG C 208 28.10 -23.78 1.92
C ARG C 208 28.71 -22.61 1.16
N SER C 209 29.77 -21.99 1.68
CA SER C 209 30.22 -20.77 1.05
C SER C 209 31.73 -20.65 1.12
N GLN C 210 32.26 -19.60 0.50
CA GLN C 210 33.66 -19.28 0.61
C GLN C 210 33.83 -17.81 0.31
N GLN C 211 34.77 -17.16 0.96
CA GLN C 211 35.11 -15.80 0.68
C GLN C 211 36.61 -15.83 0.57
N THR C 212 37.18 -15.36 -0.53
CA THR C 212 38.62 -15.21 -0.53
C THR C 212 38.83 -13.73 -0.77
N ILE C 213 39.51 -13.06 0.15
CA ILE C 213 39.77 -11.65 0.06
C ILE C 213 41.28 -11.51 -0.09
N ILE C 214 41.79 -10.64 -0.96
CA ILE C 214 43.23 -10.42 -0.96
C ILE C 214 43.44 -8.98 -0.56
N PRO C 215 44.47 -8.62 0.23
CA PRO C 215 44.73 -7.27 0.71
C PRO C 215 45.07 -6.30 -0.40
N ASN C 216 45.15 -5.01 -0.10
CA ASN C 216 45.46 -4.01 -1.13
C ASN C 216 46.45 -3.02 -0.57
N ILE C 217 47.65 -2.97 -1.12
CA ILE C 217 48.65 -2.11 -0.56
C ILE C 217 48.56 -0.71 -1.15
N GLY C 218 48.74 0.32 -0.33
CA GLY C 218 48.68 1.68 -0.80
C GLY C 218 48.42 2.63 0.36
N SER C 219 48.71 3.90 0.20
CA SER C 219 48.47 4.85 1.25
C SER C 219 47.04 5.36 1.22
N ARG C 220 46.44 5.32 2.38
CA ARG C 220 45.15 5.95 2.58
C ARG C 220 45.40 7.20 3.45
N PRO C 221 44.42 8.05 3.74
CA PRO C 221 44.64 9.19 4.59
C PRO C 221 45.06 8.77 5.99
N TRP C 222 45.93 9.56 6.59
CA TRP C 222 46.34 9.41 7.97
C TRP C 222 45.11 9.47 8.87
N VAL C 223 44.83 8.36 9.55
CA VAL C 223 43.77 8.28 10.52
C VAL C 223 44.42 7.64 11.73
N ARG C 224 44.43 8.39 12.84
CA ARG C 224 45.09 8.02 14.08
C ARG C 224 46.53 7.54 13.92
N GLY C 225 47.25 8.28 13.09
CA GLY C 225 48.64 7.99 12.86
C GLY C 225 48.90 6.93 11.79
N LEU C 226 47.85 6.41 11.16
CA LEU C 226 48.01 5.31 10.23
C LEU C 226 47.38 5.48 8.86
N SER C 227 48.08 4.97 7.84
CA SER C 227 47.58 4.91 6.48
C SER C 227 47.09 3.53 6.11
N SER C 228 47.32 2.56 6.97
CA SER C 228 46.82 1.23 6.73
C SER C 228 45.36 1.17 7.17
N ARG C 229 44.69 0.07 6.85
CA ARG C 229 43.29 -0.08 7.15
C ARG C 229 43.08 -1.55 7.39
N ILE C 230 42.04 -1.97 8.10
CA ILE C 230 41.72 -3.38 8.08
C ILE C 230 40.27 -3.47 7.64
N SER C 231 39.87 -4.37 6.74
CA SER C 231 38.46 -4.44 6.38
C SER C 231 37.87 -5.62 7.13
N ILE C 232 36.67 -5.46 7.71
CA ILE C 232 35.99 -6.47 8.52
C ILE C 232 35.01 -7.31 7.67
N TYR C 233 34.91 -8.61 7.86
CA TYR C 233 34.01 -9.49 7.14
C TYR C 233 33.32 -10.41 8.14
N TRP C 234 32.28 -11.16 7.80
CA TRP C 234 31.57 -11.98 8.77
C TRP C 234 31.16 -13.29 8.15
N THR C 235 31.05 -14.40 8.87
CA THR C 235 30.68 -15.67 8.26
C THR C 235 29.76 -16.33 9.22
N ILE C 236 28.59 -16.80 8.82
CA ILE C 236 27.75 -17.47 9.81
C ILE C 236 27.94 -18.94 9.54
N VAL C 237 28.08 -19.76 10.56
CA VAL C 237 28.30 -21.18 10.38
C VAL C 237 27.10 -21.85 11.00
N LYS C 238 26.40 -22.64 10.21
CA LYS C 238 25.16 -23.26 10.65
C LYS C 238 25.48 -24.49 11.48
N PRO C 239 24.57 -25.08 12.29
CA PRO C 239 24.83 -26.26 13.10
C PRO C 239 25.19 -27.40 12.16
N GLY C 240 26.20 -28.14 12.54
CA GLY C 240 26.64 -29.25 11.74
C GLY C 240 27.67 -28.86 10.70
N ASP C 241 27.83 -27.56 10.40
CA ASP C 241 28.77 -27.19 9.36
C ASP C 241 30.16 -27.02 9.92
N VAL C 242 31.11 -26.41 9.23
CA VAL C 242 32.46 -26.33 9.73
C VAL C 242 33.10 -25.12 9.11
N LEU C 243 33.89 -24.39 9.89
CA LEU C 243 34.60 -23.24 9.36
C LEU C 243 36.00 -23.72 9.01
N VAL C 244 36.57 -23.32 7.88
CA VAL C 244 37.97 -23.56 7.58
C VAL C 244 38.55 -22.19 7.22
N ILE C 245 39.63 -21.74 7.89
CA ILE C 245 40.23 -20.43 7.67
C ILE C 245 41.55 -20.77 7.08
N ASN C 246 41.88 -20.19 5.94
CA ASN C 246 43.11 -20.53 5.29
C ASN C 246 43.81 -19.25 4.84
N SER C 247 45.02 -18.98 5.30
CA SER C 247 45.64 -17.76 4.93
C SER C 247 47.12 -17.94 4.82
N ASN C 248 47.67 -17.05 4.01
CA ASN C 248 49.08 -17.08 3.73
C ASN C 248 49.66 -15.69 3.98
N GLY C 249 48.93 -14.88 4.77
CA GLY C 249 49.35 -13.54 5.13
C GLY C 249 48.16 -12.60 5.25
N ASN C 250 48.26 -11.63 6.16
CA ASN C 250 47.30 -10.53 6.35
C ASN C 250 46.00 -10.87 7.05
N LEU C 251 45.87 -12.09 7.57
CA LEU C 251 44.66 -12.47 8.29
C LEU C 251 44.54 -11.78 9.63
N ILE C 252 43.41 -11.12 9.91
CA ILE C 252 43.07 -10.68 11.27
C ILE C 252 42.09 -11.77 11.74
N ALA C 253 42.51 -12.72 12.58
CA ALA C 253 41.73 -13.91 12.94
C ALA C 253 40.65 -13.78 14.00
N PRO C 254 39.54 -14.54 13.98
CA PRO C 254 38.50 -14.46 14.98
C PRO C 254 38.97 -15.09 16.27
N ARG C 255 38.50 -14.65 17.45
CA ARG C 255 38.88 -15.33 18.70
C ARG C 255 37.79 -16.29 19.18
N GLY C 256 36.67 -16.39 18.46
CA GLY C 256 35.58 -17.25 18.83
C GLY C 256 34.37 -16.77 18.06
N TYR C 257 33.19 -16.99 18.57
CA TYR C 257 32.00 -16.62 17.83
C TYR C 257 31.01 -15.86 18.69
N PHE C 258 30.22 -15.03 18.03
CA PHE C 258 29.11 -14.35 18.69
C PHE C 258 27.96 -15.30 18.48
N LYS C 259 27.10 -15.50 19.46
CA LYS C 259 26.01 -16.37 19.12
C LYS C 259 24.84 -15.56 18.67
N MET C 260 24.15 -16.10 17.69
CA MET C 260 23.04 -15.38 17.10
C MET C 260 21.75 -15.84 17.71
N ARG C 261 20.81 -14.90 17.83
CA ARG C 261 19.47 -15.30 18.16
C ARG C 261 18.42 -14.57 17.34
N THR C 262 17.17 -14.91 17.57
CA THR C 262 16.08 -14.48 16.75
C THR C 262 15.10 -13.86 17.69
N GLY C 263 14.85 -12.57 17.55
CA GLY C 263 13.94 -11.92 18.48
C GLY C 263 13.48 -10.60 17.93
N LYS C 264 13.04 -9.72 18.82
CA LYS C 264 12.48 -8.46 18.43
C LYS C 264 13.47 -7.31 18.53
N SER C 265 14.74 -7.58 18.58
CA SER C 265 15.69 -6.51 18.85
C SER C 265 15.92 -5.70 17.60
N SER C 266 16.33 -4.45 17.79
CA SER C 266 16.57 -3.56 16.69
C SER C 266 17.56 -2.50 17.17
N ILE C 267 17.86 -1.50 16.35
CA ILE C 267 18.79 -0.47 16.72
C ILE C 267 18.11 0.85 16.40
N MET C 268 18.44 1.99 17.01
CA MET C 268 17.79 3.25 16.70
C MET C 268 18.82 4.34 16.86
N ARG C 269 18.85 5.35 16.01
CA ARG C 269 19.81 6.41 16.19
C ARG C 269 18.98 7.48 16.82
N SER C 270 19.39 7.97 17.98
CA SER C 270 18.59 8.92 18.73
C SER C 270 19.50 9.58 19.76
N ASP C 271 19.33 10.87 19.94
CA ASP C 271 20.01 11.53 21.03
C ASP C 271 19.05 11.84 22.16
N ALA C 272 17.84 11.28 22.15
CA ALA C 272 16.95 11.51 23.26
C ALA C 272 17.49 10.85 24.55
N PRO C 273 17.21 11.43 25.72
CA PRO C 273 17.62 10.94 27.03
C PRO C 273 16.79 9.74 27.38
N ILE C 274 17.36 8.74 28.05
CA ILE C 274 16.53 7.65 28.50
C ILE C 274 16.06 8.03 29.90
N ASP C 275 14.86 7.61 30.26
CA ASP C 275 14.27 8.03 31.50
C ASP C 275 13.50 6.88 32.07
N THR C 276 13.01 6.98 33.28
CA THR C 276 12.35 5.82 33.84
C THR C 276 10.88 6.08 33.78
N CYS C 277 10.19 5.33 32.95
CA CYS C 277 8.75 5.46 32.75
C CYS C 277 8.34 4.30 31.88
N ILE C 278 7.06 3.95 31.75
CA ILE C 278 6.82 2.83 30.87
C ILE C 278 6.14 3.43 29.64
N SER C 279 6.55 2.99 28.47
CA SER C 279 5.98 3.43 27.23
C SER C 279 6.22 2.33 26.21
N GLU C 280 5.21 1.92 25.47
CA GLU C 280 5.43 0.90 24.48
C GLU C 280 6.06 1.36 23.18
N CYS C 281 5.73 2.58 22.77
CA CYS C 281 6.15 3.09 21.50
C CYS C 281 7.39 3.98 21.58
N ILE C 282 8.46 3.70 20.86
CA ILE C 282 9.64 4.54 20.90
C ILE C 282 9.81 5.11 19.52
N THR C 283 10.27 6.32 19.50
CA THR C 283 10.48 7.15 18.33
C THR C 283 11.83 7.75 18.57
N PRO C 284 12.67 8.09 17.61
CA PRO C 284 13.95 8.69 17.89
C PRO C 284 13.79 10.05 18.58
N ASN C 285 12.61 10.65 18.49
CA ASN C 285 12.30 11.85 19.22
C ASN C 285 11.86 11.55 20.65
N GLY C 286 11.89 10.35 21.16
CA GLY C 286 11.42 10.07 22.50
C GLY C 286 10.13 9.28 22.40
N SER C 287 9.67 8.69 23.50
CA SER C 287 8.47 7.89 23.50
C SER C 287 7.24 8.70 23.24
N ILE C 288 6.22 8.04 22.70
CA ILE C 288 4.95 8.70 22.44
C ILE C 288 3.83 7.76 22.90
N PRO C 289 2.69 8.25 23.31
CA PRO C 289 1.59 7.42 23.74
C PRO C 289 0.88 6.79 22.54
N ASN C 290 0.54 5.50 22.67
CA ASN C 290 -0.10 4.86 21.55
C ASN C 290 -1.58 4.68 21.73
N ASP C 291 -2.21 5.64 22.37
CA ASP C 291 -3.65 5.65 22.52
C ASP C 291 -4.30 6.06 21.18
N LYS C 292 -3.72 6.99 20.42
CA LYS C 292 -4.29 7.43 19.15
C LYS C 292 -3.92 6.51 17.97
N PRO C 293 -4.74 6.27 16.95
CA PRO C 293 -4.41 5.38 15.85
C PRO C 293 -3.32 5.87 14.92
N PHE C 294 -3.11 7.17 14.79
CA PHE C 294 -2.14 7.65 13.83
C PHE C 294 -1.15 8.53 14.53
N GLN C 295 0.07 8.73 14.05
CA GLN C 295 0.97 9.65 14.72
C GLN C 295 1.74 10.38 13.68
N ASN C 296 2.26 11.52 14.04
CA ASN C 296 2.96 12.36 13.10
C ASN C 296 4.29 12.77 13.71
N VAL C 297 4.77 12.10 14.76
CA VAL C 297 6.03 12.49 15.35
C VAL C 297 7.18 12.03 14.47
N ASN C 298 7.34 10.73 14.17
CA ASN C 298 8.44 10.29 13.32
C ASN C 298 8.07 8.97 12.63
N LYS C 299 8.58 8.74 11.40
CA LYS C 299 8.33 7.53 10.63
C LYS C 299 9.19 6.39 11.12
N ILE C 300 10.10 6.67 12.03
CA ILE C 300 10.93 5.64 12.62
C ILE C 300 10.29 5.25 13.94
N THR C 301 9.88 4.01 14.12
CA THR C 301 9.33 3.63 15.40
C THR C 301 9.82 2.24 15.79
N TYR C 302 9.70 1.90 17.07
CA TYR C 302 10.00 0.58 17.61
C TYR C 302 8.90 0.30 18.61
N GLY C 303 8.25 -0.86 18.59
CA GLY C 303 7.26 -1.16 19.62
C GLY C 303 5.83 -1.01 19.16
N ALA C 304 4.83 -0.97 20.04
CA ALA C 304 3.45 -0.83 19.61
C ALA C 304 3.14 0.62 19.35
N CYS C 305 3.27 1.07 18.12
CA CYS C 305 3.13 2.50 17.84
C CYS C 305 2.00 2.86 16.90
N PRO C 306 1.53 4.11 16.89
CA PRO C 306 0.48 4.50 15.97
C PRO C 306 1.06 4.57 14.55
N LYS C 307 0.21 4.49 13.52
CA LYS C 307 0.65 4.49 12.14
C LYS C 307 1.04 5.90 11.75
N TYR C 308 2.24 6.08 11.23
CA TYR C 308 2.71 7.39 10.82
C TYR C 308 1.93 7.92 9.64
N VAL C 309 1.55 9.17 9.73
CA VAL C 309 0.72 9.77 8.73
C VAL C 309 1.32 11.13 8.40
N LYS C 310 1.02 11.69 7.24
CA LYS C 310 1.51 13.01 6.88
C LYS C 310 0.71 14.04 7.64
N GLN C 311 -0.58 13.86 7.86
CA GLN C 311 -1.42 14.82 8.56
C GLN C 311 -0.99 15.11 9.98
N ASN C 312 -1.17 16.31 10.53
CA ASN C 312 -0.84 16.48 11.96
C ASN C 312 -2.09 16.63 12.79
N THR C 313 -3.23 16.80 12.15
CA THR C 313 -4.44 16.71 12.91
C THR C 313 -5.50 16.00 12.09
N LEU C 314 -6.29 15.13 12.74
CA LEU C 314 -7.45 14.50 12.13
C LEU C 314 -8.48 14.29 13.23
N LYS C 315 -9.54 15.04 13.19
CA LYS C 315 -10.55 15.02 14.22
C LYS C 315 -11.76 14.22 13.87
N LEU C 316 -12.04 13.23 14.69
CA LEU C 316 -13.19 12.38 14.53
C LEU C 316 -14.35 13.00 15.28
N ALA C 317 -15.41 13.41 14.61
CA ALA C 317 -16.58 13.95 15.26
C ALA C 317 -17.17 12.95 16.23
N THR C 318 -17.36 13.32 17.48
CA THR C 318 -18.00 12.46 18.43
C THR C 318 -19.27 13.13 18.91
N GLY C 319 -19.95 13.90 18.08
CA GLY C 319 -21.19 14.57 18.48
C GLY C 319 -21.92 15.04 17.23
N MET C 320 -23.14 15.53 17.40
CA MET C 320 -23.97 15.97 16.30
C MET C 320 -23.52 17.28 15.73
N ARG C 321 -24.21 17.77 14.70
CA ARG C 321 -23.92 19.06 14.16
C ARG C 321 -24.31 20.10 15.20
N ASN C 322 -23.50 21.15 15.35
CA ASN C 322 -23.76 22.23 16.30
C ASN C 322 -24.54 23.33 15.60
N VAL C 323 -25.78 23.54 15.96
CA VAL C 323 -26.62 24.56 15.35
C VAL C 323 -27.06 25.45 16.52
N PRO C 324 -26.24 26.35 17.09
CA PRO C 324 -26.57 27.18 18.27
C PRO C 324 -27.71 28.19 18.11
N GLU C 325 -28.38 28.80 19.12
CA GLU C 325 -29.48 29.73 18.81
C GLU C 325 -29.08 31.20 18.74
N LYS C 326 -28.13 31.68 19.55
CA LYS C 326 -27.77 33.11 19.54
C LYS C 326 -27.14 33.46 18.20
N GLN C 327 -26.81 34.74 17.94
CA GLN C 327 -26.07 35.10 16.71
C GLN C 327 -24.61 34.54 16.70
N THR C 328 -23.61 35.34 16.29
CA THR C 328 -22.24 34.99 16.59
C THR C 328 -21.95 35.89 17.80
N GLY D 1 -28.94 16.63 7.89
CA GLY D 1 -28.22 15.69 7.03
C GLY D 1 -29.25 14.83 6.30
N LEU D 2 -29.13 13.52 6.24
CA LEU D 2 -30.03 12.73 5.41
C LEU D 2 -31.44 12.79 5.87
N PHE D 3 -31.73 13.00 7.13
CA PHE D 3 -33.10 12.94 7.52
C PHE D 3 -33.69 14.30 7.61
N GLY D 4 -32.88 15.34 7.64
CA GLY D 4 -33.37 16.71 7.67
C GLY D 4 -34.07 17.16 8.96
N ALA D 5 -33.69 16.65 10.12
CA ALA D 5 -34.29 17.11 11.35
C ALA D 5 -33.34 18.15 11.93
N ILE D 6 -32.14 17.72 12.33
CA ILE D 6 -31.11 18.61 12.84
C ILE D 6 -30.73 19.53 11.72
N ALA D 7 -30.70 20.83 12.01
CA ALA D 7 -30.38 21.88 11.05
C ALA D 7 -31.30 21.70 9.86
N GLY D 8 -32.53 21.27 10.13
CA GLY D 8 -33.49 20.96 9.11
C GLY D 8 -34.82 21.43 9.64
N PHE D 9 -35.81 20.55 9.81
CA PHE D 9 -37.11 21.03 10.23
C PHE D 9 -37.08 21.53 11.67
N ILE D 10 -36.03 21.18 12.41
CA ILE D 10 -35.79 21.70 13.74
C ILE D 10 -34.77 22.80 13.49
N GLU D 11 -35.18 24.02 13.72
CA GLU D 11 -34.37 25.16 13.39
C GLU D 11 -33.00 25.28 14.03
N ASN D 12 -32.85 24.99 15.31
CA ASN D 12 -31.55 25.08 15.94
C ASN D 12 -31.55 24.29 17.21
N GLY D 13 -30.38 24.04 17.74
CA GLY D 13 -30.23 23.34 19.00
C GLY D 13 -30.55 24.24 20.19
N TRP D 14 -30.61 23.66 21.38
CA TRP D 14 -30.89 24.38 22.58
C TRP D 14 -29.64 24.38 23.40
N GLU D 15 -28.94 25.52 23.53
CA GLU D 15 -27.73 25.57 24.35
C GLU D 15 -28.11 25.31 25.80
N GLY D 16 -29.37 25.56 26.12
CA GLY D 16 -29.89 25.33 27.45
C GLY D 16 -29.95 23.87 27.90
N MET D 17 -30.07 22.91 26.99
CA MET D 17 -30.26 21.56 27.43
C MET D 17 -28.92 21.00 27.83
N ILE D 18 -28.73 20.76 29.11
CA ILE D 18 -27.44 20.28 29.57
C ILE D 18 -27.48 18.86 30.06
N ASP D 19 -28.68 18.34 30.28
CA ASP D 19 -28.85 17.03 30.86
C ASP D 19 -29.02 15.93 29.81
N GLY D 20 -28.87 16.19 28.52
CA GLY D 20 -28.94 15.14 27.51
C GLY D 20 -28.89 15.73 26.12
N TRP D 21 -28.67 14.89 25.11
CA TRP D 21 -28.55 15.37 23.75
C TRP D 21 -29.88 15.65 23.06
N TYR D 22 -30.98 14.94 23.33
CA TYR D 22 -32.24 15.24 22.67
C TYR D 22 -33.28 15.46 23.76
N GLY D 23 -34.38 16.16 23.54
CA GLY D 23 -35.31 16.35 24.63
C GLY D 23 -36.56 17.10 24.22
N PHE D 24 -37.33 17.47 25.23
CA PHE D 24 -38.61 18.08 25.09
C PHE D 24 -38.70 19.40 25.82
N ARG D 25 -39.47 20.30 25.25
CA ARG D 25 -39.82 21.53 25.86
C ARG D 25 -41.30 21.63 25.64
N HIS D 26 -42.07 21.87 26.65
CA HIS D 26 -43.50 21.95 26.52
C HIS D 26 -44.03 23.21 27.19
N GLN D 27 -45.29 23.48 26.93
CA GLN D 27 -46.07 24.47 27.60
C GLN D 27 -47.39 23.75 27.76
N ASN D 28 -48.02 23.83 28.92
CA ASN D 28 -49.22 23.09 29.14
C ASN D 28 -50.03 23.81 30.16
N SER D 29 -51.06 23.19 30.75
CA SER D 29 -51.96 23.92 31.63
C SER D 29 -51.29 24.40 32.89
N GLU D 30 -50.19 23.77 33.23
CA GLU D 30 -49.51 24.03 34.47
C GLU D 30 -48.25 24.85 34.29
N GLY D 31 -47.98 25.47 33.13
CA GLY D 31 -46.77 26.28 32.95
C GLY D 31 -45.81 25.76 31.87
N THR D 32 -44.52 26.09 31.91
CA THR D 32 -43.62 25.65 30.87
C THR D 32 -42.60 24.72 31.45
N GLY D 33 -41.87 23.95 30.61
CA GLY D 33 -40.85 23.04 31.12
C GLY D 33 -39.96 22.46 30.04
N GLN D 34 -38.78 21.91 30.38
CA GLN D 34 -37.83 21.32 29.45
C GLN D 34 -37.39 19.99 30.08
N ALA D 35 -36.92 18.99 29.34
CA ALA D 35 -36.49 17.71 29.89
C ALA D 35 -35.67 16.95 28.86
N ALA D 36 -34.49 16.41 29.16
CA ALA D 36 -33.76 15.63 28.18
C ALA D 36 -34.45 14.30 28.01
N ASP D 37 -34.30 13.64 26.87
CA ASP D 37 -34.81 12.31 26.66
C ASP D 37 -33.59 11.43 26.76
N LEU D 38 -33.55 10.50 27.71
CA LEU D 38 -32.35 9.72 27.89
C LEU D 38 -32.25 8.49 27.02
N LYS D 39 -33.35 7.96 26.46
CA LYS D 39 -33.20 6.78 25.63
C LYS D 39 -32.53 7.15 24.33
N SER D 40 -32.97 8.21 23.63
CA SER D 40 -32.32 8.57 22.40
C SER D 40 -30.93 9.12 22.66
N THR D 41 -30.72 9.91 23.73
CA THR D 41 -29.37 10.36 24.07
C THR D 41 -28.42 9.20 24.19
N GLN D 42 -28.84 8.13 24.84
CA GLN D 42 -27.96 6.99 25.02
C GLN D 42 -27.73 6.27 23.70
N ALA D 43 -28.77 6.12 22.87
CA ALA D 43 -28.65 5.48 21.58
C ALA D 43 -27.60 6.16 20.74
N ALA D 44 -27.71 7.48 20.62
CA ALA D 44 -26.72 8.24 19.90
C ALA D 44 -25.36 8.07 20.53
N ILE D 45 -25.21 8.16 21.85
CA ILE D 45 -23.91 8.01 22.51
C ILE D 45 -23.31 6.63 22.32
N ASP D 46 -24.08 5.56 22.47
CA ASP D 46 -23.58 4.21 22.36
C ASP D 46 -23.05 3.92 20.98
N GLN D 47 -23.74 4.38 19.94
CA GLN D 47 -23.26 4.19 18.60
C GLN D 47 -21.95 4.92 18.39
N ILE D 48 -21.89 6.18 18.83
CA ILE D 48 -20.66 6.93 18.63
C ILE D 48 -19.50 6.34 19.43
N ASN D 49 -19.73 5.74 20.59
CA ASN D 49 -18.62 5.15 21.29
C ASN D 49 -18.17 3.90 20.64
N GLY D 50 -19.10 3.11 20.11
CA GLY D 50 -18.78 1.87 19.47
C GLY D 50 -17.87 2.14 18.31
N LYS D 51 -18.26 3.15 17.54
CA LYS D 51 -17.54 3.59 16.38
C LYS D 51 -16.17 4.01 16.82
N LEU D 52 -16.12 4.79 17.89
CA LEU D 52 -14.85 5.27 18.40
C LEU D 52 -13.91 4.14 18.86
N ASN D 53 -14.47 3.13 19.51
CA ASN D 53 -13.69 2.04 20.02
C ASN D 53 -13.10 1.23 18.90
N ARG D 54 -13.85 1.00 17.84
CA ARG D 54 -13.39 0.19 16.72
C ARG D 54 -12.17 0.85 16.10
N VAL D 55 -12.08 2.17 16.09
CA VAL D 55 -10.98 2.93 15.52
C VAL D 55 -9.76 2.92 16.42
N ILE D 56 -9.89 2.80 17.73
CA ILE D 56 -8.70 2.73 18.58
C ILE D 56 -8.22 1.28 18.81
N GLU D 57 -8.97 0.28 18.26
CA GLU D 57 -8.66 -1.16 18.28
C GLU D 57 -7.25 -1.39 17.67
N LYS D 58 -6.44 -2.01 18.52
CA LYS D 58 -5.01 -2.38 18.35
C LYS D 58 -4.05 -1.62 17.42
N THR D 59 -3.05 -1.00 18.04
CA THR D 59 -1.88 -0.53 17.32
C THR D 59 -1.10 -1.80 17.10
N ASN D 60 -0.74 -2.16 15.89
CA ASN D 60 0.03 -3.38 15.68
C ASN D 60 1.49 -3.03 15.93
N GLU D 61 2.32 -3.94 16.47
CA GLU D 61 3.67 -3.56 16.81
C GLU D 61 4.68 -4.00 15.80
N LYS D 62 5.75 -3.26 15.63
CA LYS D 62 6.75 -3.58 14.63
C LYS D 62 8.10 -3.36 15.27
N PHE D 63 9.06 -4.21 14.96
CA PHE D 63 10.36 -4.17 15.62
C PHE D 63 11.42 -3.83 14.62
N HIS D 64 12.34 -4.71 14.23
CA HIS D 64 13.38 -4.32 13.27
C HIS D 64 12.74 -4.04 11.92
N GLN D 65 12.97 -2.92 11.25
CA GLN D 65 12.34 -2.64 9.95
C GLN D 65 13.40 -2.20 8.95
N ILE D 66 13.22 -1.26 8.05
CA ILE D 66 14.31 -0.83 7.17
C ILE D 66 14.81 0.53 7.66
N GLU D 67 16.03 0.91 7.29
CA GLU D 67 16.50 2.24 7.62
C GLU D 67 15.74 3.29 6.84
N LYS D 68 15.52 4.45 7.44
CA LYS D 68 14.65 5.43 6.81
C LYS D 68 15.25 6.83 6.74
N GLU D 69 16.51 6.95 7.13
CA GLU D 69 17.24 8.19 7.14
C GLU D 69 18.64 7.71 6.88
N PHE D 70 19.35 8.35 5.95
CA PHE D 70 20.63 7.86 5.43
C PHE D 70 21.60 9.02 5.43
N SER D 71 22.89 8.86 5.63
CA SER D 71 23.76 10.02 5.57
C SER D 71 24.70 10.07 4.36
N GLU D 72 24.79 9.01 3.57
CA GLU D 72 25.66 8.98 2.42
C GLU D 72 24.79 8.83 1.18
N VAL D 73 25.32 9.06 0.00
CA VAL D 73 24.56 8.94 -1.23
C VAL D 73 24.93 7.60 -1.82
N GLU D 74 23.97 6.67 -1.97
CA GLU D 74 24.36 5.35 -2.43
C GLU D 74 23.81 4.95 -3.78
N GLY D 75 22.70 5.53 -4.24
CA GLY D 75 22.16 5.16 -5.55
C GLY D 75 21.02 4.15 -5.48
N ARG D 76 21.04 3.19 -6.42
CA ARG D 76 19.92 2.31 -6.69
C ARG D 76 19.20 1.73 -5.48
N ILE D 77 19.94 1.15 -4.54
CA ILE D 77 19.28 0.48 -3.42
C ILE D 77 18.66 1.47 -2.46
N GLN D 78 19.33 2.57 -2.16
CA GLN D 78 18.80 3.51 -1.23
C GLN D 78 17.61 4.21 -1.83
N ASP D 79 17.55 4.36 -3.17
CA ASP D 79 16.39 4.98 -3.79
C ASP D 79 15.17 4.11 -3.57
N LEU D 80 15.31 2.77 -3.62
CA LEU D 80 14.21 1.87 -3.38
C LEU D 80 13.75 1.96 -1.92
N GLU D 81 14.71 1.98 -0.97
CA GLU D 81 14.40 2.10 0.45
C GLU D 81 13.55 3.33 0.70
N LYS D 82 13.96 4.46 0.16
CA LYS D 82 13.17 5.66 0.27
C LYS D 82 11.82 5.54 -0.43
N TYR D 83 11.74 4.91 -1.63
CA TYR D 83 10.48 4.79 -2.35
C TYR D 83 9.50 3.84 -1.66
N VAL D 84 9.98 2.75 -1.04
CA VAL D 84 9.09 1.82 -0.36
C VAL D 84 8.40 2.58 0.77
N GLU D 85 9.16 3.39 1.52
CA GLU D 85 8.60 4.10 2.67
C GLU D 85 7.74 5.25 2.23
N ASP D 86 8.12 6.00 1.22
CA ASP D 86 7.26 7.11 0.88
C ASP D 86 5.94 6.60 0.30
N THR D 87 5.96 5.50 -0.50
CA THR D 87 4.66 5.09 -0.99
C THR D 87 3.87 4.46 0.16
N LYS D 88 4.51 3.92 1.21
CA LYS D 88 3.78 3.41 2.35
C LYS D 88 3.11 4.53 3.11
N ILE D 89 3.82 5.65 3.32
CA ILE D 89 3.26 6.79 4.03
C ILE D 89 2.11 7.43 3.25
N ASP D 90 2.23 7.69 1.95
CA ASP D 90 1.08 8.27 1.27
C ASP D 90 -0.14 7.33 1.32
N LEU D 91 0.06 5.99 1.33
CA LEU D 91 -1.06 5.10 1.34
C LEU D 91 -1.71 5.15 2.71
N TRP D 92 -0.95 5.09 3.81
CA TRP D 92 -1.61 5.20 5.10
C TRP D 92 -2.24 6.57 5.32
N SER D 93 -1.66 7.65 4.78
CA SER D 93 -2.23 8.98 4.93
C SER D 93 -3.56 9.08 4.22
N TYR D 94 -3.66 8.44 3.03
CA TYR D 94 -4.90 8.39 2.28
C TYR D 94 -5.93 7.72 3.14
N ASN D 95 -5.59 6.54 3.69
CA ASN D 95 -6.51 5.82 4.55
C ASN D 95 -7.02 6.65 5.71
N ALA D 96 -6.14 7.31 6.47
CA ALA D 96 -6.57 8.11 7.61
C ALA D 96 -7.57 9.20 7.19
N GLU D 97 -7.23 9.91 6.14
CA GLU D 97 -8.05 10.97 5.63
C GLU D 97 -9.40 10.47 5.16
N LEU D 98 -9.48 9.35 4.41
CA LEU D 98 -10.78 8.85 3.97
C LEU D 98 -11.57 8.30 5.13
N LEU D 99 -10.90 7.72 6.13
CA LEU D 99 -11.57 7.10 7.26
C LEU D 99 -12.27 8.18 8.02
N VAL D 100 -11.62 9.28 8.43
CA VAL D 100 -12.37 10.23 9.24
C VAL D 100 -13.43 10.91 8.39
N ALA D 101 -13.22 11.04 7.07
CA ALA D 101 -14.28 11.65 6.26
C ALA D 101 -15.56 10.81 6.25
N LEU D 102 -15.47 9.50 5.94
CA LEU D 102 -16.63 8.61 5.96
C LEU D 102 -17.23 8.64 7.34
N GLU D 103 -16.40 8.41 8.38
CA GLU D 103 -16.87 8.38 9.75
C GLU D 103 -17.69 9.60 10.17
N ASN D 104 -17.15 10.79 9.91
CA ASN D 104 -17.82 12.03 10.35
C ASN D 104 -19.10 12.22 9.59
N GLN D 105 -19.04 11.89 8.30
CA GLN D 105 -20.21 11.99 7.46
C GLN D 105 -21.33 11.16 8.05
N HIS D 106 -20.98 9.95 8.51
CA HIS D 106 -21.94 9.04 9.07
C HIS D 106 -22.37 9.53 10.44
N THR D 107 -21.47 10.04 11.29
CA THR D 107 -21.85 10.47 12.65
C THR D 107 -22.86 11.59 12.56
N ILE D 108 -22.75 12.49 11.59
CA ILE D 108 -23.78 13.49 11.43
C ILE D 108 -25.09 12.86 10.97
N ASP D 109 -25.14 11.90 10.04
CA ASP D 109 -26.43 11.34 9.65
C ASP D 109 -27.06 10.49 10.74
N LEU D 110 -26.23 9.80 11.54
CA LEU D 110 -26.67 8.97 12.64
C LEU D 110 -27.41 9.80 13.70
N THR D 111 -26.81 10.89 14.17
CA THR D 111 -27.44 11.76 15.15
C THR D 111 -28.65 12.47 14.55
N ASP D 112 -28.63 12.81 13.23
CA ASP D 112 -29.81 13.37 12.56
C ASP D 112 -30.98 12.37 12.57
N SER D 113 -30.67 11.13 12.28
CA SER D 113 -31.59 10.02 12.35
C SER D 113 -32.18 9.91 13.75
N GLU D 114 -31.39 9.79 14.84
CA GLU D 114 -31.95 9.66 16.16
C GLU D 114 -32.87 10.81 16.46
N MET D 115 -32.53 12.02 16.02
CA MET D 115 -33.41 13.13 16.25
C MET D 115 -34.74 12.87 15.61
N ASN D 116 -34.70 12.43 14.35
CA ASN D 116 -35.93 12.17 13.61
C ASN D 116 -36.69 10.96 14.13
N LYS D 117 -35.99 9.94 14.61
CA LYS D 117 -36.66 8.80 15.17
C LYS D 117 -37.44 9.21 16.41
N LEU D 118 -36.90 10.04 17.31
CA LEU D 118 -37.62 10.49 18.48
C LEU D 118 -38.80 11.31 18.01
N PHE D 119 -38.66 12.06 16.92
CA PHE D 119 -39.78 12.86 16.50
C PHE D 119 -40.92 11.98 16.08
N GLU D 120 -40.64 10.98 15.26
CA GLU D 120 -41.61 10.00 14.77
C GLU D 120 -42.29 9.21 15.84
N LYS D 121 -41.51 8.80 16.82
CA LYS D 121 -41.98 8.03 17.94
C LYS D 121 -43.02 8.83 18.69
N THR D 122 -42.75 10.10 18.96
CA THR D 122 -43.69 10.95 19.68
C THR D 122 -44.93 11.13 18.84
N ARG D 123 -44.75 11.28 17.53
CA ARG D 123 -45.87 11.45 16.58
C ARG D 123 -46.85 10.29 16.71
N ARG D 124 -46.34 9.09 16.47
CA ARG D 124 -47.09 7.87 16.58
C ARG D 124 -47.88 7.72 17.86
N GLN D 125 -47.27 8.06 18.98
CA GLN D 125 -47.91 8.00 20.28
C GLN D 125 -49.12 8.94 20.41
N LEU D 126 -49.03 10.17 19.92
CA LEU D 126 -50.11 11.09 20.12
C LEU D 126 -51.32 10.78 19.25
N ARG D 127 -51.22 9.91 18.25
CA ARG D 127 -52.34 9.55 17.38
C ARG D 127 -53.20 10.69 16.87
N GLU D 128 -54.53 10.68 16.93
CA GLU D 128 -55.34 11.78 16.45
C GLU D 128 -55.42 12.99 17.37
N ASN D 129 -54.63 13.05 18.43
CA ASN D 129 -54.81 14.10 19.39
C ASN D 129 -53.89 15.27 19.20
N ALA D 130 -53.01 15.24 18.24
CA ALA D 130 -52.07 16.32 18.12
C ALA D 130 -51.81 16.59 16.67
N GLU D 131 -51.32 17.76 16.35
CA GLU D 131 -50.95 18.04 14.99
C GLU D 131 -49.54 18.53 14.94
N GLU D 132 -48.85 18.24 13.87
CA GLU D 132 -47.48 18.71 13.71
C GLU D 132 -47.43 20.14 13.22
N MET D 133 -46.79 21.02 13.97
CA MET D 133 -46.67 22.39 13.55
C MET D 133 -45.56 22.56 12.53
N GLY D 134 -44.80 21.50 12.25
CA GLY D 134 -43.84 21.55 11.19
C GLY D 134 -42.48 22.10 11.57
N ASN D 135 -42.26 22.43 12.82
CA ASN D 135 -40.99 22.94 13.31
C ASN D 135 -40.54 22.00 14.41
N GLY D 136 -40.98 20.74 14.41
CA GLY D 136 -40.66 19.85 15.52
C GLY D 136 -41.59 20.04 16.72
N CYS D 137 -42.62 20.87 16.66
CA CYS D 137 -43.52 21.00 17.80
C CYS D 137 -44.88 20.44 17.47
N PHE D 138 -45.47 19.64 18.34
CA PHE D 138 -46.83 19.19 18.18
C PHE D 138 -47.74 20.13 18.95
N LYS D 139 -48.88 20.42 18.37
CA LYS D 139 -49.94 21.17 19.01
C LYS D 139 -50.85 20.08 19.56
N ILE D 140 -50.90 19.85 20.86
CA ILE D 140 -51.75 18.81 21.47
C ILE D 140 -53.14 19.42 21.65
N TYR D 141 -54.19 18.84 21.11
CA TYR D 141 -55.52 19.41 21.13
C TYR D 141 -56.40 18.95 22.28
N HIS D 142 -55.86 18.84 23.47
CA HIS D 142 -56.69 18.52 24.61
C HIS D 142 -55.97 19.08 25.84
N LYS D 143 -56.60 19.20 27.01
CA LYS D 143 -55.95 19.75 28.18
C LYS D 143 -54.90 18.77 28.66
N CYS D 144 -53.64 19.17 28.68
CA CYS D 144 -52.57 18.25 29.06
C CYS D 144 -51.72 18.88 30.15
N ASP D 145 -51.93 18.42 31.37
CA ASP D 145 -51.20 18.93 32.53
C ASP D 145 -49.84 18.28 32.59
N ASN D 146 -49.07 18.55 33.61
CA ASN D 146 -47.73 18.05 33.71
C ASN D 146 -47.64 16.56 33.74
N ALA D 147 -48.62 15.87 34.32
CA ALA D 147 -48.57 14.40 34.37
C ALA D 147 -48.83 13.87 32.98
N CYS D 148 -49.74 14.53 32.25
CA CYS D 148 -49.99 14.17 30.85
C CYS D 148 -48.68 14.33 30.08
N ILE D 149 -47.99 15.49 30.15
CA ILE D 149 -46.73 15.69 29.46
C ILE D 149 -45.75 14.60 29.92
N GLU D 150 -45.69 14.25 31.19
CA GLU D 150 -44.76 13.23 31.67
C GLU D 150 -45.04 11.89 31.02
N SER D 151 -46.30 11.50 30.86
CA SER D 151 -46.60 10.23 30.24
C SER D 151 -46.22 10.20 28.76
N ILE D 152 -46.30 11.32 28.01
CA ILE D 152 -45.85 11.34 26.62
C ILE D 152 -44.36 11.10 26.59
N ARG D 153 -43.60 11.77 27.45
CA ARG D 153 -42.17 11.61 27.50
C ARG D 153 -41.79 10.22 27.95
N ASN D 154 -42.35 9.67 29.04
CA ASN D 154 -41.97 8.32 29.46
C ASN D 154 -42.68 7.23 28.69
N GLY D 155 -43.45 7.62 27.67
CA GLY D 155 -43.99 6.68 26.70
C GLY D 155 -45.18 5.86 27.15
N THR D 156 -45.93 6.34 28.12
CA THR D 156 -47.08 5.58 28.54
C THR D 156 -48.37 6.30 28.16
N TYR D 157 -48.34 7.39 27.37
CA TYR D 157 -49.53 8.19 27.07
C TYR D 157 -50.63 7.37 26.41
N ASP D 158 -51.86 7.38 26.95
CA ASP D 158 -52.94 6.66 26.32
C ASP D 158 -53.82 7.61 25.55
N HIS D 159 -53.73 7.54 24.23
CA HIS D 159 -54.44 8.50 23.42
C HIS D 159 -55.94 8.40 23.58
N ASP D 160 -56.46 7.18 23.82
CA ASP D 160 -57.88 6.98 23.91
C ASP D 160 -58.51 7.82 24.98
N VAL D 161 -57.83 7.91 26.14
CA VAL D 161 -58.27 8.74 27.24
C VAL D 161 -58.63 10.15 26.77
N TYR D 162 -57.94 10.71 25.79
CA TYR D 162 -58.23 12.07 25.39
C TYR D 162 -58.82 12.22 24.01
N ARG D 163 -59.00 11.13 23.26
CA ARG D 163 -59.38 11.25 21.87
C ARG D 163 -60.64 12.04 21.59
N ASP D 164 -61.76 11.89 22.30
CA ASP D 164 -62.97 12.66 21.97
C ASP D 164 -62.78 14.13 22.26
N GLU D 165 -62.04 14.44 23.35
CA GLU D 165 -61.75 15.81 23.70
C GLU D 165 -60.94 16.42 22.56
N ALA D 166 -59.87 15.72 22.19
CA ALA D 166 -59.00 16.14 21.12
C ALA D 166 -59.72 16.29 19.82
N LEU D 167 -60.43 15.29 19.32
CA LEU D 167 -61.09 15.38 18.03
C LEU D 167 -62.12 16.48 17.93
N ASN D 168 -62.85 16.72 19.01
CA ASN D 168 -63.79 17.81 19.04
C ASN D 168 -63.11 19.17 18.85
N ASN D 169 -62.07 19.38 19.64
CA ASN D 169 -61.24 20.57 19.60
C ASN D 169 -60.59 20.76 18.24
N ARG D 170 -60.11 19.65 17.68
CA ARG D 170 -59.28 19.69 16.51
C ARG D 170 -60.04 19.90 15.24
N PHE D 171 -61.17 19.21 15.11
CA PHE D 171 -61.93 19.34 13.89
C PHE D 171 -63.11 20.25 14.09
N GLN D 172 -64.18 19.73 14.72
CA GLN D 172 -65.46 20.40 14.83
C GLN D 172 -65.46 21.91 14.65
N ILE D 173 -64.89 22.66 15.61
CA ILE D 173 -64.79 24.12 15.57
C ILE D 173 -65.90 24.87 14.82
N LYS D 174 -65.86 25.00 13.48
CA LYS D 174 -66.92 25.72 12.77
C LYS D 174 -66.83 25.50 11.25
N GLY D 175 -66.15 24.43 10.84
CA GLY D 175 -66.00 24.14 9.44
C GLY D 175 -65.57 22.70 9.30
N GLN E 1 -64.67 33.86 9.32
CA GLN E 1 -63.23 33.97 9.46
C GLN E 1 -63.00 34.37 8.00
N ASP E 2 -62.11 33.75 7.23
CA ASP E 2 -62.06 34.02 5.81
C ASP E 2 -63.38 33.49 5.25
N LEU E 3 -64.02 34.26 4.36
CA LEU E 3 -65.34 33.90 3.90
C LEU E 3 -65.29 33.54 2.43
N PRO E 4 -65.51 32.25 2.09
CA PRO E 4 -65.48 31.71 0.72
C PRO E 4 -66.40 32.38 -0.30
N GLY E 5 -67.56 32.89 0.13
CA GLY E 5 -68.49 33.52 -0.80
C GLY E 5 -69.22 32.49 -1.66
N ASN E 6 -68.53 31.81 -2.59
CA ASN E 6 -69.19 30.88 -3.49
C ASN E 6 -68.42 29.63 -3.94
N ASP E 7 -67.16 29.73 -4.42
CA ASP E 7 -66.50 28.57 -5.04
C ASP E 7 -66.12 27.45 -4.07
N ASN E 8 -66.29 26.23 -4.59
CA ASN E 8 -66.09 24.97 -3.89
C ASN E 8 -65.25 24.06 -4.80
N SER E 9 -63.94 23.90 -4.56
CA SER E 9 -63.15 23.11 -5.49
C SER E 9 -61.89 22.60 -4.82
N THR E 10 -61.10 21.80 -5.52
CA THR E 10 -59.86 21.25 -5.00
C THR E 10 -58.72 21.57 -5.97
N ALA E 11 -57.47 21.30 -5.62
CA ALA E 11 -56.36 21.53 -6.51
C ALA E 11 -55.44 20.33 -6.40
N THR E 12 -54.49 20.13 -7.30
CA THR E 12 -53.53 19.06 -7.23
C THR E 12 -52.16 19.62 -7.35
N LEU E 13 -51.23 19.22 -6.49
CA LEU E 13 -49.86 19.71 -6.56
C LEU E 13 -49.00 18.47 -6.62
N CYS E 14 -48.01 18.38 -7.48
CA CYS E 14 -47.21 17.19 -7.55
C CYS E 14 -45.77 17.57 -7.51
N LEU E 15 -45.03 16.86 -6.68
CA LEU E 15 -43.63 17.11 -6.58
C LEU E 15 -42.90 16.14 -7.48
N GLY E 16 -41.74 16.50 -8.03
CA GLY E 16 -41.02 15.62 -8.90
C GLY E 16 -39.62 16.12 -9.03
N HIS E 17 -38.87 15.52 -9.94
CA HIS E 17 -37.47 15.82 -10.15
C HIS E 17 -37.12 15.72 -11.63
N HIS E 18 -36.05 16.30 -12.16
CA HIS E 18 -35.74 16.20 -13.56
C HIS E 18 -35.32 14.79 -13.99
N ALA E 19 -35.05 14.64 -15.27
CA ALA E 19 -34.57 13.42 -15.87
C ALA E 19 -33.97 13.86 -17.20
N VAL E 20 -33.03 13.16 -17.78
CA VAL E 20 -32.47 13.61 -19.03
C VAL E 20 -32.65 12.50 -20.02
N PRO E 21 -32.70 12.71 -21.33
CA PRO E 21 -32.88 11.64 -22.29
C PRO E 21 -31.64 10.74 -22.38
N ASN E 22 -30.49 11.39 -22.25
CA ASN E 22 -29.19 10.77 -22.35
C ASN E 22 -28.82 10.17 -21.01
N GLY E 23 -27.89 10.64 -20.16
CA GLY E 23 -27.69 9.91 -18.91
C GLY E 23 -26.51 8.94 -18.96
N THR E 24 -25.78 8.72 -17.86
CA THR E 24 -24.52 8.00 -17.89
C THR E 24 -24.52 6.86 -16.93
N LEU E 25 -23.86 5.75 -17.25
CA LEU E 25 -23.86 4.63 -16.34
C LEU E 25 -22.70 4.73 -15.35
N VAL E 26 -22.93 4.58 -14.06
CA VAL E 26 -21.87 4.63 -13.06
C VAL E 26 -21.93 3.40 -12.17
N LYS E 27 -20.82 3.04 -11.50
CA LYS E 27 -20.74 1.90 -10.59
C LYS E 27 -21.15 2.34 -9.20
N THR E 28 -21.54 1.44 -8.34
CA THR E 28 -22.11 1.72 -7.03
C THR E 28 -21.64 0.63 -6.11
N ILE E 29 -22.05 0.64 -4.85
CA ILE E 29 -21.73 -0.41 -3.90
C ILE E 29 -22.61 -1.56 -4.33
N THR E 30 -23.91 -1.33 -4.54
CA THR E 30 -24.79 -2.43 -4.90
C THR E 30 -24.97 -2.77 -6.36
N ASP E 31 -24.68 -1.86 -7.31
CA ASP E 31 -24.86 -2.10 -8.74
C ASP E 31 -23.57 -1.74 -9.43
N ASP E 32 -23.33 -2.17 -10.65
CA ASP E 32 -22.14 -1.75 -11.35
C ASP E 32 -22.49 -1.07 -12.66
N GLN E 33 -23.77 -1.01 -12.99
CA GLN E 33 -24.18 -0.08 -14.01
C GLN E 33 -25.48 0.47 -13.51
N ILE E 34 -25.52 1.73 -13.12
CA ILE E 34 -26.78 2.35 -12.77
C ILE E 34 -26.74 3.66 -13.49
N GLU E 35 -27.83 4.12 -14.09
CA GLU E 35 -27.79 5.32 -14.90
C GLU E 35 -28.10 6.55 -14.09
N VAL E 36 -27.23 7.55 -14.16
CA VAL E 36 -27.41 8.80 -13.45
C VAL E 36 -27.58 9.88 -14.48
N THR E 37 -28.12 11.01 -14.08
CA THR E 37 -28.26 12.20 -14.85
C THR E 37 -26.96 12.73 -15.37
N ASN E 38 -25.86 12.63 -14.64
CA ASN E 38 -24.61 13.22 -15.09
C ASN E 38 -23.41 12.65 -14.34
N ALA E 39 -22.23 12.61 -14.91
CA ALA E 39 -21.09 12.06 -14.22
C ALA E 39 -19.86 12.82 -14.67
N THR E 40 -18.71 12.62 -14.06
CA THR E 40 -17.48 13.27 -14.47
C THR E 40 -16.34 12.25 -14.39
N GLU E 41 -15.38 12.31 -15.28
CA GLU E 41 -14.37 11.31 -15.39
C GLU E 41 -13.22 11.56 -14.46
N LEU E 42 -12.73 10.57 -13.73
CA LEU E 42 -11.63 10.83 -12.84
C LEU E 42 -10.33 10.23 -13.32
N VAL E 43 -10.27 9.43 -14.40
CA VAL E 43 -9.02 8.88 -14.85
C VAL E 43 -8.56 9.66 -16.07
N GLN E 44 -7.44 10.38 -16.00
CA GLN E 44 -6.87 11.08 -17.15
C GLN E 44 -6.22 10.02 -18.03
N SER E 45 -6.60 9.89 -19.29
CA SER E 45 -6.03 8.82 -20.08
C SER E 45 -5.37 9.21 -21.38
N SER E 46 -5.07 10.46 -21.61
CA SER E 46 -4.44 10.81 -22.86
C SER E 46 -3.39 11.87 -22.64
N SER E 47 -2.30 11.77 -23.39
CA SER E 47 -1.24 12.73 -23.29
C SER E 47 -1.36 13.64 -24.48
N THR E 48 -0.72 14.78 -24.36
CA THR E 48 -0.63 15.70 -25.47
C THR E 48 0.36 15.12 -26.47
N GLY E 49 1.26 14.25 -26.02
CA GLY E 49 2.26 13.69 -26.89
C GLY E 49 3.51 14.55 -26.90
N LYS E 50 3.56 15.64 -26.15
CA LYS E 50 4.71 16.50 -26.15
C LYS E 50 5.13 16.85 -24.74
N ILE E 51 6.42 16.95 -24.44
CA ILE E 51 6.86 17.31 -23.11
C ILE E 51 6.87 18.83 -23.07
N CYS E 52 5.97 19.48 -22.32
CA CYS E 52 6.03 20.91 -22.22
C CYS E 52 7.30 21.33 -21.51
N ASN E 53 7.96 22.35 -22.02
CA ASN E 53 9.24 22.82 -21.47
C ASN E 53 9.10 23.80 -20.34
N ASN E 54 7.95 23.79 -19.67
CA ASN E 54 7.68 24.76 -18.63
C ASN E 54 6.63 24.17 -17.73
N PRO E 55 6.60 24.29 -16.41
CA PRO E 55 7.53 24.97 -15.54
C PRO E 55 8.87 24.37 -15.19
N HIS E 56 9.16 23.12 -15.53
CA HIS E 56 10.42 22.54 -15.06
C HIS E 56 11.47 22.75 -16.11
N ARG E 57 12.74 22.65 -15.78
CA ARG E 57 13.81 22.85 -16.74
C ARG E 57 14.12 21.56 -17.46
N ILE E 58 13.59 21.32 -18.64
CA ILE E 58 13.85 20.08 -19.32
C ILE E 58 15.18 20.19 -20.08
N LEU E 59 16.16 19.29 -19.91
CA LEU E 59 17.38 19.31 -20.73
C LEU E 59 17.29 18.20 -21.78
N ASP E 60 17.29 18.42 -23.07
CA ASP E 60 17.08 17.32 -24.00
C ASP E 60 18.44 16.74 -24.25
N GLY E 61 18.61 15.45 -24.05
CA GLY E 61 19.93 14.86 -24.17
C GLY E 61 20.39 14.73 -25.60
N ILE E 62 19.50 14.94 -26.56
CA ILE E 62 19.73 14.71 -27.99
C ILE E 62 20.40 13.34 -28.15
N ASP E 63 21.60 13.19 -28.66
CA ASP E 63 22.18 11.86 -28.82
C ASP E 63 23.24 11.53 -27.76
N CYS E 64 23.06 12.10 -26.56
CA CYS E 64 23.91 11.82 -25.42
C CYS E 64 23.13 11.24 -24.27
N THR E 65 23.67 10.20 -23.66
CA THR E 65 23.07 9.71 -22.44
C THR E 65 23.68 10.57 -21.37
N LEU E 66 23.07 10.67 -20.20
CA LEU E 66 23.66 11.48 -19.14
C LEU E 66 25.05 10.99 -18.81
N ILE E 67 25.34 9.68 -18.70
CA ILE E 67 26.70 9.26 -18.32
C ILE E 67 27.73 9.71 -19.36
N ASP E 68 27.49 9.70 -20.67
CA ASP E 68 28.47 10.18 -21.61
C ASP E 68 28.62 11.67 -21.48
N ALA E 69 27.51 12.39 -21.26
CA ALA E 69 27.56 13.82 -21.03
C ALA E 69 28.42 14.13 -19.79
N LEU E 70 28.37 13.28 -18.77
CA LEU E 70 29.14 13.45 -17.55
C LEU E 70 30.62 13.19 -17.85
N LEU E 71 30.94 12.03 -18.42
CA LEU E 71 32.32 11.66 -18.69
C LEU E 71 33.01 12.61 -19.67
N GLY E 72 32.27 13.07 -20.66
CA GLY E 72 32.79 14.02 -21.60
C GLY E 72 33.17 13.41 -22.92
N ASP E 73 32.27 12.57 -23.44
CA ASP E 73 32.39 12.05 -24.80
C ASP E 73 32.50 13.27 -25.70
N PRO E 74 33.42 13.40 -26.64
CA PRO E 74 33.54 14.55 -27.51
C PRO E 74 32.21 15.04 -28.03
N HIS E 75 31.40 14.14 -28.55
CA HIS E 75 30.17 14.58 -29.17
C HIS E 75 29.18 15.11 -28.16
N CYS E 76 29.40 14.93 -26.87
CA CYS E 76 28.51 15.45 -25.86
C CYS E 76 29.09 16.68 -25.20
N ASP E 77 30.14 17.30 -25.76
CA ASP E 77 30.73 18.44 -25.11
C ASP E 77 29.78 19.62 -24.93
N VAL E 78 28.69 19.59 -25.66
CA VAL E 78 27.63 20.57 -25.55
C VAL E 78 27.13 20.67 -24.12
N PHE E 79 27.12 19.56 -23.38
CA PHE E 79 26.48 19.54 -22.08
C PHE E 79 27.36 19.98 -20.91
N GLN E 80 28.57 20.51 -21.11
CA GLN E 80 29.43 20.80 -19.96
C GLN E 80 28.81 21.84 -19.04
N ASN E 81 28.89 21.62 -17.74
CA ASN E 81 28.35 22.55 -16.76
C ASN E 81 26.86 22.82 -16.90
N GLU E 82 26.15 21.92 -17.58
CA GLU E 82 24.72 22.06 -17.79
C GLU E 82 23.89 21.71 -16.57
N THR E 83 22.59 22.03 -16.51
CA THR E 83 21.74 21.73 -15.36
C THR E 83 20.34 21.37 -15.80
N TRP E 84 19.53 20.74 -14.96
CA TRP E 84 18.23 20.30 -15.41
C TRP E 84 17.30 20.02 -14.26
N ASP E 85 16.01 20.16 -14.49
CA ASP E 85 15.08 19.61 -13.54
C ASP E 85 14.80 18.19 -13.99
N LEU E 86 14.82 17.97 -15.32
CA LEU E 86 14.56 16.68 -15.86
C LEU E 86 15.48 16.53 -17.02
N PHE E 87 16.31 15.48 -17.04
CA PHE E 87 17.17 15.21 -18.18
C PHE E 87 16.41 14.18 -18.98
N VAL E 88 16.06 14.46 -20.25
CA VAL E 88 15.38 13.48 -21.07
C VAL E 88 16.43 12.70 -21.86
N GLU E 89 16.49 11.37 -21.74
CA GLU E 89 17.44 10.56 -22.50
C GLU E 89 16.71 9.97 -23.68
N ARG E 90 17.33 10.01 -24.85
CA ARG E 90 16.63 9.59 -26.06
C ARG E 90 17.04 8.22 -26.51
N SER E 91 16.14 7.47 -27.15
CA SER E 91 16.46 6.10 -27.53
C SER E 91 17.61 6.01 -28.54
N LYS E 92 17.86 7.13 -29.21
CA LYS E 92 18.83 7.24 -30.26
C LYS E 92 20.20 7.56 -29.79
N ALA E 93 20.38 7.82 -28.49
CA ALA E 93 21.66 8.28 -28.02
C ALA E 93 22.75 7.26 -28.25
N PHE E 94 23.98 7.67 -28.41
CA PHE E 94 25.01 6.71 -28.70
C PHE E 94 26.27 7.17 -28.07
N SER E 95 27.12 6.23 -27.73
CA SER E 95 28.45 6.56 -27.25
C SER E 95 29.39 6.48 -28.43
N ASN E 96 30.41 7.30 -28.45
CA ASN E 96 31.32 7.33 -29.55
C ASN E 96 32.70 7.76 -29.10
N CYS E 97 33.25 7.12 -28.08
CA CYS E 97 34.58 7.42 -27.60
C CYS E 97 35.14 6.10 -27.09
N TYR E 98 36.17 6.07 -26.27
CA TYR E 98 36.80 4.84 -25.79
C TYR E 98 35.77 3.91 -25.17
N PRO E 99 35.78 2.60 -25.41
CA PRO E 99 34.82 1.69 -24.80
C PRO E 99 35.00 1.57 -23.30
N TYR E 100 33.93 1.75 -22.56
CA TYR E 100 33.99 1.75 -21.11
C TYR E 100 32.84 0.93 -20.55
N ASP E 101 32.86 0.59 -19.29
CA ASP E 101 31.72 0.02 -18.62
C ASP E 101 31.72 0.66 -17.25
N VAL E 102 30.58 0.77 -16.61
CA VAL E 102 30.51 1.36 -15.29
C VAL E 102 29.93 0.29 -14.38
N PRO E 103 30.70 -0.33 -13.48
CA PRO E 103 30.26 -1.35 -12.56
C PRO E 103 28.90 -1.10 -11.94
N ASP E 104 28.53 0.05 -11.42
CA ASP E 104 27.17 0.16 -10.98
C ASP E 104 26.55 1.33 -11.71
N TYR E 105 26.49 1.18 -13.04
CA TYR E 105 25.95 2.20 -13.92
C TYR E 105 24.67 2.79 -13.40
N ALA E 106 23.77 1.96 -12.92
CA ALA E 106 22.51 2.41 -12.39
C ALA E 106 22.64 3.35 -11.20
N SER E 107 23.53 3.11 -10.25
CA SER E 107 23.67 4.05 -9.18
C SER E 107 24.29 5.34 -9.68
N LEU E 108 25.33 5.32 -10.52
CA LEU E 108 25.98 6.56 -10.94
C LEU E 108 24.99 7.40 -11.73
N ARG E 109 24.20 6.80 -12.63
CA ARG E 109 23.18 7.53 -13.37
C ARG E 109 22.17 8.12 -12.41
N SER E 110 21.79 7.46 -11.30
CA SER E 110 20.77 7.98 -10.39
C SER E 110 21.29 9.19 -9.62
N LEU E 111 22.46 8.94 -9.07
CA LEU E 111 23.24 9.82 -8.24
C LEU E 111 23.47 11.14 -8.96
N VAL E 112 23.94 11.13 -10.22
CA VAL E 112 24.08 12.37 -10.99
C VAL E 112 22.70 12.91 -11.34
N ALA E 113 21.77 12.09 -11.81
CA ALA E 113 20.47 12.55 -12.23
C ALA E 113 19.73 13.37 -11.21
N SER E 114 19.80 13.05 -9.93
CA SER E 114 19.03 13.85 -9.01
C SER E 114 19.81 15.03 -8.45
N SER E 115 21.14 15.01 -8.62
CA SER E 115 22.00 16.10 -8.26
C SER E 115 21.63 17.22 -9.20
N GLY E 116 21.50 16.94 -10.48
CA GLY E 116 20.98 17.91 -11.40
C GLY E 116 21.97 18.92 -11.93
N THR E 117 23.27 18.73 -11.78
CA THR E 117 24.21 19.66 -12.33
C THR E 117 25.42 18.91 -12.82
N LEU E 118 25.99 19.40 -13.90
CA LEU E 118 27.22 18.84 -14.43
C LEU E 118 28.41 19.80 -14.26
N GLU E 119 28.23 20.78 -13.32
CA GLU E 119 29.23 21.78 -12.96
C GLU E 119 30.55 21.14 -12.60
N PHE E 120 31.58 21.46 -13.35
CA PHE E 120 32.84 20.81 -13.13
C PHE E 120 33.89 21.82 -12.78
N ILE E 121 34.67 21.54 -11.75
CA ILE E 121 35.73 22.41 -11.30
C ILE E 121 37.01 21.67 -11.56
N THR E 122 37.96 22.25 -12.26
CA THR E 122 39.21 21.56 -12.54
C THR E 122 40.18 21.80 -11.39
N GLU E 123 40.86 20.78 -10.90
CA GLU E 123 41.75 20.96 -9.80
C GLU E 123 43.16 20.67 -10.24
N GLY E 124 44.11 21.21 -9.49
CA GLY E 124 45.50 21.12 -9.89
C GLY E 124 46.17 19.84 -9.47
N PHE E 125 45.81 18.71 -10.02
CA PHE E 125 46.47 17.48 -9.63
C PHE E 125 47.85 17.52 -10.24
N THR E 126 48.90 17.17 -9.50
CA THR E 126 50.19 17.14 -10.14
C THR E 126 50.66 15.72 -10.29
N TRP E 127 50.70 15.26 -11.52
CA TRP E 127 51.09 13.88 -11.79
C TRP E 127 52.56 13.89 -12.12
N THR E 128 53.48 13.51 -11.24
CA THR E 128 54.87 13.57 -11.63
C THR E 128 55.44 12.25 -12.12
N GLY E 129 56.04 12.27 -13.29
CA GLY E 129 56.71 11.08 -13.75
C GLY E 129 55.89 10.24 -14.69
N VAL E 130 54.73 10.71 -15.11
CA VAL E 130 53.90 10.01 -16.05
C VAL E 130 53.57 10.96 -17.19
N THR E 131 53.24 10.43 -18.35
CA THR E 131 52.81 11.21 -19.48
C THR E 131 51.32 11.45 -19.33
N GLN E 132 50.85 12.69 -19.38
CA GLN E 132 49.44 13.02 -19.23
C GLN E 132 48.70 13.09 -20.54
N ASN E 133 47.40 13.29 -20.46
CA ASN E 133 46.55 13.60 -21.59
C ASN E 133 46.54 12.58 -22.70
N GLY E 134 46.72 11.30 -22.38
CA GLY E 134 46.64 10.23 -23.37
C GLY E 134 45.29 10.23 -24.07
N GLY E 135 45.26 9.79 -25.32
CA GLY E 135 44.04 9.81 -26.08
C GLY E 135 44.01 8.58 -26.96
N SER E 136 42.97 8.46 -27.76
CA SER E 136 42.76 7.31 -28.58
C SER E 136 42.04 7.79 -29.79
N ASN E 137 42.22 7.00 -30.83
CA ASN E 137 41.53 7.29 -32.05
C ASN E 137 40.09 6.86 -32.03
N ALA E 138 39.66 6.03 -31.08
CA ALA E 138 38.24 5.71 -30.96
C ALA E 138 37.46 6.87 -30.38
N CYS E 139 38.17 7.87 -29.82
CA CYS E 139 37.56 9.04 -29.23
C CYS E 139 38.16 10.23 -29.92
N LYS E 140 37.85 10.40 -31.19
CA LYS E 140 38.40 11.46 -32.01
C LYS E 140 37.93 12.82 -31.51
N ARG E 141 38.80 13.78 -31.25
CA ARG E 141 38.29 15.08 -30.90
C ARG E 141 38.90 15.91 -31.98
N GLY E 142 37.98 16.31 -32.83
CA GLY E 142 38.36 17.03 -34.05
C GLY E 142 38.97 16.01 -35.01
N PRO E 143 40.05 16.35 -35.71
CA PRO E 143 40.70 15.43 -36.64
C PRO E 143 41.56 14.41 -35.89
N GLY E 144 41.97 14.77 -34.66
CA GLY E 144 42.90 13.99 -33.89
C GLY E 144 42.29 12.98 -32.93
N SER E 145 43.18 12.34 -32.21
CA SER E 145 42.83 11.43 -31.15
C SER E 145 42.30 12.23 -29.99
N GLY E 146 41.54 11.64 -29.07
CA GLY E 146 41.06 12.37 -27.91
C GLY E 146 40.66 11.39 -26.84
N PHE E 147 39.94 11.87 -25.85
CA PHE E 147 39.49 11.06 -24.74
C PHE E 147 38.41 11.85 -24.05
N PHE E 148 37.86 11.31 -22.98
CA PHE E 148 36.80 11.99 -22.23
C PHE E 148 37.32 13.31 -21.69
N SER E 149 36.62 14.42 -21.92
CA SER E 149 37.09 15.70 -21.47
C SER E 149 37.31 15.77 -19.97
N ARG E 150 36.58 15.03 -19.15
CA ARG E 150 36.75 15.15 -17.74
C ARG E 150 37.69 14.14 -17.13
N LEU E 151 38.40 13.33 -17.90
CA LEU E 151 39.27 12.26 -17.38
C LEU E 151 40.68 12.40 -17.92
N ASN E 152 41.75 11.93 -17.26
CA ASN E 152 43.11 12.18 -17.74
C ASN E 152 43.85 10.88 -17.77
N TRP E 153 44.18 10.37 -18.94
CA TRP E 153 44.80 9.04 -19.08
C TRP E 153 46.28 9.18 -18.91
N LEU E 154 46.84 8.49 -17.93
CA LEU E 154 48.24 8.60 -17.64
C LEU E 154 48.93 7.33 -18.12
N THR E 155 50.06 7.54 -18.77
CA THR E 155 50.90 6.46 -19.25
C THR E 155 52.33 6.70 -18.77
N LYS E 156 53.27 5.79 -18.98
CA LYS E 156 54.61 5.94 -18.47
C LYS E 156 55.36 7.13 -19.05
N SER E 157 56.40 7.60 -18.36
CA SER E 157 57.28 8.54 -18.99
C SER E 157 58.61 7.85 -19.15
N GLY E 158 59.06 7.78 -20.40
CA GLY E 158 60.30 7.16 -20.74
C GLY E 158 60.25 5.68 -20.46
N SER E 159 60.84 5.28 -19.35
CA SER E 159 60.91 3.87 -19.04
C SER E 159 60.33 3.54 -17.68
N THR E 160 59.49 4.44 -17.17
CA THR E 160 59.03 4.27 -15.83
C THR E 160 57.65 4.84 -15.62
N TYR E 161 56.90 4.14 -14.77
CA TYR E 161 55.65 4.64 -14.27
C TYR E 161 55.92 4.55 -12.79
N PRO E 162 55.98 5.67 -12.06
CA PRO E 162 56.23 5.71 -10.63
C PRO E 162 55.01 5.35 -9.82
N VAL E 163 55.13 5.23 -8.50
CA VAL E 163 53.91 5.04 -7.75
C VAL E 163 53.37 6.43 -7.49
N LEU E 164 52.26 6.74 -8.13
CA LEU E 164 51.61 8.00 -7.93
C LEU E 164 50.93 7.95 -6.58
N ASN E 165 51.07 8.98 -5.79
CA ASN E 165 50.43 9.06 -4.50
C ASN E 165 50.03 10.52 -4.36
N VAL E 166 48.83 10.98 -4.74
CA VAL E 166 48.50 12.40 -4.64
C VAL E 166 47.36 12.63 -3.66
N THR E 167 47.07 13.87 -3.29
CA THR E 167 46.00 14.14 -2.36
C THR E 167 45.33 15.45 -2.70
N MET E 168 44.05 15.56 -2.44
CA MET E 168 43.28 16.74 -2.74
C MET E 168 42.24 16.89 -1.62
N PRO E 169 42.39 17.87 -0.74
CA PRO E 169 41.53 18.11 0.40
C PRO E 169 40.21 18.73 0.05
N ASN E 170 39.15 18.33 0.74
CA ASN E 170 37.90 18.97 0.51
C ASN E 170 37.88 20.04 1.55
N ASN E 171 38.13 21.27 1.11
CA ASN E 171 38.17 22.35 2.05
C ASN E 171 36.97 23.25 1.97
N ASP E 172 36.10 22.98 1.01
CA ASP E 172 34.89 23.74 0.81
C ASP E 172 33.85 23.13 1.70
N ASN E 173 32.68 23.71 1.65
CA ASN E 173 31.61 23.30 2.53
C ASN E 173 30.58 22.48 1.79
N PHE E 174 30.95 21.79 0.72
CA PHE E 174 30.01 20.97 -0.03
C PHE E 174 30.65 19.64 -0.39
N ASP E 175 29.87 18.64 -0.82
CA ASP E 175 30.43 17.37 -1.20
C ASP E 175 30.96 17.46 -2.61
N LYS E 176 32.03 16.72 -2.85
CA LYS E 176 32.67 16.73 -4.14
C LYS E 176 32.52 15.35 -4.74
N LEU E 177 32.09 15.22 -6.00
CA LEU E 177 31.96 13.92 -6.65
C LEU E 177 33.16 13.77 -7.58
N TYR E 178 34.02 12.78 -7.38
CA TYR E 178 35.14 12.55 -8.27
C TYR E 178 34.86 11.32 -9.12
N ILE E 179 34.89 11.40 -10.44
CA ILE E 179 34.73 10.26 -11.34
C ILE E 179 36.14 9.86 -11.78
N TRP E 180 36.59 8.64 -11.54
CA TRP E 180 37.90 8.24 -11.99
C TRP E 180 37.78 6.87 -12.65
N GLY E 181 38.83 6.18 -13.08
CA GLY E 181 38.66 4.92 -13.75
C GLY E 181 39.92 4.10 -13.82
N ILE E 182 39.90 2.99 -14.52
CA ILE E 182 41.06 2.13 -14.66
C ILE E 182 41.05 1.57 -16.08
N HIS E 183 42.20 1.34 -16.69
CA HIS E 183 42.30 0.85 -18.06
C HIS E 183 42.61 -0.64 -18.02
N HIS E 184 41.87 -1.45 -18.78
CA HIS E 184 42.09 -2.89 -18.83
C HIS E 184 42.72 -3.21 -20.16
N PRO E 185 44.01 -3.47 -20.22
CA PRO E 185 44.71 -3.76 -21.44
C PRO E 185 44.25 -5.03 -22.15
N SER E 186 44.44 -5.17 -23.45
CA SER E 186 44.11 -6.40 -24.09
C SER E 186 45.18 -7.43 -23.92
N THR E 187 46.46 -7.05 -23.91
CA THR E 187 47.56 -8.00 -23.86
C THR E 187 48.57 -7.59 -22.83
N ASN E 188 49.35 -8.52 -22.29
CA ASN E 188 50.38 -8.19 -21.32
C ASN E 188 51.40 -7.25 -21.93
N GLN E 189 51.63 -7.40 -23.22
CA GLN E 189 52.52 -6.51 -23.93
C GLN E 189 51.94 -5.12 -23.85
N GLU E 190 50.66 -4.91 -24.17
CA GLU E 190 50.03 -3.62 -24.07
C GLU E 190 50.22 -3.04 -22.67
N GLN E 191 50.05 -3.86 -21.64
CA GLN E 191 50.22 -3.43 -20.26
C GLN E 191 51.60 -2.87 -20.04
N THR E 192 52.63 -3.63 -20.33
CA THR E 192 53.99 -3.19 -20.07
C THR E 192 54.38 -2.03 -20.95
N SER E 193 53.88 -1.98 -22.18
CA SER E 193 54.16 -0.89 -23.08
C SER E 193 53.65 0.42 -22.52
N LEU E 194 52.46 0.43 -21.93
CA LEU E 194 51.92 1.63 -21.41
C LEU E 194 52.29 1.91 -19.97
N TYR E 195 52.23 0.93 -19.08
CA TYR E 195 52.36 1.19 -17.66
C TYR E 195 53.56 0.53 -17.01
N VAL E 196 54.43 -0.06 -17.81
CA VAL E 196 55.67 -0.72 -17.40
C VAL E 196 55.43 -1.89 -16.47
N GLN E 197 54.88 -1.69 -15.26
CA GLN E 197 54.52 -2.77 -14.35
C GLN E 197 53.66 -3.79 -15.06
N ALA E 198 53.87 -5.09 -14.86
CA ALA E 198 53.00 -6.08 -15.49
C ALA E 198 51.65 -6.20 -14.81
N SER E 199 51.46 -5.56 -13.66
CA SER E 199 50.19 -5.57 -12.98
C SER E 199 49.98 -4.19 -12.38
N GLY E 200 48.99 -3.44 -12.87
CA GLY E 200 48.66 -2.14 -12.32
C GLY E 200 47.83 -2.28 -11.04
N ARG E 201 47.42 -1.17 -10.45
CA ARG E 201 46.66 -1.14 -9.20
C ARG E 201 46.18 0.28 -8.97
N VAL E 202 44.93 0.53 -8.68
CA VAL E 202 44.48 1.86 -8.35
C VAL E 202 43.83 1.79 -6.96
N THR E 203 44.24 2.57 -5.98
CA THR E 203 43.61 2.66 -4.69
C THR E 203 43.13 4.11 -4.53
N VAL E 204 41.85 4.39 -4.38
CA VAL E 204 41.38 5.75 -4.19
C VAL E 204 40.71 5.72 -2.85
N SER E 205 41.03 6.63 -1.94
CA SER E 205 40.51 6.54 -0.58
C SER E 205 40.25 7.88 0.03
N THR E 206 39.52 7.89 1.13
CA THR E 206 39.26 9.07 1.91
C THR E 206 39.46 8.67 3.36
N ARG E 207 39.11 9.45 4.36
CA ARG E 207 39.18 8.98 5.73
C ARG E 207 38.12 7.95 5.99
N ARG E 208 37.06 7.99 5.20
CA ARG E 208 35.93 7.09 5.36
C ARG E 208 35.98 5.81 4.54
N SER E 209 36.61 5.80 3.37
CA SER E 209 36.47 4.65 2.51
C SER E 209 37.70 4.39 1.73
N GLN E 210 37.73 3.29 0.98
CA GLN E 210 38.80 2.99 0.08
C GLN E 210 38.28 2.06 -0.99
N GLN E 211 38.76 2.18 -2.21
CA GLN E 211 38.45 1.29 -3.28
C GLN E 211 39.80 0.94 -3.84
N THR E 212 40.15 -0.33 -3.94
CA THR E 212 41.35 -0.68 -4.68
C THR E 212 40.85 -1.56 -5.80
N ILE E 213 41.08 -1.18 -7.03
CA ILE E 213 40.66 -1.91 -8.20
C ILE E 213 41.94 -2.36 -8.89
N ILE E 214 42.02 -3.59 -9.38
CA ILE E 214 43.19 -3.96 -10.17
C ILE E 214 42.66 -4.27 -11.57
N PRO E 215 43.37 -3.92 -12.66
CA PRO E 215 42.96 -4.12 -14.04
C PRO E 215 42.88 -5.57 -14.41
N ASN E 216 42.33 -5.90 -15.58
CA ASN E 216 42.17 -7.30 -16.01
C ASN E 216 42.54 -7.41 -17.45
N ILE E 217 43.61 -8.11 -17.76
CA ILE E 217 44.07 -8.19 -19.12
C ILE E 217 43.37 -9.28 -19.89
N GLY E 218 42.99 -9.04 -21.13
CA GLY E 218 42.33 -10.04 -21.92
C GLY E 218 41.61 -9.39 -23.07
N SER E 219 41.27 -10.14 -24.10
CA SER E 219 40.56 -9.59 -25.24
C SER E 219 39.06 -9.57 -25.01
N ARG E 220 38.49 -8.41 -25.23
CA ARG E 220 37.06 -8.27 -25.26
C ARG E 220 36.65 -8.10 -26.73
N PRO E 221 35.38 -8.02 -27.11
CA PRO E 221 34.99 -7.79 -28.49
C PRO E 221 35.50 -6.44 -28.99
N TRP E 222 35.87 -6.41 -30.25
CA TRP E 222 36.23 -5.22 -30.97
C TRP E 222 35.06 -4.24 -30.90
N VAL E 223 35.29 -3.11 -30.23
CA VAL E 223 34.34 -2.02 -30.17
C VAL E 223 35.16 -0.79 -30.53
N ARG E 224 34.78 -0.14 -31.63
CA ARG E 224 35.46 1.01 -32.21
C ARG E 224 36.95 0.79 -32.38
N GLY E 225 37.29 -0.39 -32.88
CA GLY E 225 38.67 -0.71 -33.15
C GLY E 225 39.42 -1.24 -31.96
N LEU E 226 38.78 -1.37 -30.79
CA LEU E 226 39.49 -1.75 -29.59
C LEU E 226 38.93 -2.91 -28.80
N SER E 227 39.83 -3.73 -28.25
CA SER E 227 39.49 -4.82 -27.35
C SER E 227 39.70 -4.46 -25.91
N SER E 228 40.30 -3.31 -25.64
CA SER E 228 40.52 -2.87 -24.29
C SER E 228 39.26 -2.20 -23.82
N ARG E 229 39.17 -1.91 -22.54
CA ARG E 229 37.99 -1.30 -21.93
C ARG E 229 38.48 -0.40 -20.82
N ILE E 230 37.73 0.59 -20.38
CA ILE E 230 38.12 1.25 -19.14
C ILE E 230 36.91 1.16 -18.24
N SER E 231 37.03 0.83 -16.97
CA SER E 231 35.83 0.80 -16.13
C SER E 231 35.81 2.09 -15.32
N ILE E 232 34.66 2.73 -15.19
CA ILE E 232 34.48 3.99 -14.49
C ILE E 232 34.04 3.77 -13.03
N TYR E 233 34.57 4.52 -12.07
CA TYR E 233 34.22 4.44 -10.66
C TYR E 233 33.98 5.87 -10.13
N TRP E 234 33.45 6.08 -8.94
CA TRP E 234 33.13 7.42 -8.44
C TRP E 234 33.42 7.50 -6.97
N THR E 235 33.81 8.63 -6.39
CA THR E 235 34.10 8.70 -4.98
C THR E 235 33.52 10.01 -4.53
N ILE E 236 32.74 10.07 -3.48
CA ILE E 236 32.27 11.38 -3.04
C ILE E 236 33.14 11.75 -1.86
N VAL E 237 33.63 12.97 -1.78
CA VAL E 237 34.48 13.39 -0.69
C VAL E 237 33.71 14.44 0.07
N LYS E 238 33.50 14.21 1.36
CA LYS E 238 32.66 15.11 2.16
C LYS E 238 33.48 16.33 2.58
N PRO E 239 32.91 17.45 3.04
CA PRO E 239 33.65 18.62 3.45
C PRO E 239 34.54 18.22 4.61
N GLY E 240 35.76 18.69 4.57
CA GLY E 240 36.71 18.40 5.62
C GLY E 240 37.48 17.13 5.36
N ASP E 241 37.05 16.27 4.42
CA ASP E 241 37.74 15.02 4.23
C ASP E 241 38.87 15.20 3.22
N VAL E 242 39.46 14.16 2.68
CA VAL E 242 40.58 14.31 1.79
C VAL E 242 40.63 13.14 0.85
N LEU E 243 40.93 13.36 -0.43
CA LEU E 243 41.05 12.28 -1.38
C LEU E 243 42.51 11.92 -1.45
N VAL E 244 42.89 10.65 -1.48
CA VAL E 244 44.25 10.23 -1.75
C VAL E 244 44.14 9.22 -2.89
N ILE E 245 44.84 9.42 -4.02
CA ILE E 245 44.77 8.55 -5.19
C ILE E 245 46.13 7.94 -5.23
N ASN E 246 46.22 6.62 -5.31
CA ASN E 246 47.50 5.98 -5.27
C ASN E 246 47.54 4.91 -6.32
N SER E 247 48.45 4.97 -7.26
CA SER E 247 48.45 4.00 -8.33
C SER E 247 49.85 3.73 -8.79
N ASN E 248 49.96 2.55 -9.34
CA ASN E 248 51.21 2.02 -9.78
C ASN E 248 51.08 1.54 -11.21
N GLY E 249 50.02 2.01 -11.90
CA GLY E 249 49.76 1.66 -13.28
C GLY E 249 48.26 1.58 -13.55
N ASN E 250 47.84 1.94 -14.76
CA ASN E 250 46.47 1.81 -15.26
C ASN E 250 45.45 2.83 -14.78
N LEU E 251 45.86 3.86 -14.04
CA LEU E 251 44.94 4.86 -13.54
C LEU E 251 44.44 5.76 -14.65
N ILE E 252 43.13 5.93 -14.79
CA ILE E 252 42.57 6.98 -15.62
C ILE E 252 42.20 8.04 -14.57
N ALA E 253 42.95 9.14 -14.41
CA ALA E 253 42.78 10.11 -13.32
C ALA E 253 41.72 11.18 -13.43
N PRO E 254 41.12 11.68 -12.36
CA PRO E 254 40.11 12.72 -12.44
C PRO E 254 40.76 14.05 -12.77
N ARG E 255 40.08 15.00 -13.45
CA ARG E 255 40.66 16.32 -13.67
C ARG E 255 40.12 17.34 -12.67
N GLY E 256 39.21 16.96 -11.78
CA GLY E 256 38.62 17.85 -10.82
C GLY E 256 37.37 17.19 -10.31
N TYR E 257 36.39 17.95 -9.87
CA TYR E 257 35.22 17.35 -9.29
C TYR E 257 33.97 17.94 -9.85
N PHE E 258 32.90 17.15 -9.82
CA PHE E 258 31.57 17.62 -10.15
C PHE E 258 31.02 18.07 -8.85
N LYS E 259 30.29 19.15 -8.78
CA LYS E 259 29.75 19.43 -7.48
C LYS E 259 28.36 18.89 -7.37
N MET E 260 28.03 18.41 -6.20
CA MET E 260 26.78 17.77 -5.99
C MET E 260 25.81 18.71 -5.37
N ARG E 261 24.54 18.59 -5.73
CA ARG E 261 23.54 19.30 -4.99
C ARG E 261 22.32 18.43 -4.71
N THR E 262 21.35 18.99 -3.99
CA THR E 262 20.21 18.29 -3.49
C THR E 262 19.02 19.01 -4.00
N GLY E 263 18.21 18.39 -4.83
CA GLY E 263 17.06 19.10 -5.35
C GLY E 263 16.06 18.13 -5.91
N LYS E 264 15.22 18.62 -6.82
CA LYS E 264 14.15 17.82 -7.37
C LYS E 264 14.47 17.23 -8.72
N SER E 265 15.74 17.16 -9.10
CA SER E 265 16.06 16.76 -10.45
C SER E 265 15.94 15.27 -10.60
N SER E 266 15.71 14.83 -11.83
CA SER E 266 15.56 13.43 -12.11
C SER E 266 15.91 13.20 -13.56
N ILE E 267 15.75 11.99 -14.08
CA ILE E 267 16.08 11.71 -15.46
C ILE E 267 14.88 10.97 -16.04
N MET E 268 14.62 10.95 -17.35
CA MET E 268 13.46 10.24 -17.89
C MET E 268 13.86 9.75 -19.26
N ARG E 269 13.47 8.54 -19.64
CA ARG E 269 13.80 8.09 -20.95
C ARG E 269 12.53 8.35 -21.71
N SER E 270 12.59 9.07 -22.81
CA SER E 270 11.42 9.46 -23.55
C SER E 270 11.84 9.92 -24.92
N ASP E 271 11.08 9.53 -25.95
CA ASP E 271 11.31 10.09 -27.25
C ASP E 271 10.28 11.13 -27.60
N ALA E 272 9.48 11.58 -26.63
CA ALA E 272 8.53 12.61 -26.93
C ALA E 272 9.23 13.94 -27.27
N PRO E 273 8.67 14.78 -28.14
CA PRO E 273 9.19 16.08 -28.55
C PRO E 273 9.00 17.05 -27.43
N ILE E 274 9.92 17.97 -27.23
CA ILE E 274 9.67 19.01 -26.22
C ILE E 274 9.01 20.16 -26.95
N ASP E 275 8.13 20.85 -26.28
CA ASP E 275 7.37 21.88 -26.93
C ASP E 275 7.18 23.02 -25.96
N THR E 276 6.65 24.15 -26.41
CA THR E 276 6.58 25.26 -25.50
C THR E 276 5.17 25.37 -25.03
N CYS E 277 4.96 25.08 -23.76
CA CYS E 277 3.64 25.09 -23.14
C CYS E 277 3.85 24.91 -21.67
N ILE E 278 2.91 25.16 -20.78
CA ILE E 278 3.24 24.92 -19.41
C ILE E 278 2.43 23.71 -18.99
N SER E 279 3.05 22.79 -18.26
CA SER E 279 2.40 21.59 -17.77
C SER E 279 3.18 21.14 -16.59
N GLU E 280 2.53 20.86 -15.47
CA GLU E 280 3.24 20.37 -14.31
C GLU E 280 3.64 18.91 -14.35
N CYS E 281 2.81 18.07 -14.96
CA CYS E 281 3.00 16.64 -14.94
C CYS E 281 3.68 16.12 -16.19
N ILE E 282 4.79 15.41 -16.09
CA ILE E 282 5.43 14.87 -17.27
C ILE E 282 5.39 13.36 -17.15
N THR E 283 5.23 12.74 -18.31
CA THR E 283 5.09 11.32 -18.49
C THR E 283 5.99 11.02 -19.65
N PRO E 284 6.64 9.89 -19.82
CA PRO E 284 7.47 9.66 -20.98
C PRO E 284 6.67 9.71 -22.26
N ASN E 285 5.34 9.58 -22.16
CA ASN E 285 4.45 9.75 -23.30
C ASN E 285 4.12 11.21 -23.56
N GLY E 286 4.67 12.19 -22.86
CA GLY E 286 4.34 13.58 -23.07
C GLY E 286 3.59 14.06 -21.85
N SER E 287 3.40 15.35 -21.71
CA SER E 287 2.73 15.91 -20.56
C SER E 287 1.27 15.56 -20.52
N ILE E 288 0.70 15.56 -19.32
CA ILE E 288 -0.71 15.27 -19.17
C ILE E 288 -1.28 16.27 -18.21
N PRO E 289 -2.55 16.65 -18.28
CA PRO E 289 -3.15 17.58 -17.34
C PRO E 289 -3.41 16.92 -16.01
N ASN E 290 -3.13 17.63 -14.92
CA ASN E 290 -3.34 17.04 -13.61
C ASN E 290 -4.57 17.54 -12.90
N ASP E 291 -5.61 17.80 -13.66
CA ASP E 291 -6.88 18.20 -13.11
C ASP E 291 -7.56 16.96 -12.51
N LYS E 292 -7.46 15.76 -13.14
CA LYS E 292 -8.12 14.57 -12.64
C LYS E 292 -7.30 13.88 -11.54
N PRO E 293 -7.87 13.24 -10.52
CA PRO E 293 -7.10 12.56 -9.47
C PRO E 293 -6.31 11.32 -9.91
N PHE E 294 -6.71 10.60 -10.92
CA PHE E 294 -6.02 9.38 -11.27
C PHE E 294 -5.60 9.46 -12.71
N GLN E 295 -4.59 8.72 -13.16
CA GLN E 295 -4.28 8.74 -14.57
C GLN E 295 -3.89 7.36 -14.99
N ASN E 296 -3.98 7.11 -16.28
CA ASN E 296 -3.71 5.81 -16.78
C ASN E 296 -2.76 5.91 -17.94
N VAL E 297 -2.06 7.05 -18.08
CA VAL E 297 -1.16 7.17 -19.21
C VAL E 297 0.11 6.39 -18.98
N ASN E 298 0.86 6.64 -17.91
CA ASN E 298 2.09 5.89 -17.65
C ASN E 298 2.41 5.94 -16.16
N LYS E 299 3.01 4.87 -15.63
CA LYS E 299 3.38 4.76 -14.22
C LYS E 299 4.65 5.54 -13.94
N ILE E 300 5.29 6.03 -14.98
CA ILE E 300 6.47 6.85 -14.84
C ILE E 300 6.04 8.32 -14.89
N THR E 301 6.26 9.07 -13.83
CA THR E 301 5.88 10.45 -13.88
C THR E 301 6.94 11.31 -13.21
N TYR E 302 6.93 12.62 -13.50
CA TYR E 302 7.77 13.62 -12.86
C TYR E 302 6.87 14.83 -12.63
N GLY E 303 6.85 15.42 -11.44
CA GLY E 303 6.07 16.63 -11.28
C GLY E 303 4.79 16.44 -10.51
N ALA E 304 3.83 17.39 -10.55
CA ALA E 304 2.57 17.19 -9.85
C ALA E 304 1.64 16.36 -10.71
N CYS E 305 1.59 15.02 -10.55
CA CYS E 305 0.81 14.20 -11.46
C CYS E 305 -0.31 13.43 -10.82
N PRO E 306 -1.34 13.01 -11.55
CA PRO E 306 -2.39 12.20 -10.97
C PRO E 306 -1.82 10.81 -10.61
N LYS E 307 -2.47 10.07 -9.71
CA LYS E 307 -2.01 8.77 -9.25
C LYS E 307 -2.33 7.74 -10.34
N TYR E 308 -1.31 6.99 -10.77
CA TYR E 308 -1.50 5.98 -11.78
C TYR E 308 -2.37 4.83 -11.30
N VAL E 309 -3.30 4.44 -12.14
CA VAL E 309 -4.27 3.45 -11.78
C VAL E 309 -4.37 2.46 -12.95
N LYS E 310 -4.81 1.23 -12.69
CA LYS E 310 -4.97 0.26 -13.76
C LYS E 310 -6.20 0.65 -14.57
N GLN E 311 -7.28 1.12 -13.97
CA GLN E 311 -8.50 1.49 -14.66
C GLN E 311 -8.33 2.56 -15.72
N ASN E 312 -9.07 2.58 -16.82
CA ASN E 312 -8.92 3.68 -17.77
C ASN E 312 -10.14 4.57 -17.73
N THR E 313 -11.20 4.15 -17.03
CA THR E 313 -12.26 5.07 -16.82
C THR E 313 -12.82 4.84 -15.45
N LEU E 314 -13.14 5.91 -14.73
CA LEU E 314 -13.83 5.86 -13.45
C LEU E 314 -14.70 7.11 -13.34
N LYS E 315 -16.01 6.94 -13.44
CA LYS E 315 -16.94 8.05 -13.48
C LYS E 315 -17.60 8.30 -12.17
N LEU E 316 -17.41 9.51 -11.69
CA LEU E 316 -18.04 9.94 -10.46
C LEU E 316 -19.39 10.57 -10.78
N ALA E 317 -20.48 9.96 -10.28
CA ALA E 317 -21.81 10.51 -10.50
C ALA E 317 -21.90 11.89 -9.91
N THR E 318 -22.33 12.86 -10.69
CA THR E 318 -22.53 14.21 -10.21
C THR E 318 -23.99 14.56 -10.41
N GLY E 319 -24.93 13.61 -10.32
CA GLY E 319 -26.34 13.91 -10.49
C GLY E 319 -27.14 12.74 -9.94
N MET E 320 -28.46 12.89 -9.85
CA MET E 320 -29.33 11.85 -9.32
C MET E 320 -29.52 10.70 -10.28
N ARG E 321 -30.31 9.71 -9.87
CA ARG E 321 -30.62 8.63 -10.75
C ARG E 321 -31.49 9.16 -11.88
N ASN E 322 -31.27 8.70 -13.11
CA ASN E 322 -32.06 9.11 -14.26
C ASN E 322 -33.23 8.16 -14.43
N VAL E 323 -34.46 8.59 -14.22
CA VAL E 323 -35.63 7.76 -14.37
C VAL E 323 -36.48 8.50 -15.42
N PRO E 324 -36.20 8.46 -16.73
CA PRO E 324 -36.93 9.20 -17.77
C PRO E 324 -38.38 8.85 -18.00
N GLU E 325 -39.03 9.74 -18.71
CA GLU E 325 -40.43 9.58 -18.98
C GLU E 325 -40.63 8.49 -20.01
N LYS E 326 -39.98 8.62 -21.17
CA LYS E 326 -40.17 7.59 -22.17
C LYS E 326 -39.22 6.40 -21.93
N GLN E 327 -37.94 6.51 -22.30
CA GLN E 327 -36.97 5.41 -22.35
C GLN E 327 -35.61 6.10 -22.52
N THR E 328 -34.59 5.26 -22.60
CA THR E 328 -33.18 5.60 -22.72
C THR E 328 -32.59 4.46 -23.55
N GLY F 1 -33.58 5.05 -3.77
CA GLY F 1 -32.47 4.55 -2.96
C GLY F 1 -32.93 4.47 -1.53
N LEU F 2 -32.22 4.95 -0.53
CA LEU F 2 -32.62 4.72 0.84
C LEU F 2 -33.92 5.34 1.22
N PHE F 3 -34.31 6.42 0.58
CA PHE F 3 -35.53 7.04 1.04
C PHE F 3 -36.70 6.66 0.21
N GLY F 4 -36.46 6.09 -0.99
CA GLY F 4 -37.52 5.59 -1.85
C GLY F 4 -38.41 6.66 -2.46
N ALA F 5 -37.90 7.83 -2.78
CA ALA F 5 -38.73 8.82 -3.44
C ALA F 5 -38.39 8.73 -4.90
N ILE F 6 -37.14 9.03 -5.28
CA ILE F 6 -36.71 8.93 -6.67
C ILE F 6 -36.73 7.46 -7.02
N ALA F 7 -37.32 7.16 -8.19
CA ALA F 7 -37.47 5.81 -8.67
C ALA F 7 -38.13 4.99 -7.57
N GLY F 8 -39.06 5.63 -6.86
CA GLY F 8 -39.72 5.04 -5.71
C GLY F 8 -41.15 5.54 -5.73
N PHE F 9 -41.61 6.23 -4.69
CA PHE F 9 -43.00 6.64 -4.71
C PHE F 9 -43.27 7.68 -5.78
N ILE F 10 -42.21 8.30 -6.32
CA ILE F 10 -42.31 9.21 -7.44
C ILE F 10 -41.91 8.35 -8.61
N GLU F 11 -42.86 8.06 -9.48
CA GLU F 11 -42.70 7.17 -10.61
C GLU F 11 -41.53 7.42 -11.52
N ASN F 12 -41.34 8.64 -11.97
CA ASN F 12 -40.27 8.92 -12.91
C ASN F 12 -39.98 10.40 -12.92
N GLY F 13 -38.84 10.77 -13.48
CA GLY F 13 -38.44 12.15 -13.59
C GLY F 13 -39.21 12.89 -14.67
N TRP F 14 -39.06 14.20 -14.76
CA TRP F 14 -39.70 14.99 -15.76
C TRP F 14 -38.63 15.47 -16.68
N GLU F 15 -38.56 15.00 -17.93
CA GLU F 15 -37.54 15.47 -18.86
C GLU F 15 -37.83 16.92 -19.17
N GLY F 16 -39.08 17.32 -18.97
CA GLY F 16 -39.48 18.69 -19.20
C GLY F 16 -38.88 19.74 -18.26
N MET F 17 -38.50 19.37 -17.03
CA MET F 17 -38.06 20.39 -16.11
C MET F 17 -36.64 20.75 -16.44
N ILE F 18 -36.42 21.95 -16.95
CA ILE F 18 -35.08 22.32 -17.37
C ILE F 18 -34.48 23.38 -16.48
N ASP F 19 -35.29 24.01 -15.65
CA ASP F 19 -34.88 25.12 -14.83
C ASP F 19 -34.46 24.70 -13.43
N GLY F 20 -34.38 23.42 -13.11
CA GLY F 20 -33.92 23.01 -11.78
C GLY F 20 -34.08 21.52 -11.61
N TRP F 21 -33.45 20.93 -10.58
CA TRP F 21 -33.48 19.51 -10.38
C TRP F 21 -34.77 19.04 -9.70
N TYR F 22 -35.42 19.77 -8.81
CA TYR F 22 -36.62 19.28 -8.15
C TYR F 22 -37.67 20.34 -8.36
N GLY F 23 -38.96 20.04 -8.32
CA GLY F 23 -39.95 21.08 -8.58
C GLY F 23 -41.39 20.61 -8.44
N PHE F 24 -42.28 21.48 -8.87
CA PHE F 24 -43.71 21.32 -8.73
C PHE F 24 -44.46 21.40 -10.05
N ARG F 25 -45.61 20.69 -10.10
CA ARG F 25 -46.55 20.62 -11.23
C ARG F 25 -47.90 20.66 -10.61
N HIS F 26 -48.78 21.58 -11.02
CA HIS F 26 -50.09 21.69 -10.36
C HIS F 26 -51.17 21.77 -11.41
N GLN F 27 -52.40 21.54 -10.94
CA GLN F 27 -53.57 21.72 -11.74
C GLN F 27 -54.60 22.26 -10.78
N ASN F 28 -55.02 23.48 -11.02
CA ASN F 28 -56.01 24.16 -10.21
C ASN F 28 -57.07 24.68 -11.12
N SER F 29 -58.15 25.19 -10.54
CA SER F 29 -59.25 25.77 -11.28
C SER F 29 -58.90 26.94 -12.21
N GLU F 30 -57.66 27.39 -12.27
CA GLU F 30 -57.26 28.48 -13.12
C GLU F 30 -56.37 27.96 -14.26
N GLY F 31 -55.69 26.82 -14.08
CA GLY F 31 -54.83 26.23 -15.10
C GLY F 31 -53.90 25.16 -14.57
N THR F 32 -52.81 24.96 -15.25
CA THR F 32 -51.83 23.98 -14.87
C THR F 32 -50.50 24.66 -15.01
N GLY F 33 -49.46 24.26 -14.28
CA GLY F 33 -48.15 24.86 -14.44
C GLY F 33 -47.12 23.97 -13.79
N GLN F 34 -45.88 24.34 -14.05
CA GLN F 34 -44.73 23.62 -13.56
C GLN F 34 -43.76 24.67 -13.03
N ALA F 35 -42.83 24.36 -12.13
CA ALA F 35 -41.89 25.33 -11.59
C ALA F 35 -40.76 24.62 -10.87
N ALA F 36 -39.47 24.91 -11.12
CA ALA F 36 -38.42 24.23 -10.38
C ALA F 36 -38.41 24.78 -8.98
N ASP F 37 -37.90 24.04 -8.00
CA ASP F 37 -37.72 24.54 -6.65
C ASP F 37 -36.23 24.77 -6.55
N LEU F 38 -35.81 26.00 -6.30
CA LEU F 38 -34.38 26.29 -6.30
C LEU F 38 -33.68 26.04 -4.99
N LYS F 39 -34.36 26.00 -3.85
CA LYS F 39 -33.65 25.74 -2.61
C LYS F 39 -33.15 24.31 -2.59
N SER F 40 -34.00 23.30 -2.86
CA SER F 40 -33.55 21.93 -2.86
C SER F 40 -32.60 21.70 -4.04
N THR F 41 -32.85 22.26 -5.22
CA THR F 41 -31.90 22.12 -6.30
C THR F 41 -30.51 22.56 -5.88
N GLN F 42 -30.40 23.67 -5.16
CA GLN F 42 -29.10 24.17 -4.74
C GLN F 42 -28.51 23.27 -3.66
N ALA F 43 -29.31 22.82 -2.70
CA ALA F 43 -28.82 21.93 -1.67
C ALA F 43 -28.19 20.69 -2.27
N ALA F 44 -28.90 20.02 -3.21
CA ALA F 44 -28.35 18.88 -3.89
C ALA F 44 -27.08 19.28 -4.64
N ILE F 45 -27.08 20.39 -5.39
CA ILE F 45 -25.89 20.79 -6.12
C ILE F 45 -24.70 21.12 -5.25
N ASP F 46 -24.89 21.83 -4.15
CA ASP F 46 -23.80 22.24 -3.29
C ASP F 46 -23.12 21.07 -2.65
N GLN F 47 -23.89 20.07 -2.18
CA GLN F 47 -23.30 18.85 -1.64
C GLN F 47 -22.50 18.11 -2.70
N ILE F 48 -23.03 17.96 -3.89
CA ILE F 48 -22.31 17.24 -4.91
C ILE F 48 -21.07 17.99 -5.30
N ASN F 49 -21.05 19.33 -5.26
CA ASN F 49 -19.84 20.03 -5.63
C ASN F 49 -18.81 19.91 -4.57
N GLY F 50 -19.24 19.95 -3.33
CA GLY F 50 -18.35 19.84 -2.21
C GLY F 50 -17.59 18.55 -2.27
N LYS F 51 -18.35 17.50 -2.52
CA LYS F 51 -17.86 16.15 -2.64
C LYS F 51 -16.88 16.12 -3.78
N LEU F 52 -17.25 16.70 -4.88
CA LEU F 52 -16.39 16.73 -6.06
C LEU F 52 -15.07 17.46 -5.81
N ASN F 53 -15.12 18.54 -5.05
CA ASN F 53 -13.95 19.34 -4.81
C ASN F 53 -12.99 18.59 -3.92
N ARG F 54 -13.50 17.89 -2.93
CA ARG F 54 -12.65 17.19 -2.00
C ARG F 54 -11.85 16.14 -2.74
N VAL F 55 -12.40 15.53 -3.79
CA VAL F 55 -11.75 14.50 -4.58
C VAL F 55 -10.70 15.08 -5.52
N ILE F 56 -10.83 16.32 -5.97
CA ILE F 56 -9.80 16.89 -6.85
C ILE F 56 -8.70 17.65 -6.04
N GLU F 57 -8.86 17.73 -4.70
CA GLU F 57 -7.91 18.31 -3.73
C GLU F 57 -6.54 17.60 -3.88
N LYS F 58 -5.56 18.47 -4.15
CA LYS F 58 -4.13 18.23 -4.41
C LYS F 58 -3.59 16.90 -4.98
N THR F 59 -3.03 17.02 -6.19
CA THR F 59 -2.19 15.96 -6.71
C THR F 59 -0.88 16.19 -5.97
N ASN F 60 -0.33 15.22 -5.28
CA ASN F 60 0.93 15.42 -4.58
C ASN F 60 2.04 15.21 -5.61
N GLU F 61 3.16 15.93 -5.51
CA GLU F 61 4.17 15.84 -6.54
C GLU F 61 5.33 14.98 -6.17
N LYS F 62 5.95 14.30 -7.13
CA LYS F 62 7.01 13.38 -6.84
C LYS F 62 8.05 13.62 -7.91
N PHE F 63 9.32 13.52 -7.52
CA PHE F 63 10.41 13.85 -8.42
C PHE F 63 11.25 12.64 -8.69
N HIS F 64 12.49 12.51 -8.22
CA HIS F 64 13.27 11.33 -8.52
C HIS F 64 12.62 10.13 -7.82
N GLN F 65 12.36 8.97 -8.48
CA GLN F 65 11.73 7.83 -7.81
C GLN F 65 12.51 6.57 -8.14
N ILE F 66 11.95 5.38 -8.37
CA ILE F 66 12.76 4.23 -8.77
C ILE F 66 12.56 4.00 -10.26
N GLU F 67 13.47 3.30 -10.95
CA GLU F 67 13.25 2.92 -12.33
C GLU F 67 12.13 1.90 -12.42
N LYS F 68 11.36 1.97 -13.49
CA LYS F 68 10.17 1.15 -13.60
C LYS F 68 10.05 0.39 -14.90
N GLU F 69 11.07 0.44 -15.71
CA GLU F 69 11.14 -0.21 -16.99
C GLU F 69 12.62 -0.50 -17.11
N PHE F 70 13.00 -1.72 -17.46
CA PHE F 70 14.37 -2.19 -17.41
C PHE F 70 14.69 -2.88 -18.73
N SER F 71 15.91 -2.86 -19.25
CA SER F 71 16.15 -3.56 -20.50
C SER F 71 17.00 -4.80 -20.38
N GLU F 72 17.61 -5.07 -19.23
CA GLU F 72 18.44 -6.24 -19.05
C GLU F 72 17.81 -7.10 -17.98
N VAL F 73 18.23 -8.35 -17.87
CA VAL F 73 17.69 -9.26 -16.85
C VAL F 73 18.68 -9.26 -15.69
N GLU F 74 18.26 -8.84 -14.50
CA GLU F 74 19.24 -8.72 -13.43
C GLU F 74 19.00 -9.65 -12.27
N GLY F 75 17.76 -10.08 -12.00
CA GLY F 75 17.55 -10.99 -10.88
C GLY F 75 17.01 -10.32 -9.63
N ARG F 76 17.51 -10.72 -8.48
CA ARG F 76 16.95 -10.37 -7.19
C ARG F 76 16.54 -8.94 -6.99
N ILE F 77 17.41 -7.97 -7.29
CA ILE F 77 17.08 -6.58 -7.02
C ILE F 77 16.02 -6.04 -7.96
N GLN F 78 16.11 -6.37 -9.25
CA GLN F 78 15.14 -5.85 -10.18
C GLN F 78 13.79 -6.50 -9.92
N ASP F 79 13.72 -7.72 -9.36
CA ASP F 79 12.45 -8.33 -9.06
C ASP F 79 11.77 -7.54 -7.97
N LEU F 80 12.52 -7.02 -6.98
CA LEU F 80 11.96 -6.23 -5.89
C LEU F 80 11.44 -4.91 -6.43
N GLU F 81 12.23 -4.25 -7.32
CA GLU F 81 11.81 -3.00 -7.95
C GLU F 81 10.48 -3.16 -8.64
N LYS F 82 10.34 -4.21 -9.43
CA LYS F 82 9.08 -4.48 -10.08
C LYS F 82 7.98 -4.81 -9.06
N TYR F 83 8.24 -5.57 -8.00
CA TYR F 83 7.21 -5.93 -7.03
C TYR F 83 6.76 -4.73 -6.21
N VAL F 84 7.66 -3.79 -5.86
CA VAL F 84 7.28 -2.62 -5.06
C VAL F 84 6.28 -1.81 -5.86
N GLU F 85 6.55 -1.66 -7.15
CA GLU F 85 5.67 -0.85 -7.98
C GLU F 85 4.38 -1.58 -8.29
N ASP F 86 4.41 -2.89 -8.57
CA ASP F 86 3.16 -3.50 -8.89
C ASP F 86 2.26 -3.56 -7.66
N THR F 87 2.82 -3.77 -6.46
CA THR F 87 1.90 -3.81 -5.35
C THR F 87 1.43 -2.38 -5.06
N LYS F 88 2.20 -1.35 -5.43
CA LYS F 88 1.74 0.02 -5.23
C LYS F 88 0.57 0.33 -6.16
N ILE F 89 0.68 -0.06 -7.43
CA ILE F 89 -0.40 0.17 -8.40
C ILE F 89 -1.65 -0.59 -8.02
N ASP F 90 -1.62 -1.89 -7.64
CA ASP F 90 -2.86 -2.55 -7.28
C ASP F 90 -3.50 -1.89 -6.06
N LEU F 91 -2.69 -1.36 -5.12
CA LEU F 91 -3.28 -0.73 -3.95
C LEU F 91 -3.94 0.56 -4.33
N TRP F 92 -3.31 1.41 -5.15
CA TRP F 92 -4.00 2.64 -5.54
C TRP F 92 -5.21 2.35 -6.43
N SER F 93 -5.18 1.31 -7.27
CA SER F 93 -6.30 0.97 -8.12
C SER F 93 -7.47 0.54 -7.27
N TYR F 94 -7.21 -0.22 -6.19
CA TYR F 94 -8.24 -0.64 -5.26
C TYR F 94 -8.89 0.59 -4.70
N ASN F 95 -8.07 1.53 -4.22
CA ASN F 95 -8.59 2.77 -3.64
C ASN F 95 -9.47 3.52 -4.60
N ALA F 96 -9.05 3.76 -5.84
CA ALA F 96 -9.87 4.50 -6.79
C ALA F 96 -11.23 3.82 -7.00
N GLU F 97 -11.22 2.52 -7.22
CA GLU F 97 -12.42 1.76 -7.46
C GLU F 97 -13.36 1.80 -6.24
N LEU F 98 -12.86 1.65 -5.01
CA LEU F 98 -13.73 1.70 -3.85
C LEU F 98 -14.23 3.10 -3.59
N LEU F 99 -13.41 4.12 -3.92
CA LEU F 99 -13.78 5.51 -3.68
C LEU F 99 -14.94 5.86 -4.58
N VAL F 100 -14.90 5.67 -5.91
CA VAL F 100 -16.06 6.08 -6.68
C VAL F 100 -17.27 5.21 -6.33
N ALA F 101 -17.10 3.94 -5.91
CA ALA F 101 -18.24 3.13 -5.54
C ALA F 101 -19.00 3.71 -4.34
N LEU F 102 -18.29 4.00 -3.21
CA LEU F 102 -18.90 4.60 -2.04
C LEU F 102 -19.49 5.94 -2.44
N GLU F 103 -18.71 6.79 -3.11
CA GLU F 103 -19.20 8.09 -3.54
C GLU F 103 -20.51 8.06 -4.31
N ASN F 104 -20.58 7.28 -5.39
CA ASN F 104 -21.77 7.23 -6.23
C ASN F 104 -22.93 6.71 -5.44
N GLN F 105 -22.68 5.70 -4.62
CA GLN F 105 -23.71 5.12 -3.82
C GLN F 105 -24.35 6.20 -2.97
N HIS F 106 -23.49 7.06 -2.40
CA HIS F 106 -23.94 8.13 -1.53
C HIS F 106 -24.60 9.21 -2.34
N THR F 107 -24.08 9.60 -3.50
CA THR F 107 -24.70 10.67 -4.31
C THR F 107 -26.13 10.27 -4.70
N ILE F 108 -26.42 8.99 -5.01
CA ILE F 108 -27.78 8.61 -5.26
C ILE F 108 -28.60 8.74 -3.97
N ASP F 109 -28.15 8.33 -2.78
CA ASP F 109 -29.00 8.45 -1.61
C ASP F 109 -29.20 9.88 -1.21
N LEU F 110 -28.21 10.74 -1.39
CA LEU F 110 -28.27 12.14 -1.07
C LEU F 110 -29.36 12.83 -1.88
N THR F 111 -29.36 12.69 -3.22
CA THR F 111 -30.37 13.29 -4.07
C THR F 111 -31.75 12.68 -3.79
N ASP F 112 -31.84 11.35 -3.47
CA ASP F 112 -33.09 10.73 -3.08
C ASP F 112 -33.64 11.40 -1.82
N SER F 113 -32.78 11.61 -0.83
CA SER F 113 -33.07 12.33 0.38
C SER F 113 -33.60 13.72 0.10
N GLU F 114 -32.90 14.55 -0.66
CA GLU F 114 -33.41 15.88 -0.96
C GLU F 114 -34.79 15.83 -1.56
N MET F 115 -35.02 14.85 -2.47
CA MET F 115 -36.35 14.72 -3.04
C MET F 115 -37.37 14.49 -1.95
N ASN F 116 -37.07 13.57 -1.06
CA ASN F 116 -38.01 13.26 0.00
C ASN F 116 -38.15 14.39 1.02
N LYS F 117 -37.07 15.13 1.30
CA LYS F 117 -37.14 16.24 2.23
C LYS F 117 -38.07 17.30 1.66
N LEU F 118 -38.01 17.64 0.36
CA LEU F 118 -38.94 18.59 -0.23
C LEU F 118 -40.33 18.04 -0.15
N PHE F 119 -40.52 16.72 -0.28
CA PHE F 119 -41.86 16.20 -0.20
C PHE F 119 -42.44 16.41 1.19
N GLU F 120 -41.68 16.06 2.23
CA GLU F 120 -42.07 16.24 3.62
C GLU F 120 -42.34 17.66 4.02
N LYS F 121 -41.51 18.56 3.53
CA LYS F 121 -41.63 19.95 3.83
C LYS F 121 -42.94 20.48 3.32
N THR F 122 -43.30 20.11 2.08
CA THR F 122 -44.57 20.53 1.49
C THR F 122 -45.70 19.92 2.28
N ARG F 123 -45.56 18.67 2.72
CA ARG F 123 -46.58 17.99 3.51
C ARG F 123 -46.89 18.77 4.76
N ARG F 124 -45.86 18.98 5.58
CA ARG F 124 -45.97 19.73 6.82
C ARG F 124 -46.69 21.08 6.68
N GLN F 125 -46.38 21.81 5.62
CA GLN F 125 -46.96 23.08 5.32
C GLN F 125 -48.46 23.03 5.06
N LEU F 126 -48.93 22.04 4.32
CA LEU F 126 -50.34 21.98 3.98
C LEU F 126 -51.21 21.56 5.14
N ARG F 127 -50.64 21.07 6.23
CA ARG F 127 -51.42 20.65 7.40
C ARG F 127 -52.70 19.86 7.12
N GLU F 128 -53.88 20.13 7.69
CA GLU F 128 -55.08 19.37 7.44
C GLU F 128 -55.76 19.68 6.12
N ASN F 129 -55.15 20.46 5.23
CA ASN F 129 -55.86 20.90 4.05
C ASN F 129 -55.58 20.06 2.83
N ALA F 130 -54.76 19.05 2.90
CA ALA F 130 -54.41 18.32 1.73
C ALA F 130 -54.22 16.88 2.09
N GLU F 131 -54.33 16.00 1.12
CA GLU F 131 -54.07 14.61 1.37
C GLU F 131 -53.05 14.08 0.40
N GLU F 132 -52.24 13.14 0.85
CA GLU F 132 -51.25 12.57 -0.02
C GLU F 132 -51.84 11.50 -0.94
N MET F 133 -51.72 11.67 -2.24
CA MET F 133 -52.24 10.69 -3.16
C MET F 133 -51.28 9.52 -3.31
N GLY F 134 -50.12 9.58 -2.67
CA GLY F 134 -49.21 8.44 -2.64
C GLY F 134 -48.28 8.32 -3.83
N ASN F 135 -48.32 9.23 -4.78
CA ASN F 135 -47.41 9.20 -5.89
C ASN F 135 -46.66 10.52 -5.92
N GLY F 136 -46.44 11.14 -4.75
CA GLY F 136 -45.84 12.46 -4.72
C GLY F 136 -46.80 13.61 -5.03
N CYS F 137 -48.10 13.40 -5.21
CA CYS F 137 -49.01 14.50 -5.44
C CYS F 137 -49.94 14.70 -4.25
N PHE F 138 -50.15 15.91 -3.82
CA PHE F 138 -51.13 16.18 -2.80
C PHE F 138 -52.40 16.62 -3.49
N LYS F 139 -53.51 16.18 -2.95
CA LYS F 139 -54.82 16.62 -3.34
C LYS F 139 -55.15 17.74 -2.36
N ILE F 140 -55.16 19.01 -2.79
CA ILE F 140 -55.45 20.14 -1.91
C ILE F 140 -56.97 20.27 -1.85
N TYR F 141 -57.61 20.21 -0.68
CA TYR F 141 -59.05 20.24 -0.57
C TYR F 141 -59.69 21.62 -0.38
N HIS F 142 -59.24 22.61 -1.09
CA HIS F 142 -59.84 23.92 -1.00
C HIS F 142 -59.52 24.63 -2.31
N LYS F 143 -60.20 25.72 -2.68
CA LYS F 143 -59.94 26.40 -3.92
C LYS F 143 -58.57 27.05 -3.85
N CYS F 144 -57.64 26.67 -4.71
CA CYS F 144 -56.32 27.21 -4.64
C CYS F 144 -55.91 27.76 -6.00
N ASP F 145 -55.95 29.09 -6.14
CA ASP F 145 -55.60 29.76 -7.39
C ASP F 145 -54.09 29.84 -7.50
N ASN F 146 -53.59 30.51 -8.53
CA ASN F 146 -52.18 30.51 -8.76
C ASN F 146 -51.38 31.22 -7.67
N ALA F 147 -51.98 32.19 -6.96
CA ALA F 147 -51.26 32.86 -5.89
C ALA F 147 -51.16 31.91 -4.72
N CYS F 148 -52.22 31.15 -4.50
CA CYS F 148 -52.21 30.13 -3.48
C CYS F 148 -51.10 29.14 -3.80
N ILE F 149 -51.05 28.58 -5.01
CA ILE F 149 -49.98 27.69 -5.38
C ILE F 149 -48.62 28.37 -5.18
N GLU F 150 -48.45 29.64 -5.56
CA GLU F 150 -47.18 30.31 -5.38
C GLU F 150 -46.77 30.37 -3.92
N SER F 151 -47.71 30.61 -3.01
CA SER F 151 -47.35 30.67 -1.62
C SER F 151 -46.92 29.33 -1.07
N ILE F 152 -47.46 28.20 -1.58
CA ILE F 152 -47.02 26.89 -1.12
C ILE F 152 -45.58 26.69 -1.55
N ARG F 153 -45.28 27.04 -2.79
CA ARG F 153 -43.93 26.90 -3.31
C ARG F 153 -42.97 27.82 -2.62
N ASN F 154 -43.28 29.13 -2.45
CA ASN F 154 -42.34 30.01 -1.76
C ASN F 154 -42.43 29.92 -0.26
N GLY F 155 -43.22 28.99 0.25
CA GLY F 155 -43.20 28.63 1.65
C GLY F 155 -43.91 29.59 2.58
N THR F 156 -44.83 30.38 2.08
CA THR F 156 -45.51 31.28 2.95
C THR F 156 -46.97 30.89 3.13
N TYR F 157 -47.40 29.71 2.66
CA TYR F 157 -48.81 29.31 2.71
C TYR F 157 -49.37 29.28 4.12
N ASP F 158 -50.50 29.96 4.37
CA ASP F 158 -51.09 29.91 5.72
C ASP F 158 -52.26 28.98 5.73
N HIS F 159 -52.08 27.82 6.34
CA HIS F 159 -53.11 26.81 6.31
C HIS F 159 -54.39 27.27 6.97
N ASP F 160 -54.30 28.11 8.00
CA ASP F 160 -55.47 28.51 8.76
C ASP F 160 -56.47 29.20 7.88
N VAL F 161 -55.96 30.05 6.96
CA VAL F 161 -56.80 30.77 6.00
C VAL F 161 -57.75 29.83 5.30
N TYR F 162 -57.34 28.59 5.02
CA TYR F 162 -58.22 27.68 4.27
C TYR F 162 -58.73 26.50 5.07
N ARG F 163 -58.35 26.32 6.33
CA ARG F 163 -58.66 25.13 7.05
C ARG F 163 -60.14 24.76 7.12
N ASP F 164 -61.10 25.65 7.39
CA ASP F 164 -62.51 25.24 7.50
C ASP F 164 -63.04 24.83 6.15
N GLU F 165 -62.60 25.54 5.09
CA GLU F 165 -62.99 25.20 3.73
C GLU F 165 -62.51 23.79 3.45
N ALA F 166 -61.22 23.56 3.68
CA ALA F 166 -60.59 22.28 3.48
C ALA F 166 -61.22 21.19 4.28
N LEU F 167 -61.36 21.30 5.59
CA LEU F 167 -61.90 20.24 6.43
C LEU F 167 -63.33 19.88 6.07
N ASN F 168 -64.13 20.86 5.70
CA ASN F 168 -65.48 20.57 5.25
C ASN F 168 -65.51 19.69 4.01
N ASN F 169 -64.74 20.12 3.01
CA ASN F 169 -64.56 19.43 1.75
C ASN F 169 -64.00 18.02 1.97
N ARG F 170 -63.04 17.92 2.85
CA ARG F 170 -62.26 16.71 3.01
C ARG F 170 -62.96 15.66 3.79
N PHE F 171 -63.63 16.04 4.86
CA PHE F 171 -64.29 15.04 5.67
C PHE F 171 -65.76 15.03 5.38
N GLN F 172 -66.49 16.00 5.96
CA GLN F 172 -67.96 16.04 5.96
C GLN F 172 -68.64 15.23 4.87
N ILE F 173 -68.54 15.65 3.60
CA ILE F 173 -69.14 14.96 2.44
C ILE F 173 -70.43 14.18 2.70
N LYS F 174 -70.38 12.93 3.21
CA LYS F 174 -71.61 12.18 3.44
C LYS F 174 -71.35 10.92 4.28
N GLY F 175 -70.24 10.90 5.01
CA GLY F 175 -69.90 9.76 5.82
C GLY F 175 -68.84 10.19 6.81
C1 NAG G . 40.59 -12.91 -29.53
C2 NAG G . 41.42 -12.13 -30.52
C3 NAG G . 40.60 -11.00 -31.12
C4 NAG G . 39.32 -11.56 -31.70
C5 NAG G . 38.57 -12.40 -30.69
C6 NAG G . 37.37 -13.07 -31.29
C7 NAG G . 43.77 -12.12 -29.77
C8 NAG G . 44.87 -11.32 -29.11
N2 NAG G . 42.59 -11.52 -29.90
O3 NAG G . 41.36 -10.33 -32.11
O4 NAG G . 38.45 -10.51 -32.11
O5 NAG G . 39.42 -13.41 -30.16
O6 NAG G . 37.84 -14.02 -32.24
O7 NAG G . 43.94 -13.28 -30.15
H1 NAG G . 40.23 -12.29 -28.69
H2 NAG G . 41.73 -12.80 -31.34
H3 NAG G . 40.33 -10.29 -30.33
H4 NAG G . 39.59 -12.20 -32.56
H5 NAG G . 38.22 -11.74 -29.86
H61 NAG G . 36.68 -12.35 -31.74
H62 NAG G . 36.85 -13.56 -30.46
H81 NAG G . 44.53 -10.33 -28.81
H82 NAG G . 45.72 -11.22 -29.81
H83 NAG G . 45.22 -11.84 -28.22
HN2 NAG G . 42.52 -10.58 -29.63
HO3 NAG G . 40.80 -9.61 -32.43
HO6 NAG G . 38.61 -14.44 -31.84
C1 NAG G . 38.39 -10.16 -33.49
C2 NAG G . 37.29 -9.16 -33.70
C3 NAG G . 37.26 -8.70 -35.14
C4 NAG G . 38.65 -8.21 -35.49
C5 NAG G . 39.70 -9.26 -35.27
C6 NAG G . 41.12 -8.78 -35.61
C7 NAG G . 35.43 -9.66 -32.21
C8 NAG G . 34.08 -10.35 -32.00
N2 NAG G . 36.01 -9.75 -33.40
O3 NAG G . 36.28 -7.72 -35.31
O4 NAG G . 38.78 -7.83 -36.84
O5 NAG G . 39.65 -9.63 -33.91
O6 NAG G . 41.37 -7.56 -34.96
O7 NAG G . 35.93 -9.01 -31.31
H1 NAG G . 38.18 -11.10 -34.03
H2 NAG G . 37.50 -8.28 -33.06
H3 NAG G . 37.03 -9.55 -35.81
H4 NAG G . 38.88 -7.35 -34.84
H5 NAG G . 39.49 -10.16 -35.88
H61 NAG G . 41.23 -8.66 -36.70
H62 NAG G . 41.86 -9.54 -35.29
H81 NAG G . 34.21 -11.44 -32.03
H82 NAG G . 33.37 -10.04 -32.77
H83 NAG G . 33.68 -10.09 -31.01
HN2 NAG G . 35.52 -10.18 -34.13
HO3 NAG G . 36.35 -7.38 -36.21
HO6 NAG G . 41.78 -7.75 -34.11
C1 BMA G . 38.65 -6.51 -37.21
C2 BMA G . 39.30 -6.49 -38.57
C3 BMA G . 39.22 -5.07 -39.06
C4 BMA G . 37.77 -4.65 -39.19
C5 BMA G . 36.97 -4.94 -37.88
C6 BMA G . 35.48 -4.96 -38.19
O2 BMA G . 38.61 -7.39 -39.42
O3 BMA G . 39.83 -4.95 -40.33
O4 BMA G . 37.78 -3.25 -39.44
O5 BMA G . 37.27 -6.24 -37.35
O6 BMA G . 35.24 -6.00 -39.12
H1 BMA G . 39.19 -5.86 -36.52
H2 BMA G . 40.37 -6.77 -38.48
H3 BMA G . 39.74 -4.40 -38.35
H4 BMA G . 37.32 -5.17 -40.05
H5 BMA G . 37.19 -4.18 -37.15
H61 BMA G . 35.17 -3.98 -38.61
H62 BMA G . 34.91 -5.13 -37.27
HO2 BMA G . 37.74 -7.52 -39.02
HO3 BMA G . 39.60 -5.77 -40.80
HO4 BMA G . 38.44 -3.13 -40.15
HO6 BMA G . 34.52 -5.75 -39.71
C1 NAG H . 43.23 -27.92 5.71
C2 NAG H . 43.64 -29.30 5.18
C3 NAG H . 42.42 -30.16 4.94
C4 NAG H . 41.60 -30.21 6.21
C5 NAG H . 41.27 -28.82 6.73
C6 NAG H . 40.56 -28.86 8.06
C7 NAG H . 45.67 -29.07 3.81
C8 NAG H . 46.24 -29.03 2.41
N2 NAG H . 44.35 -29.24 3.92
O3 NAG H . 42.81 -31.44 4.52
O4 NAG H . 40.35 -30.86 5.96
O5 NAG H . 42.47 -28.07 6.91
O6 NAG H . 41.43 -29.39 9.02
O7 NAG H . 46.39 -28.92 4.81
H1 NAG H . 42.56 -27.39 5.03
H2 NAG H . 44.27 -29.80 5.95
H3 NAG H . 41.80 -29.70 4.15
H4 NAG H . 42.18 -30.74 6.99
H5 NAG H . 40.62 -28.31 6.00
H61 NAG H . 39.62 -29.43 7.99
H62 NAG H . 40.31 -27.81 8.28
H81 NAG H . 45.45 -29.07 1.64
H82 NAG H . 46.92 -29.89 2.25
H83 NAG H . 46.83 -28.11 2.26
HN2 NAG H . 43.82 -29.35 3.11
HO3 NAG H . 42.00 -31.92 4.39
HO6 NAG H . 41.81 -28.68 9.55
C1 NAG H . 40.22 -32.21 6.36
C2 NAG H . 38.78 -32.65 6.16
C3 NAG H . 38.60 -34.12 6.47
C4 NAG H . 39.60 -34.89 5.64
C5 NAG H . 41.01 -34.43 5.89
C6 NAG H . 42.04 -35.20 5.05
C7 NAG H . 37.28 -30.78 6.68
C8 NAG H . 36.41 -30.05 7.70
N2 NAG H . 37.91 -31.89 7.05
O3 NAG H . 37.28 -34.49 6.21
O4 NAG H . 39.59 -36.27 5.91
O5 NAG H . 41.08 -33.04 5.57
O6 NAG H . 41.67 -35.17 3.70
O7 NAG H . 37.37 -30.35 5.54
H1 NAG H . 40.50 -32.26 7.42
H2 NAG H . 38.52 -32.47 5.10
H3 NAG H . 38.83 -34.30 7.54
H4 NAG H . 39.38 -34.72 4.58
H5 NAG H . 41.29 -34.55 6.95
H61 NAG H . 42.13 -36.24 5.40
H62 NAG H . 43.05 -34.74 5.18
H81 NAG H . 36.97 -29.24 8.16
H82 NAG H . 36.08 -30.74 8.50
H83 NAG H . 35.52 -29.63 7.21
HN2 NAG H . 37.74 -32.25 7.95
HO3 NAG H . 37.15 -35.41 6.48
HO6 NAG H . 41.92 -34.31 3.33
C1 BMA H . 38.69 -37.16 5.25
C2 BMA H . 39.23 -38.52 5.58
C3 BMA H . 38.35 -39.59 4.93
C4 BMA H . 36.92 -39.47 5.40
C5 BMA H . 36.40 -38.03 5.31
C6 BMA H . 35.12 -37.92 6.17
O2 BMA H . 39.21 -38.64 7.00
O3 BMA H . 38.83 -40.89 5.26
O4 BMA H . 36.13 -40.29 4.58
O5 BMA H . 37.38 -37.09 5.83
O6 BMA H . 35.44 -38.04 7.54
H1 BMA H . 38.71 -36.94 4.18
H2 BMA H . 40.26 -38.59 5.19
H3 BMA H . 38.39 -39.45 3.83
H4 BMA H . 36.87 -39.82 6.44
H5 BMA H . 36.17 -37.79 4.27
H61 BMA H . 34.41 -38.72 5.88
H62 BMA H . 34.62 -36.97 5.98
HO2 BMA H . 39.21 -37.74 7.33
HO3 BMA H . 39.16 -40.83 6.16
HO4 BMA H . 36.58 -41.14 4.57
HO6 BMA H . 36.30 -37.64 7.69
C1 NAG I . 51.02 9.53 0.21
C2 NAG I . 52.05 9.59 1.32
C3 NAG I . 51.39 9.98 2.63
C4 NAG I . 50.63 11.26 2.43
C5 NAG I . 49.67 11.16 1.28
C6 NAG I . 48.99 12.47 0.98
C7 NAG I . 53.81 7.93 0.88
C8 NAG I . 54.36 6.56 1.26
N2 NAG I . 52.72 8.32 1.53
O3 NAG I . 52.36 10.12 3.64
O4 NAG I . 49.85 11.55 3.60
O5 NAG I . 50.35 10.77 0.09
O6 NAG I . 49.96 13.39 0.54
O7 NAG I . 54.32 8.62 0.02
H1 NAG I . 50.24 8.77 0.41
H2 NAG I . 52.80 10.37 1.07
H3 NAG I . 50.68 9.19 2.92
H4 NAG I . 51.35 12.07 2.24
H5 NAG I . 48.88 10.41 1.51
H61 NAG I . 48.45 12.86 1.87
H62 NAG I . 48.26 12.26 0.20
H81 NAG I . 53.64 5.99 1.87
H82 NAG I . 55.30 6.67 1.81
H83 NAG I . 54.56 5.98 0.34
HN2 NAG I . 52.36 7.76 2.24
HO3 NAG I . 51.89 10.36 4.44
HO6 NAG I . 50.63 12.89 0.04
C1 NAG I . 50.34 12.51 4.52
C2 NAG I . 49.28 12.77 5.56
C3 NAG I . 49.81 13.72 6.62
C4 NAG I . 51.09 13.13 7.17
C5 NAG I . 52.11 12.90 6.08
C6 NAG I . 53.41 12.31 6.61
C7 NAG I . 47.06 12.69 4.53
C8 NAG I . 45.91 13.44 3.87
N2 NAG I . 48.13 13.39 4.94
O3 NAG I . 48.83 13.90 7.63
O4 NAG I . 51.70 13.96 8.13
O5 NAG I . 51.53 12.02 5.14
O6 NAG I . 53.12 11.17 7.38
O7 NAG I . 47.00 11.48 4.70
H1 NAG I . 50.58 13.43 3.93
H2 NAG I . 49.03 11.81 6.04
H3 NAG I . 50.04 14.69 6.16
H4 NAG I . 50.88 12.13 7.58
H5 NAG I . 52.35 13.84 5.56
H61 NAG I . 53.95 13.05 7.22
H62 NAG I . 54.07 12.06 5.77
H81 NAG I . 46.09 13.49 2.79
H82 NAG I . 45.82 14.46 4.27
H83 NAG I . 44.98 12.89 4.04
HN2 NAG I . 48.11 14.36 4.85
HO3 NAG I . 49.17 14.58 8.22
HO6 NAG I . 53.26 10.39 6.82
C1 BMA I . 51.10 13.90 9.43
C2 BMA I . 52.26 13.79 10.39
C3 BMA I . 51.72 13.83 11.79
C4 BMA I . 50.84 15.10 11.98
C5 BMA I . 49.70 15.13 10.97
C6 BMA I . 48.83 16.38 11.14
O2 BMA I . 53.16 14.86 10.17
O3 BMA I . 52.82 13.86 12.67
O4 BMA I . 50.30 15.07 13.27
O5 BMA I . 50.29 15.09 9.64
O6 BMA I . 47.71 16.30 10.28
H1 BMA I . 50.45 13.01 9.53
H2 BMA I . 52.77 12.83 10.20
H3 BMA I . 51.11 12.94 12.00
H4 BMA I . 51.47 15.99 11.86
H5 BMA I . 49.06 14.25 11.10
H61 BMA I . 49.41 17.29 10.93
H62 BMA I . 48.48 16.45 12.18
HO2 BMA I . 53.06 15.10 9.25
HO3 BMA I . 53.53 14.32 12.19
HO4 BMA I . 51.03 14.82 13.86
HO6 BMA I . 47.98 15.87 9.46
C1 NAG J . -26.67 -16.70 3.03
C2 NAG J . -27.70 -17.54 2.34
C3 NAG J . -27.04 -18.39 1.29
C4 NAG J . -26.30 -17.50 0.31
C5 NAG J . -25.31 -16.57 1.06
C6 NAG J . -24.78 -15.51 0.09
C7 NAG J . -29.72 -18.61 3.25
C8 NAG J . -30.29 -19.58 4.26
N2 NAG J . -28.39 -18.43 3.28
O3 NAG J . -28.01 -19.15 0.60
O4 NAG J . -25.61 -18.37 -0.58
O5 NAG J . -25.99 -15.88 2.10
O6 NAG J . -25.85 -14.62 -0.25
O7 NAG J . -30.45 -17.98 2.48
H1 NAG J . -25.89 -17.31 3.55
H2 NAG J . -28.40 -16.85 1.84
H3 NAG J . -26.31 -19.08 1.77
H4 NAG J . -27.02 -16.90 -0.27
H5 NAG J . -24.46 -17.16 1.47
H61 NAG J . -24.39 -16.00 -0.82
H62 NAG J . -23.95 -14.95 0.54
H81 NAG J . -30.59 -19.04 5.17
H82 NAG J . -29.54 -20.35 4.54
H83 NAG J . -31.16 -20.08 3.85
HN2 NAG J . -27.86 -18.86 3.99
HO3 NAG J . -28.88 -18.75 0.69
HO4 NAG J . -26.26 -19.04 -0.84
HO6 NAG J . -26.44 -14.55 0.51
C1 NAG K . 17.29 -30.02 -26.72
C2 NAG K . 17.85 -31.27 -27.35
C3 NAG K . 18.75 -30.85 -28.50
C4 NAG K . 17.93 -30.09 -29.55
C5 NAG K . 17.36 -28.84 -28.87
C6 NAG K . 16.48 -27.95 -29.81
C7 NAG K . 17.96 -32.99 -25.63
C8 NAG K . 18.75 -33.83 -24.64
N2 NAG K . 18.59 -32.13 -26.43
O3 NAG K . 19.38 -31.98 -29.09
O4 NAG K . 18.72 -29.78 -30.69
O5 NAG K . 16.58 -29.27 -27.72
O6 NAG K . 15.48 -28.66 -30.53
O7 NAG K . 16.74 -33.08 -25.67
H1 NAG K . 18.07 -29.34 -26.30
H2 NAG K . 17.02 -31.85 -27.79
H3 NAG K . 19.55 -30.18 -28.12
H4 NAG K . 17.08 -30.71 -29.87
H5 NAG K . 18.18 -28.22 -28.47
H61 NAG K . 17.14 -27.43 -30.52
H62 NAG K . 16.00 -27.16 -29.19
H81 NAG K . 19.56 -33.25 -24.20
H82 NAG K . 19.17 -34.71 -25.15
H83 NAG K . 18.09 -34.19 -23.84
HN2 NAG K . 19.55 -32.20 -26.58
HO3 NAG K . 19.58 -31.70 -30.00
HO4 NAG K . 18.10 -29.47 -31.36
HO6 NAG K . 14.63 -28.57 -30.07
C1 NAG L . 0.19 -23.13 5.29
C2 NAG L . -0.46 -23.29 6.67
C3 NAG L . 0.27 -22.40 7.65
C4 NAG L . 1.77 -22.81 7.73
C5 NAG L . 2.33 -22.55 6.30
C6 NAG L . 3.81 -22.89 6.09
C7 NAG L . -2.82 -23.72 6.16
C8 NAG L . -4.26 -23.22 6.16
N2 NAG L . -1.87 -22.92 6.65
O3 NAG L . -0.32 -22.45 8.94
O4 NAG L . 2.39 -22.06 8.77
O5 NAG L . 1.58 -23.34 5.36
O6 NAG L . 3.89 -24.25 5.65
O7 NAG L . -2.56 -24.84 5.71
H1 NAG L . 0.02 -22.12 4.87
H2 NAG L . -0.35 -24.34 7.01
H3 NAG L . 0.21 -21.35 7.29
H4 NAG L . 1.87 -23.88 7.95
H5 NAG L . 2.22 -21.47 6.06
H61 NAG L . 4.37 -22.77 7.03
H62 NAG L . 4.28 -22.23 5.35
H81 NAG L . -4.31 -22.18 5.81
H82 NAG L . -4.67 -23.25 7.18
H83 NAG L . -4.89 -23.85 5.52
HN2 NAG L . -2.12 -22.02 6.93
HO3 NAG L . -1.21 -22.08 8.90
HO4 NAG L . 1.79 -22.13 9.53
HO6 NAG L . 3.10 -24.45 5.12
C1 ANA M . 38.47 -36.40 -8.53
C2 ANA M . 39.96 -36.46 -8.85
C3 ANA M . 40.23 -37.29 -10.11
C4 ANA M . 39.73 -36.58 -11.35
C5 ANA M . 40.42 -35.22 -11.46
C6 ANA M . 40.10 -34.39 -10.22
C7 ANA M . 40.77 -33.02 -10.15
C8 ANA M . 40.43 -32.35 -8.80
C9 ANA M . 40.89 -30.90 -8.82
C10 ANA M . 40.62 -33.82 -13.43
C11 ANA M . 39.94 -33.17 -14.63
C12 ANA M . 40.50 -36.42 -6.49
CA4 ANA M . 39.16 -38.52 -12.73
CM4 ANA M . 39.88 -39.84 -12.68
N5 ANA M . 39.90 -34.59 -12.65
O1A ANA M . 37.82 -37.44 -8.42
O1B ANA M . 37.91 -35.32 -8.40
O2 ANA M . 40.62 -37.10 -7.76
O4 ANA M . 39.89 -37.30 -12.60
O6 ANA M . 40.51 -35.13 -9.06
O7 ANA M . 42.16 -33.16 -10.30
O8 ANA M . 39.05 -32.42 -8.55
O9 ANA M . 40.35 -30.17 -7.72
O10 ANA M . 41.80 -33.61 -13.16
OA4 ANA M . 37.94 -38.51 -12.78
H32 ANA M . 39.76 -38.28 -9.99
H31 ANA M . 41.32 -37.46 -10.20
H4 ANA M . 38.63 -36.40 -11.26
H5 ANA M . 41.51 -35.40 -11.52
H6 ANA M . 39.02 -34.20 -10.24
H7 ANA M . 40.40 -32.40 -10.98
H8 ANA M . 40.97 -32.86 -7.99
H92 ANA M . 40.59 -30.41 -9.76
H91 ANA M . 41.99 -30.85 -8.79
H111 ANA M . 38.86 -33.29 -14.60
H113 ANA M . 40.33 -33.60 -15.57
H112 ANA M . 40.18 -32.10 -14.63
HN5 ANA M . 38.96 -34.75 -12.86
HO7 ANA M . 42.35 -33.38 -11.23
HO8 ANA M . 38.84 -33.32 -8.26
HO9 ANA M . 41.03 -29.52 -7.48
C1 NAG N . -55.77 -8.16 -5.86
C2 NAG N . -55.83 -8.74 -7.26
C3 NAG N . -57.25 -8.71 -7.76
C4 NAG N . -58.12 -9.58 -6.85
C5 NAG N . -58.04 -8.98 -5.40
C6 NAG N . -58.74 -9.85 -4.35
C7 NAG N . -53.81 -8.42 -8.54
C8 NAG N . -53.01 -7.57 -9.51
N2 NAG N . -55.00 -7.99 -8.18
O3 NAG N . -57.35 -9.14 -9.10
O4 NAG N . -59.44 -9.58 -7.39
O5 NAG N . -56.66 -8.89 -5.00
O6 NAG N . -58.11 -11.12 -4.35
O7 NAG N . -53.36 -9.47 -8.05
H1 NAG N . -56.10 -7.11 -5.82
H2 NAG N . -55.54 -9.80 -7.20
H3 NAG N . -57.63 -7.67 -7.71
H4 NAG N . -57.73 -10.62 -6.85
H5 NAG N . -58.47 -7.96 -5.38
H61 NAG N . -59.81 -9.94 -4.60
H62 NAG N . -58.65 -9.37 -3.36
H81 NAG N . -52.53 -6.74 -8.98
H82 NAG N . -53.65 -7.18 -10.30
H83 NAG N . -52.22 -8.18 -9.98
HN2 NAG N . -55.38 -7.20 -8.62
HO3 NAG N . -58.29 -9.30 -9.25
HO4 NAG N . -59.88 -10.38 -7.10
HO6 NAG N . -57.15 -10.97 -4.24
C1 NAG O . -15.84 14.53 23.21
C2 NAG O . -16.32 14.44 24.64
C3 NAG O . -15.30 13.76 25.48
C4 NAG O . -15.02 12.37 24.91
C5 NAG O . -14.61 12.47 23.41
C6 NAG O . -14.61 11.06 22.80
C7 NAG O . -17.64 16.06 25.91
C8 NAG O . -17.75 17.48 26.44
N2 NAG O . -16.55 15.77 25.18
O3 NAG O . -15.76 13.63 26.81
O4 NAG O . -13.97 11.84 25.68
O5 NAG O . -15.59 13.22 22.69
O6 NAG O . -15.94 10.56 22.73
O7 NAG O . -18.55 15.24 26.10
H1 NAG O . -14.89 15.09 23.10
H2 NAG O . -17.24 13.82 24.62
H3 NAG O . -14.36 14.34 25.47
H4 NAG O . -15.91 11.73 25.03
H5 NAG O . -13.62 12.93 23.31
H61 NAG O . -13.99 10.39 23.41
H62 NAG O . -14.16 11.08 21.79
H81 NAG O . -17.13 18.17 25.85
H82 NAG O . -17.43 17.51 27.50
H83 NAG O . -18.79 17.82 26.39
HN2 NAG O . -15.91 16.47 24.97
HO3 NAG O . -16.72 13.73 26.84
HO4 NAG O . -14.21 12.00 26.61
HO6 NAG O . -16.53 11.31 22.56
C1 NAG P . 30.60 -14.04 27.86
C2 NAG P . 31.72 -14.18 28.88
C3 NAG P . 32.38 -15.53 28.67
C4 NAG P . 31.34 -16.64 28.94
C5 NAG P . 30.22 -16.47 27.90
C6 NAG P . 29.06 -17.53 28.04
C7 NAG P . 32.53 -11.93 29.36
C8 NAG P . 33.58 -10.83 29.22
N2 NAG P . 32.73 -13.13 28.79
O3 NAG P . 33.49 -15.70 29.55
O4 NAG P . 31.95 -17.93 28.87
O5 NAG P . 29.68 -15.12 28.06
O6 NAG P . 28.57 -17.69 29.39
O7 NAG P . 31.49 -11.70 29.98
H1 NAG P . 30.94 -14.10 26.81
H2 NAG P . 31.28 -14.18 29.89
H3 NAG P . 32.74 -15.60 27.63
H4 NAG P . 30.89 -16.51 29.94
H5 NAG P . 30.62 -16.52 26.88
H61 NAG P . 29.44 -18.51 27.70
H62 NAG P . 28.23 -17.25 27.38
H81 NAG P . 33.45 -10.33 28.26
H82 NAG P . 34.59 -11.26 29.29
H83 NAG P . 33.47 -10.10 30.03
HN2 NAG P . 33.62 -13.39 28.49
HO3 NAG P . 33.36 -16.53 30.02
HO4 NAG P . 32.62 -17.91 28.18
HO6 NAG P . 29.20 -18.21 29.90
C1 NAG Q . 10.75 14.51 15.40
C2 NAG Q . 10.19 15.91 15.17
C3 NAG Q . 10.36 16.26 13.71
C4 NAG Q . 11.86 16.23 13.34
C5 NAG Q . 12.30 14.77 13.55
C6 NAG Q . 13.77 14.45 13.26
C7 NAG Q . 8.31 16.07 16.77
C8 NAG Q . 6.80 16.13 17.01
N2 NAG Q . 8.78 16.01 15.51
O3 NAG Q . 9.80 17.53 13.43
O4 NAG Q . 11.99 16.71 11.99
O5 NAG Q . 12.07 14.43 14.91
O6 NAG Q . 14.49 14.61 14.48
O7 NAG Q . 9.10 16.07 17.72
H1 NAG Q . 10.14 13.74 14.89
H2 NAG Q . 10.76 16.63 15.79
H3 NAG Q . 9.81 15.51 13.10
H4 NAG Q . 12.44 16.88 14.00
H5 NAG Q . 11.70 14.11 12.90
H61 NAG Q . 14.17 15.13 12.49
H62 NAG Q . 13.90 13.43 12.88
H81 NAG Q . 6.51 15.38 17.76
H82 NAG Q . 6.24 15.94 16.08
H83 NAG Q . 6.52 17.12 17.39
HN2 NAG Q . 8.14 16.04 14.76
HO3 NAG Q . 10.24 18.19 13.96
HO4 NAG Q . 11.27 17.35 11.84
HO6 NAG Q . 13.94 14.30 15.20
C1 ANA R . 51.39 1.05 15.21
C2 ANA R . 52.75 0.53 14.74
C3 ANA R . 53.43 -0.27 15.85
C4 ANA R . 52.71 -1.60 16.08
C5 ANA R . 52.70 -2.37 14.78
C6 ANA R . 51.98 -1.58 13.72
C7 ANA R . 51.91 -2.22 12.34
C8 ANA R . 51.24 -1.25 11.34
C9 ANA R . 50.96 -1.98 10.02
C10 ANA R . 52.33 -4.78 14.51
C11 ANA R . 51.49 -6.00 14.86
C12 ANA R . 53.08 2.51 13.39
CA4 ANA R . 53.19 -1.91 18.48
CM4 ANA R . 54.46 -1.43 19.16
N5 ANA R . 52.00 -3.62 15.05
O1A ANA R . 51.31 1.69 16.27
O1B ANA R . 50.38 0.80 14.56
O2 ANA R . 53.56 1.66 14.44
O4 ANA R . 53.25 -2.44 17.15
O6 ANA R . 52.61 -0.31 13.57
O7 ANA R . 53.18 -2.57 11.89
O8 ANA R . 50.03 -0.74 11.89
O9 ANA R . 50.07 -1.22 9.21
O10 ANA R . 53.25 -4.82 13.70
OA4 ANA R . 52.10 -1.74 19.02
H32 ANA R . 53.47 0.33 16.76
H31 ANA R . 54.48 -0.47 15.56
H4 ANA R . 51.65 -1.41 16.38
H5 ANA R . 53.75 -2.55 14.46
H6 ANA R . 50.94 -1.48 14.05
H7 ANA R . 51.33 -3.15 12.40
H8 ANA R . 51.92 -0.40 11.13
H92 ANA R . 50.51 -2.96 10.21
H91 ANA R . 51.91 -2.16 9.48
H111 ANA R . 50.59 -5.71 15.42
H113 ANA R . 52.08 -6.70 15.48
H112 ANA R . 51.17 -6.52 13.95
HN5 ANA R . 51.29 -3.58 15.73
HO7 ANA R . 53.51 -3.31 12.43
HO8 ANA R . 50.28 -0.07 12.56
HO9 ANA R . 50.43 -1.27 8.31
C1 NAG S . -45.09 8.12 33.40
C2 NAG S . -44.81 7.15 34.51
C3 NAG S . -46.05 6.94 35.33
C4 NAG S . -46.45 8.27 35.97
C5 NAG S . -46.73 9.29 34.81
C6 NAG S . -46.98 10.71 35.32
C7 NAG S . -43.09 5.54 33.95
C8 NAG S . -42.74 4.17 33.39
N2 NAG S . -44.38 5.87 33.98
O3 NAG S . -45.86 5.95 36.32
O4 NAG S . -47.59 8.02 36.79
O5 NAG S . -45.57 9.36 33.95
O6 NAG S . -45.82 11.18 36.00
O7 NAG S . -42.24 6.33 34.35
H1 NAG S . -45.88 7.77 32.71
H2 NAG S . -44.05 7.60 35.18
H3 NAG S . -46.87 6.60 34.67
H4 NAG S . -45.63 8.65 36.59
H5 NAG S . -47.59 8.96 34.20
H61 NAG S . -47.85 10.72 35.99
H62 NAG S . -47.21 11.38 34.46
H81 NAG S . -43.44 3.85 32.62
H82 NAG S . -42.73 3.43 34.20
H83 NAG S . -41.74 4.19 32.95
HN2 NAG S . -45.07 5.21 33.75
HO3 NAG S . -46.59 6.06 36.93
HO4 NAG S . -47.66 8.74 37.41
HO6 NAG S . -45.07 11.12 35.37
C1 NAG T . -21.84 17.13 -14.99
C2 NAG T . -22.30 18.51 -15.38
C3 NAG T . -21.12 19.37 -15.68
C4 NAG T . -20.20 19.42 -14.48
C5 NAG T . -19.80 17.99 -14.03
C6 NAG T . -19.11 18.05 -12.66
C7 NAG T . -24.26 19.19 -16.65
C8 NAG T . -25.04 19.07 -17.95
N2 NAG T . -23.15 18.47 -16.56
O3 NAG T . -21.54 20.66 -16.02
O4 NAG T . -19.05 20.16 -14.86
O5 NAG T . -20.97 17.20 -13.86
O6 NAG T . -20.05 18.47 -11.67
O7 NAG T . -24.71 19.84 -15.69
H1 NAG T . -21.27 16.63 -15.79
H2 NAG T . -22.82 18.95 -14.50
H3 NAG T . -20.57 18.93 -16.53
H4 NAG T . -20.71 19.94 -13.65
H5 NAG T . -19.14 17.52 -14.77
H61 NAG T . -18.26 18.75 -12.71
H62 NAG T . -18.69 17.06 -12.42
H81 NAG T . -25.20 18.01 -18.21
H82 NAG T . -24.49 19.57 -18.76
H83 NAG T . -26.02 19.55 -17.86
HN2 NAG T . -22.90 17.87 -17.28
HO3 NAG T . -20.75 21.19 -16.09
HO4 NAG T . -19.03 20.97 -14.34
HO6 NAG T . -20.05 17.83 -10.95
C1 NAG U . 32.28 25.32 -15.34
C2 NAG U . 33.27 26.08 -16.20
C3 NAG U . 34.49 26.37 -15.33
C4 NAG U . 34.09 27.26 -14.15
C5 NAG U . 33.07 26.48 -13.31
C6 NAG U . 32.54 27.27 -12.06
C7 NAG U . 32.92 25.41 -18.50
C8 NAG U . 33.36 24.63 -19.73
N2 NAG U . 33.67 25.38 -17.41
O3 NAG U . 35.50 27.02 -16.09
O4 NAG U . 35.24 27.65 -13.41
O5 NAG U . 31.95 26.12 -14.17
O6 NAG U . 32.09 28.60 -12.36
O7 NAG U . 31.86 26.03 -18.50
H1 NAG U . 32.68 24.36 -14.96
H2 NAG U . 32.83 27.06 -16.47
H3 NAG U . 34.90 25.43 -14.94
H4 NAG U . 33.60 28.18 -14.53
H5 NAG U . 33.52 25.53 -12.96
H61 NAG U . 33.34 27.32 -11.30
H62 NAG U . 31.71 26.70 -11.60
H81 NAG U . 33.40 23.56 -19.50
H82 NAG U . 34.34 24.98 -20.06
H83 NAG U . 32.63 24.79 -20.55
HN2 NAG U . 34.60 25.06 -17.44
HO3 NAG U . 36.09 27.40 -15.42
HO4 NAG U . 34.96 28.36 -12.82
HO6 NAG U . 31.13 28.61 -12.40
C1 NAG V . 2.04 5.49 -22.87
C2 NAG V . 0.90 4.79 -23.62
C3 NAG V . 0.97 3.30 -23.27
C4 NAG V . 2.31 2.71 -23.74
C5 NAG V . 3.39 3.46 -22.90
C6 NAG V . 4.84 3.09 -23.18
C7 NAG V . -0.90 6.47 -23.67
C8 NAG V . -2.26 6.92 -23.16
N2 NAG V . -0.41 5.31 -23.23
O3 NAG V . -0.10 2.58 -23.86
O4 NAG V . 2.28 1.28 -23.57
O5 NAG V . 3.28 4.87 -23.17
O6 NAG V . 5.34 3.97 -24.19
O7 NAG V . -0.27 7.15 -24.47
H1 NAG V . 1.90 5.47 -21.78
H2 NAG V . 1.03 4.90 -24.70
H3 NAG V . 0.87 3.17 -22.18
H4 NAG V . 2.48 2.94 -24.81
H5 NAG V . 3.21 3.27 -21.83
H61 NAG V . 4.93 2.04 -23.49
H62 NAG V . 5.45 3.19 -22.26
H81 NAG V . -2.37 6.72 -22.08
H82 NAG V . -3.06 6.39 -23.69
H83 NAG V . -2.40 8.00 -23.33
HN2 NAG V . -0.96 4.74 -22.64
HO3 NAG V . 0.17 1.66 -23.83
HO4 NAG V . 2.92 0.90 -24.18
HO6 NAG V . 4.98 4.85 -24.04
C1 ANA W . 44.20 3.90 -30.10
C2 ANA W . 45.68 3.46 -30.06
C3 ANA W . 46.60 4.66 -30.26
C4 ANA W . 46.57 5.58 -29.03
C5 ANA W . 47.00 4.77 -27.83
C6 ANA W . 46.04 3.61 -27.63
C7 ANA W . 46.35 2.67 -26.47
C8 ANA W . 45.34 1.50 -26.45
C9 ANA W . 45.51 0.70 -25.16
C10 ANA W . 47.79 5.62 -25.68
C11 ANA W . 47.59 6.61 -24.54
C12 ANA W . 45.12 1.35 -31.10
CA4 ANA W . 47.01 7.72 -30.13
CM4 ANA W . 47.87 7.90 -31.37
N5 ANA W . 46.93 5.66 -26.69
O1A ANA W . 43.77 4.54 -31.04
O1B ANA W . 43.45 3.62 -29.17
O2 ANA W . 45.89 2.56 -31.14
O4 ANA W . 47.39 6.79 -29.14
O6 ANA W . 46.02 2.82 -28.83
O7 ANA W . 47.65 2.17 -26.57
O8 ANA W . 44.00 1.98 -26.56
O9 ANA W . 44.44 -0.19 -24.99
O10 ANA W . 48.67 4.76 -25.66
OA4 ANA W . 45.93 8.31 -30.06
H32 ANA W . 46.30 5.20 -31.18
H31 ANA W . 47.63 4.31 -30.41
H4 ANA W . 45.54 5.93 -28.88
H5 ANA W . 48.03 4.39 -27.99
H6 ANA W . 45.05 4.02 -27.40
H7 ANA W . 46.26 3.23 -25.54
H8 ANA W . 45.55 0.83 -27.30
H92 ANA W . 45.55 1.37 -24.30
H91 ANA W . 46.47 0.15 -25.19
H111 ANA W . 46.63 7.14 -24.63
H113 ANA W . 48.40 7.35 -24.55
H112 ANA W . 47.59 6.10 -23.56
HN5 ANA W . 46.25 6.38 -26.72
HO7 ANA W . 48.26 2.90 -26.38
HO8 ANA W . 43.87 2.25 -27.48
HO9 ANA W . 44.83 -1.01 -24.69
C1 NAG X . -45.20 34.12 -2.10
C2 NAG X . -44.53 35.47 -2.00
C3 NAG X . -45.57 36.51 -1.68
C4 NAG X . -46.57 36.57 -2.83
C5 NAG X . -47.24 35.15 -2.94
C6 NAG X . -48.16 35.03 -4.17
C7 NAG X . -42.24 35.39 -1.24
C8 NAG X . -41.26 35.41 -0.08
N2 NAG X . -43.54 35.49 -0.95
O3 NAG X . -45.00 37.78 -1.47
O4 NAG X . -47.50 37.62 -2.53
O5 NAG X . -46.23 34.15 -3.10
O6 NAG X . -47.41 35.23 -5.35
O7 NAG X . -41.87 35.25 -2.42
H1 NAG X . -45.67 33.80 -1.16
H2 NAG X . -44.11 35.73 -2.98
H3 NAG X . -46.10 36.23 -0.76
H4 NAG X . -46.06 36.81 -3.77
H5 NAG X . -47.82 34.92 -2.03
H61 NAG X . -48.98 35.77 -4.10
H62 NAG X . -48.62 34.04 -4.18
H81 NAG X . -41.73 35.78 0.84
H82 NAG X . -40.40 36.06 -0.32
H83 NAG X . -40.87 34.39 0.10
HN2 NAG X . -43.81 35.65 -0.03
HO3 NAG X . -45.73 38.40 -1.53
HO4 NAG X . -47.89 37.91 -3.35
HO6 NAG X . -46.70 34.55 -5.35
#